data_1PM6
#
_entry.id   1PM6
#
_cell.length_a   1.000
_cell.length_b   1.000
_cell.length_c   1.000
_cell.angle_alpha   90.00
_cell.angle_beta   90.00
_cell.angle_gamma   90.00
#
_symmetry.space_group_name_H-M   'P 1'
#
_entity_poly.entity_id   1
_entity_poly.type   'polypeptide(L)'
_entity_poly.pdbx_seq_one_letter_code
;MYLTLQEWNARQRRPRSLETVRRWVRESRIFPPPVKDGREYLFHESAVKVDLNRPVTGSLLKRIRNGKKAKS
;
_entity_poly.pdbx_strand_id   A
#
# COMPACT_ATOMS: atom_id res chain seq x y z
N MET A 1 2.03 -9.34 -21.11
CA MET A 1 1.03 -9.54 -20.03
C MET A 1 1.59 -9.31 -18.59
N TYR A 2 2.72 -9.96 -18.22
CA TYR A 2 3.32 -9.81 -16.88
C TYR A 2 4.49 -8.78 -16.88
N LEU A 3 4.45 -7.90 -15.87
CA LEU A 3 5.59 -7.05 -15.46
C LEU A 3 6.59 -7.84 -14.52
N THR A 4 7.90 -7.63 -14.69
CA THR A 4 8.94 -8.25 -13.81
C THR A 4 9.02 -7.55 -12.41
N LEU A 5 9.41 -8.28 -11.33
CA LEU A 5 9.68 -7.67 -9.98
C LEU A 5 10.57 -6.38 -9.96
N GLN A 6 11.69 -6.38 -10.71
CA GLN A 6 12.51 -5.16 -10.97
C GLN A 6 11.77 -3.97 -11.67
N GLU A 7 11.00 -4.24 -12.75
CA GLU A 7 10.11 -3.20 -13.36
C GLU A 7 8.87 -2.79 -12.49
N TRP A 8 8.29 -3.68 -11.66
CA TRP A 8 7.34 -3.31 -10.58
C TRP A 8 7.95 -2.33 -9.51
N ASN A 9 9.12 -2.64 -8.90
CA ASN A 9 9.89 -1.66 -8.07
C ASN A 9 10.20 -0.29 -8.76
N ALA A 10 10.74 -0.28 -10.00
CA ALA A 10 10.89 0.95 -10.82
C ALA A 10 9.60 1.80 -11.12
N ARG A 11 8.44 1.16 -11.37
CA ARG A 11 7.11 1.85 -11.42
C ARG A 11 6.48 2.29 -10.05
N GLN A 12 6.81 1.67 -8.90
CA GLN A 12 6.41 2.20 -7.57
C GLN A 12 7.12 3.55 -7.23
N ARG A 13 6.31 4.59 -6.96
CA ARG A 13 6.76 6.00 -6.74
C ARG A 13 7.99 6.20 -5.79
N ARG A 14 9.12 6.64 -6.37
CA ARG A 14 10.46 6.67 -5.71
C ARG A 14 11.02 5.22 -5.44
N PRO A 15 11.76 4.53 -6.37
CA PRO A 15 12.20 3.13 -6.16
C PRO A 15 13.28 2.95 -5.06
N ARG A 16 13.01 2.08 -4.07
CA ARG A 16 13.85 1.96 -2.85
C ARG A 16 14.88 0.80 -2.98
N SER A 17 14.47 -0.48 -2.87
CA SER A 17 15.37 -1.64 -3.15
C SER A 17 14.57 -2.91 -3.58
N LEU A 18 15.23 -3.81 -4.32
CA LEU A 18 14.69 -5.17 -4.64
C LEU A 18 14.48 -6.10 -3.39
N GLU A 19 15.37 -6.07 -2.38
CA GLU A 19 15.11 -6.66 -1.04
C GLU A 19 13.92 -6.03 -0.23
N THR A 20 13.68 -4.70 -0.31
CA THR A 20 12.44 -4.05 0.23
C THR A 20 11.11 -4.59 -0.40
N VAL A 21 10.99 -4.64 -1.74
CA VAL A 21 9.87 -5.33 -2.45
C VAL A 21 9.77 -6.87 -2.15
N ARG A 22 10.89 -7.63 -2.12
CA ARG A 22 10.89 -9.04 -1.64
C ARG A 22 10.45 -9.24 -0.14
N ARG A 23 10.84 -8.36 0.80
CA ARG A 23 10.21 -8.26 2.15
C ARG A 23 8.67 -7.95 2.14
N TRP A 24 8.17 -6.99 1.33
CA TRP A 24 6.71 -6.79 1.09
C TRP A 24 5.91 -8.03 0.56
N VAL A 25 6.50 -8.84 -0.36
CA VAL A 25 5.98 -10.19 -0.72
C VAL A 25 5.97 -11.20 0.49
N ARG A 26 7.07 -11.32 1.27
CA ARG A 26 7.08 -12.07 2.57
C ARG A 26 6.07 -11.60 3.68
N GLU A 27 5.80 -10.28 3.82
CA GLU A 27 4.62 -9.79 4.59
C GLU A 27 3.19 -10.12 4.02
N SER A 28 3.06 -10.46 2.72
CA SER A 28 1.74 -10.67 2.03
C SER A 28 0.78 -9.44 2.00
N ARG A 29 1.29 -8.26 1.61
CA ARG A 29 0.47 -7.03 1.38
C ARG A 29 0.44 -6.52 -0.10
N ILE A 30 0.51 -7.39 -1.12
CA ILE A 30 0.38 -7.00 -2.57
C ILE A 30 -0.67 -7.95 -3.23
N PHE A 31 -1.71 -7.39 -3.89
CA PHE A 31 -2.83 -8.19 -4.45
C PHE A 31 -3.28 -7.72 -5.89
N PRO A 32 -3.60 -8.61 -6.89
CA PRO A 32 -3.44 -10.09 -6.79
C PRO A 32 -1.97 -10.63 -6.70
N PRO A 33 -1.67 -11.81 -6.08
CA PRO A 33 -0.28 -12.25 -5.83
C PRO A 33 0.56 -12.63 -7.10
N PRO A 34 1.91 -12.35 -7.18
CA PRO A 34 2.71 -12.66 -8.39
C PRO A 34 2.98 -14.17 -8.67
N VAL A 35 3.12 -14.52 -9.95
CA VAL A 35 3.37 -15.92 -10.40
C VAL A 35 4.89 -16.24 -10.28
N LYS A 36 5.27 -17.27 -9.50
CA LYS A 36 6.67 -17.79 -9.51
C LYS A 36 6.94 -18.62 -10.81
N ASP A 37 7.70 -18.03 -11.75
CA ASP A 37 8.16 -18.76 -12.96
C ASP A 37 9.38 -19.74 -12.75
N GLY A 38 10.32 -19.41 -11.85
CA GLY A 38 11.57 -20.20 -11.66
C GLY A 38 12.78 -19.32 -11.28
N ARG A 39 13.16 -18.39 -12.18
CA ARG A 39 14.22 -17.39 -11.90
C ARG A 39 13.76 -16.19 -11.00
N GLU A 40 12.66 -15.50 -11.34
CA GLU A 40 12.09 -14.38 -10.52
C GLU A 40 10.51 -14.36 -10.61
N TYR A 41 9.88 -13.70 -9.63
CA TYR A 41 8.40 -13.51 -9.59
C TYR A 41 7.85 -12.52 -10.70
N LEU A 42 6.75 -12.95 -11.34
CA LEU A 42 6.07 -12.19 -12.41
C LEU A 42 4.77 -11.52 -11.85
N PHE A 43 4.77 -10.19 -11.74
CA PHE A 43 3.61 -9.38 -11.28
C PHE A 43 2.72 -9.03 -12.50
N HIS A 44 1.38 -9.10 -12.41
CA HIS A 44 0.51 -8.55 -13.49
C HIS A 44 0.48 -6.99 -13.45
N GLU A 45 0.37 -6.32 -14.62
CA GLU A 45 0.24 -4.84 -14.72
C GLU A 45 -1.13 -4.25 -14.18
N SER A 46 -1.27 -4.33 -12.86
CA SER A 46 -2.56 -4.19 -12.09
C SER A 46 -2.36 -4.52 -10.57
N ALA A 47 -1.51 -5.50 -10.19
CA ALA A 47 -1.18 -5.83 -8.79
C ALA A 47 -0.56 -4.65 -7.96
N VAL A 48 -1.21 -4.30 -6.85
CA VAL A 48 -0.85 -3.10 -6.03
C VAL A 48 -0.90 -3.45 -4.51
N LYS A 49 -0.33 -2.57 -3.66
CA LYS A 49 -0.33 -2.76 -2.19
C LYS A 49 -1.78 -2.77 -1.57
N VAL A 50 -2.14 -3.85 -0.85
CA VAL A 50 -3.50 -4.01 -0.24
C VAL A 50 -3.45 -3.67 1.29
N ASP A 51 -4.29 -2.71 1.74
CA ASP A 51 -4.37 -2.27 3.17
C ASP A 51 -3.01 -1.83 3.83
N LEU A 52 -2.35 -0.82 3.24
CA LEU A 52 -1.00 -0.34 3.66
C LEU A 52 -1.06 0.90 4.60
N ASN A 53 -0.07 1.02 5.52
CA ASN A 53 0.08 2.21 6.40
C ASN A 53 1.11 3.22 5.80
N ARG A 54 0.71 3.95 4.75
CA ARG A 54 1.54 5.01 4.12
C ARG A 54 0.62 6.00 3.29
N PRO A 55 -0.05 7.03 3.88
CA PRO A 55 -0.89 7.97 3.08
C PRO A 55 -0.06 9.02 2.27
N VAL A 56 0.56 10.02 2.93
CA VAL A 56 1.49 10.98 2.30
C VAL A 56 2.53 11.46 3.38
N THR A 57 3.79 11.69 2.99
CA THR A 57 4.84 12.26 3.91
C THR A 57 4.63 13.73 4.40
N GLY A 58 4.11 14.64 3.56
CA GLY A 58 3.79 16.03 3.98
C GLY A 58 4.86 17.07 3.57
N SER A 59 4.69 17.69 2.38
CA SER A 59 5.65 18.69 1.85
C SER A 59 4.94 20.03 1.50
N LEU A 60 5.07 21.05 2.37
CA LEU A 60 4.64 22.44 2.06
C LEU A 60 5.77 23.27 1.35
N LEU A 61 5.37 24.17 0.42
CA LEU A 61 6.31 25.14 -0.21
C LEU A 61 5.65 26.55 -0.30
N LYS A 62 6.31 27.60 0.21
CA LYS A 62 5.78 29.00 0.16
C LYS A 62 6.93 30.02 -0.13
N ARG A 63 6.64 31.02 -1.00
CA ARG A 63 7.57 32.15 -1.28
C ARG A 63 7.31 33.42 -0.39
N ILE A 64 8.31 34.31 -0.28
CA ILE A 64 8.10 35.69 0.24
C ILE A 64 8.58 36.71 -0.87
N ARG A 65 7.68 37.56 -1.41
CA ARG A 65 8.04 38.58 -2.45
C ARG A 65 7.93 40.03 -1.88
N ASN A 66 8.94 40.87 -2.19
CA ASN A 66 9.04 42.26 -1.68
C ASN A 66 8.25 43.31 -2.55
N GLY A 67 8.04 44.52 -2.00
CA GLY A 67 7.45 45.67 -2.74
C GLY A 67 8.40 46.88 -2.92
N LYS A 68 7.83 48.05 -3.28
CA LYS A 68 8.63 49.28 -3.57
C LYS A 68 7.77 50.56 -3.36
N LYS A 69 8.29 51.56 -2.61
CA LYS A 69 7.60 52.86 -2.38
C LYS A 69 8.21 54.00 -3.28
N ALA A 70 7.37 54.61 -4.13
CA ALA A 70 7.74 55.81 -4.93
C ALA A 70 7.08 57.13 -4.39
N LYS A 71 7.79 58.27 -4.54
CA LYS A 71 7.31 59.59 -4.03
C LYS A 71 7.43 60.67 -5.16
N SER A 72 6.29 61.25 -5.58
CA SER A 72 6.24 62.32 -6.64
C SER A 72 6.73 61.86 -8.04
N MET A 1 0.09 -9.98 -20.05
CA MET A 1 -0.08 -8.82 -19.13
C MET A 1 0.87 -8.78 -17.87
N TYR A 2 1.47 -9.89 -17.42
CA TYR A 2 2.28 -9.92 -16.16
C TYR A 2 3.66 -9.18 -16.31
N LEU A 3 3.95 -8.28 -15.34
CA LEU A 3 5.19 -7.47 -15.30
C LEU A 3 6.23 -8.03 -14.27
N THR A 4 7.51 -8.10 -14.65
CA THR A 4 8.63 -8.63 -13.81
C THR A 4 8.87 -7.86 -12.46
N LEU A 5 9.29 -8.55 -11.36
CA LEU A 5 9.56 -7.92 -10.02
C LEU A 5 10.45 -6.63 -10.01
N GLN A 6 11.60 -6.66 -10.69
CA GLN A 6 12.46 -5.45 -10.88
C GLN A 6 11.78 -4.28 -11.67
N GLU A 7 11.09 -4.59 -12.79
CA GLU A 7 10.23 -3.62 -13.52
C GLU A 7 8.97 -3.11 -12.74
N TRP A 8 8.30 -3.96 -11.94
CA TRP A 8 7.31 -3.53 -10.90
C TRP A 8 7.89 -2.49 -9.89
N ASN A 9 8.97 -2.80 -9.12
CA ASN A 9 9.68 -1.80 -8.27
C ASN A 9 10.09 -0.47 -9.00
N ALA A 10 10.69 -0.53 -10.21
CA ALA A 10 10.90 0.66 -11.07
C ALA A 10 9.66 1.55 -11.41
N ARG A 11 8.47 0.98 -11.69
CA ARG A 11 7.21 1.76 -11.82
C ARG A 11 6.35 1.98 -10.51
N GLN A 12 6.81 1.60 -9.31
CA GLN A 12 6.00 1.62 -8.07
C GLN A 12 6.30 2.87 -7.18
N ARG A 13 5.89 4.06 -7.66
CA ARG A 13 6.17 5.38 -7.00
C ARG A 13 7.67 5.83 -7.14
N ARG A 14 8.61 5.08 -6.54
CA ARG A 14 10.07 5.20 -6.82
C ARG A 14 10.76 3.79 -6.93
N PRO A 15 11.95 3.63 -7.61
CA PRO A 15 12.79 2.41 -7.46
C PRO A 15 13.44 2.28 -6.04
N ARG A 16 12.69 1.67 -5.11
CA ARG A 16 13.15 1.40 -3.73
C ARG A 16 14.16 0.20 -3.64
N SER A 17 14.65 -0.12 -2.43
CA SER A 17 15.49 -1.32 -2.20
C SER A 17 14.71 -2.65 -2.47
N LEU A 18 15.28 -3.54 -3.31
CA LEU A 18 14.68 -4.89 -3.58
C LEU A 18 14.51 -5.82 -2.33
N GLU A 19 15.35 -5.70 -1.29
CA GLU A 19 15.06 -6.22 0.09
C GLU A 19 13.75 -5.69 0.76
N THR A 20 13.39 -4.39 0.62
CA THR A 20 12.06 -3.85 1.06
C THR A 20 10.84 -4.44 0.29
N VAL A 21 10.87 -4.50 -1.07
CA VAL A 21 9.87 -5.28 -1.87
C VAL A 21 9.81 -6.80 -1.53
N ARG A 22 10.96 -7.50 -1.36
CA ARG A 22 11.01 -8.87 -0.77
C ARG A 22 10.37 -9.02 0.66
N ARG A 23 10.62 -8.08 1.60
CA ARG A 23 9.84 -7.98 2.87
C ARG A 23 8.29 -7.73 2.71
N TRP A 24 7.84 -6.85 1.80
CA TRP A 24 6.41 -6.75 1.40
C TRP A 24 5.76 -8.05 0.79
N VAL A 25 6.51 -8.82 -0.04
CA VAL A 25 6.09 -10.19 -0.51
C VAL A 25 6.11 -11.25 0.66
N ARG A 26 7.19 -11.36 1.46
CA ARG A 26 7.19 -12.14 2.75
C ARG A 26 6.02 -11.84 3.75
N GLU A 27 5.67 -10.55 3.97
CA GLU A 27 4.44 -10.16 4.72
C GLU A 27 3.05 -10.40 4.00
N SER A 28 3.02 -10.75 2.70
CA SER A 28 1.78 -11.01 1.91
C SER A 28 0.77 -9.81 1.83
N ARG A 29 1.25 -8.62 1.42
CA ARG A 29 0.39 -7.40 1.29
C ARG A 29 0.47 -6.74 -0.12
N ILE A 30 0.45 -7.52 -1.23
CA ILE A 30 0.45 -6.97 -2.64
C ILE A 30 -0.59 -7.81 -3.45
N PHE A 31 -1.54 -7.13 -4.13
CA PHE A 31 -2.65 -7.81 -4.88
C PHE A 31 -2.89 -7.22 -6.31
N PRO A 32 -3.21 -8.03 -7.37
CA PRO A 32 -3.26 -9.52 -7.31
C PRO A 32 -1.84 -10.22 -7.22
N PRO A 33 -1.67 -11.40 -6.55
CA PRO A 33 -0.34 -11.89 -6.10
C PRO A 33 0.63 -12.39 -7.24
N PRO A 34 1.99 -12.31 -7.09
CA PRO A 34 2.93 -12.66 -8.19
C PRO A 34 3.20 -14.18 -8.40
N VAL A 35 3.35 -14.58 -9.68
CA VAL A 35 3.62 -15.99 -10.07
C VAL A 35 5.16 -16.24 -10.22
N LYS A 36 5.70 -17.32 -9.62
CA LYS A 36 7.12 -17.71 -9.83
C LYS A 36 7.31 -18.40 -11.21
N ASP A 37 7.90 -17.69 -12.18
CA ASP A 37 8.29 -18.28 -13.50
C ASP A 37 9.53 -19.24 -13.47
N GLY A 38 10.55 -18.95 -12.65
CA GLY A 38 11.81 -19.74 -12.59
C GLY A 38 13.01 -18.87 -12.17
N ARG A 39 13.41 -17.94 -13.05
CA ARG A 39 14.45 -16.92 -12.73
C ARG A 39 13.99 -15.81 -11.72
N GLU A 40 12.83 -15.17 -11.94
CA GLU A 40 12.27 -14.11 -11.06
C GLU A 40 10.69 -14.13 -11.07
N TYR A 41 10.08 -13.54 -10.04
CA TYR A 41 8.59 -13.38 -9.93
C TYR A 41 7.96 -12.45 -11.02
N LEU A 42 6.77 -12.88 -11.51
CA LEU A 42 5.94 -12.10 -12.47
C LEU A 42 4.70 -11.53 -11.71
N PHE A 43 4.71 -10.21 -11.44
CA PHE A 43 3.56 -9.46 -10.85
C PHE A 43 2.47 -9.15 -11.93
N HIS A 44 1.29 -8.64 -11.54
CA HIS A 44 0.34 -8.05 -12.52
C HIS A 44 0.74 -6.58 -12.90
N GLU A 45 0.41 -6.16 -14.14
CA GLU A 45 0.54 -4.75 -14.61
C GLU A 45 -0.05 -3.65 -13.66
N SER A 46 -1.31 -3.85 -13.18
CA SER A 46 -1.87 -3.11 -12.02
C SER A 46 -1.89 -3.93 -10.69
N ALA A 47 -0.72 -4.43 -10.23
CA ALA A 47 -0.54 -4.89 -8.83
C ALA A 47 -0.16 -3.72 -7.88
N VAL A 48 -0.86 -3.61 -6.75
CA VAL A 48 -0.64 -2.54 -5.73
C VAL A 48 -0.65 -3.13 -4.28
N LYS A 49 -0.18 -2.35 -3.29
CA LYS A 49 -0.11 -2.81 -1.88
C LYS A 49 -1.52 -2.87 -1.19
N VAL A 50 -1.96 -4.06 -0.74
CA VAL A 50 -3.30 -4.25 -0.10
C VAL A 50 -3.16 -4.29 1.45
N ASP A 51 -3.64 -3.23 2.15
CA ASP A 51 -3.49 -3.05 3.62
C ASP A 51 -2.00 -2.88 4.09
N LEU A 52 -1.75 -2.04 5.10
CA LEU A 52 -0.38 -1.86 5.68
C LEU A 52 -0.47 -1.34 7.14
N ASN A 53 -0.94 -0.10 7.33
CA ASN A 53 -1.36 0.44 8.66
C ASN A 53 -2.78 1.09 8.53
N ARG A 54 -3.52 1.24 9.66
CA ARG A 54 -4.74 2.09 9.68
C ARG A 54 -4.44 3.64 9.51
N PRO A 55 -5.35 4.49 8.95
CA PRO A 55 -5.10 5.95 8.82
C PRO A 55 -5.22 6.75 10.17
N VAL A 56 -5.58 8.04 10.13
CA VAL A 56 -5.72 8.90 11.35
C VAL A 56 -6.90 8.38 12.25
N THR A 57 -6.58 7.97 13.48
CA THR A 57 -7.50 7.14 14.33
C THR A 57 -8.59 8.00 15.04
N GLY A 58 -9.79 8.07 14.44
CA GLY A 58 -10.96 8.75 15.04
C GLY A 58 -11.66 7.94 16.15
N SER A 59 -11.08 7.94 17.36
CA SER A 59 -11.67 7.26 18.56
C SER A 59 -11.43 8.12 19.83
N LEU A 60 -12.19 9.22 19.96
CA LEU A 60 -12.17 10.12 21.14
C LEU A 60 -13.47 9.96 21.99
N LEU A 61 -13.34 9.83 23.31
CA LEU A 61 -14.49 9.63 24.23
C LEU A 61 -14.21 10.31 25.61
N LYS A 62 -15.02 11.30 26.01
CA LYS A 62 -14.87 12.00 27.31
C LYS A 62 -16.28 12.31 27.92
N ARG A 63 -16.52 11.88 29.17
CA ARG A 63 -17.78 12.16 29.91
C ARG A 63 -17.57 13.23 31.04
N ILE A 64 -18.44 14.25 31.10
CA ILE A 64 -18.43 15.26 32.20
C ILE A 64 -19.54 14.98 33.27
N ARG A 65 -19.29 15.38 34.53
CA ARG A 65 -20.32 15.35 35.60
C ARG A 65 -20.91 16.78 35.89
N ASN A 66 -22.20 16.85 36.26
CA ASN A 66 -22.83 18.10 36.78
C ASN A 66 -23.13 17.99 38.31
N GLY A 67 -22.89 19.06 39.07
CA GLY A 67 -23.08 19.07 40.55
C GLY A 67 -24.54 19.25 41.03
N LYS A 68 -25.05 18.28 41.79
CA LYS A 68 -26.49 18.23 42.20
C LYS A 68 -26.70 18.87 43.61
N LYS A 69 -27.50 19.95 43.69
CA LYS A 69 -27.82 20.66 44.96
C LYS A 69 -29.06 20.06 45.73
N ALA A 70 -28.97 20.04 47.07
CA ALA A 70 -30.12 19.70 47.96
C ALA A 70 -30.72 20.97 48.67
N LYS A 71 -32.04 20.93 48.96
CA LYS A 71 -32.81 22.07 49.58
C LYS A 71 -33.02 23.27 48.60
N SER A 72 -34.18 23.32 47.92
CA SER A 72 -34.52 24.43 46.99
C SER A 72 -35.11 25.65 47.72
N MET A 1 -1.14 -7.48 -18.52
CA MET A 1 0.27 -7.83 -18.85
C MET A 1 1.10 -8.20 -17.60
N TYR A 2 2.00 -9.18 -17.76
CA TYR A 2 2.90 -9.67 -16.67
C TYR A 2 4.27 -8.90 -16.72
N LEU A 3 4.53 -8.10 -15.69
CA LEU A 3 5.74 -7.24 -15.57
C LEU A 3 6.78 -7.88 -14.59
N THR A 4 8.07 -7.88 -14.97
CA THR A 4 9.19 -8.41 -14.13
C THR A 4 9.35 -7.68 -12.74
N LEU A 5 9.76 -8.39 -11.67
CA LEU A 5 10.02 -7.80 -10.31
C LEU A 5 10.86 -6.48 -10.25
N GLN A 6 12.00 -6.43 -10.96
CA GLN A 6 12.78 -5.17 -11.14
C GLN A 6 12.01 -4.01 -11.88
N GLU A 7 11.35 -4.32 -13.02
CA GLU A 7 10.45 -3.37 -13.71
C GLU A 7 9.15 -2.97 -12.93
N TRP A 8 8.55 -3.85 -12.10
CA TRP A 8 7.54 -3.45 -11.07
C TRP A 8 8.09 -2.41 -10.03
N ASN A 9 9.23 -2.69 -9.34
CA ASN A 9 9.91 -1.69 -8.46
C ASN A 9 10.26 -0.33 -9.16
N ALA A 10 10.89 -0.33 -10.35
CA ALA A 10 11.04 0.89 -11.20
C ALA A 10 9.73 1.63 -11.68
N ARG A 11 8.64 0.90 -12.00
CA ARG A 11 7.29 1.52 -12.22
C ARG A 11 6.57 2.05 -10.95
N GLN A 12 6.73 1.46 -9.75
CA GLN A 12 6.18 2.03 -8.49
C GLN A 12 6.76 3.44 -8.14
N ARG A 13 5.87 4.32 -7.66
CA ARG A 13 6.10 5.79 -7.65
C ARG A 13 7.05 6.20 -6.48
N ARG A 14 8.31 6.55 -6.84
CA ARG A 14 9.45 6.77 -5.88
C ARG A 14 10.10 5.40 -5.44
N PRO A 15 11.01 4.74 -6.23
CA PRO A 15 11.50 3.37 -5.92
C PRO A 15 12.47 3.27 -4.69
N ARG A 16 12.33 2.18 -3.91
CA ARG A 16 13.18 1.93 -2.71
C ARG A 16 14.19 0.77 -2.99
N SER A 17 13.83 -0.50 -2.77
CA SER A 17 14.75 -1.65 -3.02
C SER A 17 13.99 -2.99 -3.30
N LEU A 18 14.64 -3.89 -4.04
CA LEU A 18 14.13 -5.28 -4.29
C LEU A 18 13.92 -6.17 -3.02
N GLU A 19 14.79 -6.06 -1.99
CA GLU A 19 14.52 -6.60 -0.62
C GLU A 19 13.25 -6.02 0.12
N THR A 20 12.93 -4.71 0.00
CA THR A 20 11.58 -4.18 0.41
C THR A 20 10.37 -4.85 -0.29
N VAL A 21 10.40 -4.97 -1.64
CA VAL A 21 9.44 -5.81 -2.43
C VAL A 21 9.37 -7.31 -1.96
N ARG A 22 10.50 -8.00 -1.75
CA ARG A 22 10.53 -9.39 -1.21
C ARG A 22 9.94 -9.56 0.24
N ARG A 23 10.24 -8.67 1.21
CA ARG A 23 9.47 -8.64 2.50
C ARG A 23 7.94 -8.30 2.38
N TRP A 24 7.52 -7.41 1.46
CA TRP A 24 6.09 -7.20 1.14
C TRP A 24 5.36 -8.42 0.49
N VAL A 25 6.02 -9.24 -0.36
CA VAL A 25 5.52 -10.59 -0.76
C VAL A 25 5.41 -11.58 0.45
N ARG A 26 6.52 -11.83 1.18
CA ARG A 26 6.51 -12.65 2.44
C ARG A 26 5.49 -12.23 3.56
N GLU A 27 5.32 -10.93 3.83
CA GLU A 27 4.30 -10.41 4.78
C GLU A 27 2.84 -10.23 4.21
N SER A 28 2.54 -10.66 2.97
CA SER A 28 1.20 -10.52 2.31
C SER A 28 0.66 -9.05 2.14
N ARG A 29 1.47 -8.19 1.49
CA ARG A 29 1.12 -6.78 1.18
C ARG A 29 0.82 -6.54 -0.33
N ILE A 30 1.62 -7.04 -1.30
CA ILE A 30 1.38 -6.78 -2.75
C ILE A 30 0.26 -7.73 -3.28
N PHE A 31 -0.93 -7.17 -3.56
CA PHE A 31 -2.13 -7.94 -3.93
C PHE A 31 -2.70 -7.49 -5.34
N PRO A 32 -3.03 -8.41 -6.32
CA PRO A 32 -2.84 -9.88 -6.19
C PRO A 32 -1.35 -10.38 -6.24
N PRO A 33 -0.97 -11.56 -5.64
CA PRO A 33 0.46 -11.99 -5.55
C PRO A 33 1.14 -12.43 -6.89
N PRO A 34 2.49 -12.34 -7.07
CA PRO A 34 3.15 -12.68 -8.36
C PRO A 34 3.33 -14.19 -8.69
N VAL A 35 3.41 -14.51 -9.99
CA VAL A 35 3.64 -15.92 -10.46
C VAL A 35 5.18 -16.16 -10.61
N LYS A 36 5.74 -17.04 -9.77
CA LYS A 36 7.21 -17.34 -9.76
C LYS A 36 7.60 -18.37 -10.88
N ASP A 37 8.31 -17.90 -11.92
CA ASP A 37 8.71 -18.76 -13.07
C ASP A 37 10.21 -19.16 -12.96
N GLY A 38 10.51 -20.25 -12.23
CA GLY A 38 11.92 -20.76 -12.07
C GLY A 38 12.83 -19.97 -11.09
N ARG A 39 13.07 -18.70 -11.44
CA ARG A 39 13.79 -17.72 -10.55
C ARG A 39 13.07 -16.32 -10.53
N GLU A 40 12.71 -15.73 -11.69
CA GLU A 40 12.05 -14.38 -11.74
C GLU A 40 10.51 -14.43 -11.45
N TYR A 41 10.00 -13.32 -10.90
CA TYR A 41 8.59 -13.19 -10.46
C TYR A 41 7.77 -12.31 -11.44
N LEU A 42 6.63 -12.83 -11.92
CA LEU A 42 5.72 -12.12 -12.84
C LEU A 42 4.62 -11.33 -12.04
N PHE A 43 4.79 -10.00 -11.94
CA PHE A 43 3.80 -9.10 -11.28
C PHE A 43 2.83 -8.55 -12.34
N HIS A 44 1.52 -8.81 -12.24
CA HIS A 44 0.52 -8.21 -13.17
C HIS A 44 0.44 -6.63 -13.04
N GLU A 45 0.26 -5.91 -14.16
CA GLU A 45 0.11 -4.41 -14.15
C GLU A 45 -1.24 -3.87 -13.52
N SER A 46 -1.33 -4.07 -12.20
CA SER A 46 -2.52 -3.90 -11.34
C SER A 46 -2.25 -4.36 -9.86
N ALA A 47 -1.31 -5.30 -9.59
CA ALA A 47 -0.84 -5.65 -8.23
C ALA A 47 -0.17 -4.45 -7.47
N VAL A 48 -0.76 -4.09 -6.32
CA VAL A 48 -0.32 -2.91 -5.51
C VAL A 48 -0.11 -3.33 -4.02
N LYS A 49 0.82 -2.66 -3.31
CA LYS A 49 0.97 -2.81 -1.84
C LYS A 49 -0.28 -2.25 -1.06
N VAL A 50 -1.12 -3.16 -0.52
CA VAL A 50 -2.40 -2.79 0.14
C VAL A 50 -2.13 -2.14 1.54
N ASP A 51 -2.21 -0.80 1.59
CA ASP A 51 -1.96 -0.04 2.84
C ASP A 51 -3.15 -0.19 3.82
N LEU A 52 -3.00 -1.09 4.81
CA LEU A 52 -4.04 -1.35 5.85
C LEU A 52 -4.16 -0.13 6.83
N ASN A 53 -5.15 0.73 6.56
CA ASN A 53 -5.25 2.08 7.16
C ASN A 53 -6.66 2.23 7.83
N ARG A 54 -6.67 2.60 9.13
CA ARG A 54 -7.93 2.71 9.93
C ARG A 54 -8.95 3.80 9.43
N PRO A 55 -10.31 3.58 9.42
CA PRO A 55 -11.28 4.59 8.88
C PRO A 55 -11.47 5.83 9.81
N VAL A 56 -10.92 6.97 9.39
CA VAL A 56 -10.95 8.24 10.18
C VAL A 56 -10.98 9.48 9.22
N THR A 57 -11.79 10.49 9.56
CA THR A 57 -11.82 11.80 8.83
C THR A 57 -11.74 13.02 9.81
N GLY A 58 -11.27 14.17 9.30
CA GLY A 58 -11.29 15.45 10.05
C GLY A 58 -12.46 16.40 9.71
N SER A 59 -12.51 17.53 10.44
CA SER A 59 -13.50 18.61 10.20
C SER A 59 -12.85 20.03 10.38
N LEU A 60 -13.40 21.04 9.69
CA LEU A 60 -12.86 22.43 9.71
C LEU A 60 -14.01 23.46 9.97
N LEU A 61 -13.84 24.33 10.99
CA LEU A 61 -14.86 25.34 11.37
C LEU A 61 -14.19 26.76 11.50
N LYS A 62 -14.62 27.73 10.67
CA LYS A 62 -14.15 29.14 10.77
C LYS A 62 -15.00 30.02 11.74
N ARG A 63 -14.37 31.06 12.33
CA ARG A 63 -15.10 32.09 13.13
C ARG A 63 -15.63 33.29 12.27
N ILE A 64 -16.70 33.94 12.76
CA ILE A 64 -17.13 35.30 12.26
C ILE A 64 -16.65 36.43 13.24
N ARG A 65 -16.37 37.63 12.72
CA ARG A 65 -15.90 38.79 13.54
C ARG A 65 -16.80 40.04 13.29
N ASN A 66 -17.64 40.41 14.27
CA ASN A 66 -18.42 41.68 14.24
C ASN A 66 -17.65 42.91 14.84
N GLY A 67 -17.93 44.12 14.32
CA GLY A 67 -17.50 45.39 14.97
C GLY A 67 -18.61 46.12 15.76
N LYS A 68 -18.54 47.45 15.81
CA LYS A 68 -19.54 48.30 16.52
C LYS A 68 -19.73 49.70 15.84
N LYS A 69 -20.82 50.41 16.20
CA LYS A 69 -21.06 51.82 15.76
C LYS A 69 -21.56 52.73 16.92
N ALA A 70 -21.27 54.03 16.85
CA ALA A 70 -21.79 55.05 17.81
C ALA A 70 -22.53 56.23 17.08
N LYS A 71 -23.49 56.88 17.76
CA LYS A 71 -24.21 58.06 17.19
C LYS A 71 -23.31 59.34 17.02
N SER A 72 -22.68 59.84 18.10
CA SER A 72 -21.71 60.97 18.04
C SER A 72 -20.25 60.44 17.98
N MET A 1 -0.54 -6.07 -18.65
CA MET A 1 0.49 -7.03 -19.11
C MET A 1 1.53 -7.35 -17.99
N TYR A 2 2.01 -8.60 -17.97
CA TYR A 2 2.99 -9.10 -16.95
C TYR A 2 4.40 -8.46 -17.08
N LEU A 3 4.94 -7.91 -15.98
CA LEU A 3 6.30 -7.36 -15.91
C LEU A 3 7.11 -7.96 -14.71
N THR A 4 8.44 -7.96 -14.80
CA THR A 4 9.35 -8.51 -13.76
C THR A 4 9.29 -7.70 -12.40
N LEU A 5 9.64 -8.31 -11.24
CA LEU A 5 9.78 -7.59 -9.92
C LEU A 5 10.58 -6.24 -9.96
N GLN A 6 11.75 -6.23 -10.61
CA GLN A 6 12.53 -4.99 -10.91
C GLN A 6 11.80 -3.93 -11.82
N GLU A 7 11.12 -4.35 -12.90
CA GLU A 7 10.18 -3.46 -13.66
C GLU A 7 8.92 -2.98 -12.87
N TRP A 8 8.30 -3.84 -12.03
CA TRP A 8 7.28 -3.42 -11.03
C TRP A 8 7.78 -2.31 -10.06
N ASN A 9 8.93 -2.50 -9.37
CA ASN A 9 9.56 -1.44 -8.53
C ASN A 9 9.91 -0.13 -9.30
N ALA A 10 10.53 -0.20 -10.50
CA ALA A 10 10.69 0.97 -11.42
C ALA A 10 9.41 1.77 -11.82
N ARG A 11 8.26 1.12 -12.10
CA ARG A 11 6.95 1.83 -12.22
C ARG A 11 6.27 2.36 -10.90
N GLN A 12 6.67 1.89 -9.69
CA GLN A 12 6.20 2.48 -8.41
C GLN A 12 6.77 3.91 -8.14
N ARG A 13 6.06 4.70 -7.31
CA ARG A 13 6.44 6.11 -7.01
C ARG A 13 7.67 6.19 -6.04
N ARG A 14 8.86 6.33 -6.64
CA ARG A 14 10.18 6.23 -5.95
C ARG A 14 10.61 4.72 -5.72
N PRO A 15 11.43 4.05 -6.58
CA PRO A 15 11.93 2.67 -6.31
C PRO A 15 12.96 2.61 -5.15
N ARG A 16 12.58 1.94 -4.04
CA ARG A 16 13.42 1.86 -2.81
C ARG A 16 14.47 0.70 -2.94
N SER A 17 14.07 -0.57 -2.80
CA SER A 17 14.96 -1.73 -3.12
C SER A 17 14.12 -3.04 -3.31
N LEU A 18 14.62 -3.96 -4.15
CA LEU A 18 14.06 -5.34 -4.31
C LEU A 18 13.92 -6.17 -2.99
N GLU A 19 14.90 -6.09 -2.06
CA GLU A 19 14.76 -6.57 -0.65
C GLU A 19 13.58 -5.97 0.20
N THR A 20 13.27 -4.66 0.05
CA THR A 20 12.02 -4.04 0.60
C THR A 20 10.70 -4.63 0.01
N VAL A 21 10.59 -4.73 -1.32
CA VAL A 21 9.49 -5.48 -2.03
C VAL A 21 9.36 -6.98 -1.60
N ARG A 22 10.47 -7.74 -1.49
CA ARG A 22 10.49 -9.09 -0.86
C ARG A 22 9.97 -9.15 0.62
N ARG A 23 10.41 -8.23 1.51
CA ARG A 23 9.73 -7.97 2.82
C ARG A 23 8.20 -7.64 2.79
N TRP A 24 7.73 -6.85 1.81
CA TRP A 24 6.28 -6.62 1.55
C TRP A 24 5.51 -7.90 1.03
N VAL A 25 6.10 -8.74 0.16
CA VAL A 25 5.57 -10.10 -0.18
C VAL A 25 5.53 -11.06 1.07
N ARG A 26 6.64 -11.24 1.80
CA ARG A 26 6.65 -11.96 3.11
C ARG A 26 5.63 -11.49 4.21
N GLU A 27 5.38 -10.19 4.36
CA GLU A 27 4.29 -9.66 5.24
C GLU A 27 2.87 -9.54 4.56
N SER A 28 2.55 -10.40 3.58
CA SER A 28 1.27 -10.43 2.81
C SER A 28 0.66 -9.05 2.36
N ARG A 29 1.47 -8.26 1.66
CA ARG A 29 1.11 -6.87 1.25
C ARG A 29 0.88 -6.70 -0.29
N ILE A 30 1.69 -7.31 -1.18
CA ILE A 30 1.46 -7.24 -2.66
C ILE A 30 0.22 -8.09 -3.05
N PHE A 31 -0.82 -7.47 -3.64
CA PHE A 31 -2.06 -8.18 -4.05
C PHE A 31 -2.58 -7.73 -5.46
N PRO A 32 -2.93 -8.63 -6.43
CA PRO A 32 -2.78 -10.11 -6.32
C PRO A 32 -1.29 -10.64 -6.39
N PRO A 33 -0.93 -11.84 -5.82
CA PRO A 33 0.48 -12.31 -5.78
C PRO A 33 1.10 -12.72 -7.18
N PRO A 34 2.45 -12.60 -7.41
CA PRO A 34 3.05 -12.88 -8.75
C PRO A 34 3.22 -14.40 -9.12
N VAL A 35 3.26 -14.68 -10.44
CA VAL A 35 3.47 -16.07 -10.96
C VAL A 35 5.01 -16.36 -11.02
N LYS A 36 5.48 -17.31 -10.20
CA LYS A 36 6.92 -17.72 -10.16
C LYS A 36 7.30 -18.68 -11.35
N ASP A 37 8.28 -18.28 -12.18
CA ASP A 37 8.75 -19.09 -13.33
C ASP A 37 10.29 -19.28 -13.30
N GLY A 38 10.80 -20.42 -12.79
CA GLY A 38 12.27 -20.69 -12.74
C GLY A 38 13.19 -19.59 -12.15
N ARG A 39 12.97 -19.25 -10.86
CA ARG A 39 13.51 -18.01 -10.23
C ARG A 39 13.13 -16.60 -10.82
N GLU A 40 12.03 -16.42 -11.59
CA GLU A 40 11.56 -15.08 -12.03
C GLU A 40 10.07 -14.85 -11.62
N TYR A 41 9.76 -13.73 -10.96
CA TYR A 41 8.37 -13.40 -10.52
C TYR A 41 7.65 -12.48 -11.57
N LEU A 42 6.54 -12.98 -12.14
CA LEU A 42 5.68 -12.22 -13.09
C LEU A 42 4.60 -11.42 -12.30
N PHE A 43 4.83 -10.12 -12.10
CA PHE A 43 3.84 -9.19 -11.49
C PHE A 43 2.90 -8.64 -12.61
N HIS A 44 1.58 -8.62 -12.39
CA HIS A 44 0.63 -7.98 -13.35
C HIS A 44 0.62 -6.42 -13.22
N GLU A 45 0.41 -5.69 -14.33
CA GLU A 45 0.13 -4.21 -14.29
C GLU A 45 -1.28 -3.84 -13.69
N SER A 46 -1.33 -4.01 -12.37
CA SER A 46 -2.55 -3.98 -11.50
C SER A 46 -2.24 -4.44 -10.04
N ALA A 47 -1.24 -5.34 -9.79
CA ALA A 47 -0.77 -5.67 -8.42
C ALA A 47 -0.20 -4.45 -7.64
N VAL A 48 -0.73 -4.22 -6.44
CA VAL A 48 -0.40 -3.04 -5.59
C VAL A 48 -0.27 -3.48 -4.09
N LYS A 49 0.27 -2.59 -3.23
CA LYS A 49 0.36 -2.86 -1.77
C LYS A 49 -1.06 -2.70 -1.09
N VAL A 50 -1.74 -3.81 -0.79
CA VAL A 50 -2.97 -3.82 0.05
C VAL A 50 -2.61 -3.63 1.55
N ASP A 51 -3.22 -2.65 2.24
CA ASP A 51 -3.04 -2.48 3.71
C ASP A 51 -3.64 -3.70 4.48
N LEU A 52 -2.78 -4.51 5.14
CA LEU A 52 -3.20 -5.80 5.75
C LEU A 52 -4.22 -5.62 6.92
N ASN A 53 -5.51 -5.81 6.60
CA ASN A 53 -6.64 -5.46 7.50
C ASN A 53 -7.40 -6.77 7.88
N ARG A 54 -7.35 -7.12 9.16
CA ARG A 54 -7.96 -8.37 9.70
C ARG A 54 -9.02 -8.04 10.82
N PRO A 55 -10.15 -8.77 11.00
CA PRO A 55 -11.07 -8.53 12.15
C PRO A 55 -10.47 -8.86 13.55
N VAL A 56 -11.15 -8.41 14.61
CA VAL A 56 -10.78 -8.73 16.03
C VAL A 56 -10.86 -10.27 16.36
N THR A 57 -10.23 -10.71 17.48
CA THR A 57 -10.18 -12.14 17.90
C THR A 57 -11.59 -12.81 18.01
N GLY A 58 -11.86 -13.82 17.17
CA GLY A 58 -13.22 -14.39 17.01
C GLY A 58 -13.83 -15.07 18.26
N SER A 59 -14.81 -14.40 18.87
CA SER A 59 -15.47 -14.88 20.11
C SER A 59 -16.47 -16.06 19.86
N LEU A 60 -15.91 -17.28 19.78
CA LEU A 60 -16.70 -18.50 19.45
C LEU A 60 -17.46 -19.01 20.73
N LEU A 61 -18.74 -18.63 20.84
CA LEU A 61 -19.58 -18.93 22.04
C LEU A 61 -19.93 -20.45 22.16
N LYS A 62 -19.20 -21.17 23.01
CA LYS A 62 -19.34 -22.64 23.17
C LYS A 62 -20.71 -23.13 23.74
N ARG A 63 -21.03 -24.42 23.52
CA ARG A 63 -22.37 -25.00 23.84
C ARG A 63 -22.69 -25.16 25.37
N ILE A 64 -23.12 -24.05 26.00
CA ILE A 64 -23.41 -23.98 27.46
C ILE A 64 -24.89 -24.33 27.82
N ARG A 65 -25.15 -24.62 29.12
CA ARG A 65 -26.51 -24.88 29.66
C ARG A 65 -26.81 -23.99 30.91
N ASN A 66 -28.05 -23.48 31.03
CA ASN A 66 -28.53 -22.78 32.26
C ASN A 66 -29.20 -23.76 33.29
N GLY A 67 -28.89 -23.61 34.59
CA GLY A 67 -29.43 -24.52 35.63
C GLY A 67 -29.10 -24.07 37.07
N LYS A 68 -30.07 -23.50 37.80
CA LYS A 68 -29.84 -22.96 39.17
C LYS A 68 -31.16 -23.01 40.03
N LYS A 69 -31.04 -23.37 41.33
CA LYS A 69 -32.19 -23.43 42.27
C LYS A 69 -32.23 -22.26 43.31
N ALA A 70 -33.45 -21.86 43.69
CA ALA A 70 -33.69 -20.89 44.81
C ALA A 70 -34.66 -21.47 45.89
N LYS A 71 -34.60 -20.91 47.12
CA LYS A 71 -35.39 -21.38 48.30
C LYS A 71 -34.89 -22.75 48.92
N SER A 72 -35.59 -23.29 49.92
CA SER A 72 -35.25 -24.59 50.55
C SER A 72 -35.67 -25.84 49.71
N MET A 1 2.34 -12.43 -20.04
CA MET A 1 1.48 -11.20 -19.88
C MET A 1 1.67 -10.52 -18.49
N TYR A 2 2.93 -10.18 -18.13
CA TYR A 2 3.32 -9.81 -16.73
C TYR A 2 4.62 -8.94 -16.77
N LEU A 3 4.77 -8.06 -15.78
CA LEU A 3 5.97 -7.22 -15.57
C LEU A 3 6.98 -7.87 -14.55
N THR A 4 8.30 -7.73 -14.78
CA THR A 4 9.36 -8.29 -13.88
C THR A 4 9.38 -7.62 -12.45
N LEU A 5 9.81 -8.34 -11.38
CA LEU A 5 9.90 -7.80 -9.99
C LEU A 5 10.63 -6.41 -9.82
N GLN A 6 11.86 -6.29 -10.34
CA GLN A 6 12.59 -5.00 -10.44
C GLN A 6 11.96 -3.90 -11.37
N GLU A 7 11.34 -4.28 -12.50
CA GLU A 7 10.50 -3.36 -13.32
C GLU A 7 9.16 -2.93 -12.64
N TRP A 8 8.44 -3.80 -11.88
CA TRP A 8 7.38 -3.38 -10.93
C TRP A 8 7.85 -2.32 -9.87
N ASN A 9 8.99 -2.54 -9.17
CA ASN A 9 9.64 -1.48 -8.33
C ASN A 9 9.89 -0.13 -9.08
N ALA A 10 10.65 -0.11 -10.20
CA ALA A 10 10.78 1.07 -11.08
C ALA A 10 9.49 1.69 -11.74
N ARG A 11 8.36 0.96 -11.81
CA ARG A 11 7.01 1.54 -12.12
C ARG A 11 6.20 2.09 -10.90
N GLN A 12 6.51 1.74 -9.64
CA GLN A 12 5.93 2.43 -8.44
C GLN A 12 6.42 3.92 -8.30
N ARG A 13 5.55 4.81 -7.78
CA ARG A 13 5.86 6.28 -7.67
C ARG A 13 7.23 6.71 -7.06
N ARG A 14 7.68 6.10 -5.95
CA ARG A 14 9.06 6.27 -5.45
C ARG A 14 9.69 4.87 -5.11
N PRO A 15 10.59 4.26 -5.94
CA PRO A 15 11.22 2.95 -5.61
C PRO A 15 12.26 2.98 -4.46
N ARG A 16 12.46 1.82 -3.81
CA ARG A 16 13.38 1.71 -2.64
C ARG A 16 14.48 0.63 -2.94
N SER A 17 14.17 -0.68 -2.84
CA SER A 17 15.15 -1.78 -3.10
C SER A 17 14.41 -3.12 -3.37
N LEU A 18 15.09 -4.05 -4.07
CA LEU A 18 14.65 -5.47 -4.22
C LEU A 18 14.48 -6.26 -2.87
N GLU A 19 15.39 -6.09 -1.89
CA GLU A 19 15.15 -6.50 -0.46
C GLU A 19 13.86 -5.91 0.23
N THR A 20 13.55 -4.62 0.04
CA THR A 20 12.26 -4.01 0.51
C THR A 20 10.98 -4.61 -0.18
N VAL A 21 10.97 -4.77 -1.51
CA VAL A 21 9.92 -5.58 -2.24
C VAL A 21 9.84 -7.08 -1.76
N ARG A 22 10.98 -7.80 -1.60
CA ARG A 22 11.01 -9.13 -0.92
C ARG A 22 10.42 -9.17 0.53
N ARG A 23 10.68 -8.17 1.40
CA ARG A 23 9.92 -7.97 2.67
C ARG A 23 8.38 -7.74 2.51
N TRP A 24 7.93 -6.91 1.54
CA TRP A 24 6.49 -6.77 1.18
C TRP A 24 5.79 -8.10 0.70
N VAL A 25 6.47 -8.94 -0.11
CA VAL A 25 6.02 -10.32 -0.44
C VAL A 25 6.01 -11.28 0.81
N ARG A 26 7.12 -11.38 1.57
CA ARG A 26 7.17 -12.08 2.89
C ARG A 26 6.11 -11.68 3.98
N GLU A 27 5.78 -10.38 4.13
CA GLU A 27 4.62 -9.93 4.96
C GLU A 27 3.20 -10.00 4.28
N SER A 28 3.05 -10.55 3.06
CA SER A 28 1.79 -10.55 2.26
C SER A 28 1.08 -9.16 2.06
N ARG A 29 1.85 -8.14 1.62
CA ARG A 29 1.32 -6.80 1.29
C ARG A 29 1.36 -6.44 -0.24
N ILE A 30 1.17 -7.41 -1.16
CA ILE A 30 0.95 -7.14 -2.62
C ILE A 30 -0.31 -7.95 -3.05
N PHE A 31 -1.30 -7.32 -3.69
CA PHE A 31 -2.53 -8.02 -4.17
C PHE A 31 -3.02 -7.51 -5.58
N PRO A 32 -3.42 -8.38 -6.57
CA PRO A 32 -3.32 -9.87 -6.49
C PRO A 32 -1.86 -10.45 -6.54
N PRO A 33 -1.54 -11.66 -5.98
CA PRO A 33 -0.14 -12.15 -5.85
C PRO A 33 0.61 -12.49 -7.19
N PRO A 34 1.95 -12.31 -7.33
CA PRO A 34 2.68 -12.59 -8.60
C PRO A 34 2.89 -14.10 -8.94
N VAL A 35 2.98 -14.42 -10.24
CA VAL A 35 3.19 -15.82 -10.72
C VAL A 35 4.71 -16.22 -10.65
N LYS A 36 5.05 -17.39 -10.09
CA LYS A 36 6.44 -17.91 -10.14
C LYS A 36 6.73 -18.56 -11.54
N ASP A 37 7.52 -17.85 -12.38
CA ASP A 37 7.98 -18.39 -13.69
C ASP A 37 9.09 -19.50 -13.63
N GLY A 38 10.00 -19.43 -12.64
CA GLY A 38 11.13 -20.39 -12.51
C GLY A 38 12.30 -19.77 -11.73
N ARG A 39 13.01 -18.83 -12.37
CA ARG A 39 14.03 -17.98 -11.67
C ARG A 39 13.45 -16.86 -10.76
N GLU A 40 12.44 -16.09 -11.22
CA GLU A 40 11.87 -14.92 -10.49
C GLU A 40 10.31 -14.85 -10.59
N TYR A 41 9.72 -13.99 -9.73
CA TYR A 41 8.25 -13.74 -9.69
C TYR A 41 7.82 -12.63 -10.71
N LEU A 42 6.76 -12.94 -11.47
CA LEU A 42 6.20 -12.04 -12.52
C LEU A 42 4.90 -11.34 -11.99
N PHE A 43 4.96 -10.01 -11.86
CA PHE A 43 3.88 -9.17 -11.27
C PHE A 43 2.95 -8.64 -12.40
N HIS A 44 1.62 -8.77 -12.29
CA HIS A 44 0.71 -8.26 -13.35
C HIS A 44 0.66 -6.69 -13.37
N GLU A 45 0.51 -6.08 -14.57
CA GLU A 45 0.32 -4.60 -14.70
C GLU A 45 -1.11 -4.15 -14.21
N SER A 46 -1.21 -4.00 -12.88
CA SER A 46 -2.47 -3.96 -12.07
C SER A 46 -2.23 -4.41 -10.58
N ALA A 47 -1.24 -5.26 -10.25
CA ALA A 47 -0.88 -5.63 -8.85
C ALA A 47 -0.39 -4.42 -7.99
N VAL A 48 -1.09 -4.16 -6.88
CA VAL A 48 -0.81 -2.97 -6.01
C VAL A 48 -0.47 -3.43 -4.55
N LYS A 49 0.27 -2.56 -3.84
CA LYS A 49 0.63 -2.78 -2.42
C LYS A 49 -0.57 -2.58 -1.42
N VAL A 50 -1.02 -3.67 -0.79
CA VAL A 50 -2.21 -3.67 0.11
C VAL A 50 -1.81 -3.39 1.61
N ASP A 51 -2.66 -2.66 2.34
CA ASP A 51 -2.42 -2.33 3.78
C ASP A 51 -2.74 -3.54 4.72
N LEU A 52 -1.74 -3.96 5.52
CA LEU A 52 -1.88 -5.12 6.46
C LEU A 52 -1.14 -4.77 7.80
N ASN A 53 0.21 -4.64 7.80
CA ASN A 53 0.98 -4.13 8.97
C ASN A 53 0.75 -2.60 9.20
N ARG A 54 -0.01 -2.23 10.24
CA ARG A 54 -0.28 -0.81 10.59
C ARG A 54 0.16 -0.53 12.08
N PRO A 55 1.47 -0.27 12.42
CA PRO A 55 1.89 0.00 13.83
C PRO A 55 1.50 1.40 14.40
N VAL A 56 1.66 2.50 13.63
CA VAL A 56 1.18 3.87 14.00
C VAL A 56 1.98 4.47 15.21
N THR A 57 3.19 4.97 14.95
CA THR A 57 4.10 5.53 16.02
C THR A 57 3.95 7.09 16.10
N GLY A 58 3.01 7.56 16.94
CA GLY A 58 2.83 9.01 17.21
C GLY A 58 3.75 9.63 18.29
N SER A 59 3.73 10.96 18.38
CA SER A 59 4.61 11.73 19.31
C SER A 59 3.78 12.68 20.24
N LEU A 60 4.01 12.59 21.57
CA LEU A 60 3.32 13.43 22.58
C LEU A 60 4.24 13.68 23.82
N LEU A 61 4.28 14.93 24.33
CA LEU A 61 5.11 15.30 25.52
C LEU A 61 4.41 16.41 26.37
N LYS A 62 4.41 16.24 27.70
CA LYS A 62 3.86 17.26 28.65
C LYS A 62 4.83 18.46 28.94
N ARG A 63 4.25 19.59 29.42
CA ARG A 63 4.98 20.85 29.68
C ARG A 63 4.85 21.30 31.17
N ILE A 64 5.98 21.38 31.91
CA ILE A 64 5.99 21.80 33.34
C ILE A 64 6.53 23.28 33.42
N ARG A 65 5.79 24.17 34.09
CA ARG A 65 6.12 25.62 34.18
C ARG A 65 5.75 26.18 35.60
N ASN A 66 6.68 26.88 36.28
CA ASN A 66 6.38 27.60 37.56
C ASN A 66 7.20 28.92 37.65
N GLY A 67 6.62 29.96 38.30
CA GLY A 67 7.29 31.27 38.46
C GLY A 67 6.43 32.28 39.25
N LYS A 68 6.69 32.43 40.56
CA LYS A 68 5.93 33.36 41.45
C LYS A 68 6.82 34.07 42.52
N LYS A 69 6.36 35.22 43.02
CA LYS A 69 7.09 36.02 44.05
C LYS A 69 6.13 36.46 45.22
N ALA A 70 6.59 36.40 46.47
CA ALA A 70 5.80 36.86 47.66
C ALA A 70 6.67 37.71 48.64
N LYS A 71 6.13 38.85 49.11
CA LYS A 71 6.82 39.73 50.11
C LYS A 71 6.05 39.69 51.46
N SER A 72 6.58 38.93 52.45
CA SER A 72 5.98 38.83 53.80
C SER A 72 7.03 39.14 54.90
N MET A 1 -1.28 -10.91 -18.79
CA MET A 1 -1.02 -9.48 -18.49
C MET A 1 -0.05 -9.35 -17.27
N TYR A 2 1.26 -9.44 -17.53
CA TYR A 2 2.29 -9.56 -16.44
C TYR A 2 3.44 -8.51 -16.53
N LEU A 3 4.11 -8.31 -15.39
CA LEU A 3 5.22 -7.33 -15.22
C LEU A 3 6.28 -7.95 -14.25
N THR A 4 7.57 -7.94 -14.63
CA THR A 4 8.68 -8.50 -13.78
C THR A 4 8.85 -7.75 -12.40
N LEU A 5 9.30 -8.44 -11.33
CA LEU A 5 9.51 -7.84 -9.97
C LEU A 5 10.32 -6.51 -9.92
N GLN A 6 11.53 -6.49 -10.51
CA GLN A 6 12.31 -5.23 -10.70
C GLN A 6 11.62 -4.11 -11.55
N GLU A 7 10.90 -4.47 -12.64
CA GLU A 7 9.98 -3.53 -13.34
C GLU A 7 8.76 -3.02 -12.51
N TRP A 8 8.04 -3.87 -11.75
CA TRP A 8 7.01 -3.45 -10.75
C TRP A 8 7.51 -2.37 -9.73
N ASN A 9 8.61 -2.64 -9.01
CA ASN A 9 9.33 -1.66 -8.16
C ASN A 9 9.87 -0.37 -8.89
N ALA A 10 10.45 -0.47 -10.10
CA ALA A 10 10.75 0.72 -10.95
C ALA A 10 9.52 1.56 -11.47
N ARG A 11 8.33 0.96 -11.68
CA ARG A 11 7.05 1.70 -11.86
C ARG A 11 6.48 2.44 -10.58
N GLN A 12 6.84 2.06 -9.34
CA GLN A 12 6.71 2.97 -8.16
C GLN A 12 7.65 4.24 -8.25
N ARG A 13 7.26 5.35 -7.60
CA ARG A 13 8.07 6.61 -7.59
C ARG A 13 9.49 6.45 -6.94
N ARG A 14 10.54 6.50 -7.79
CA ARG A 14 11.94 6.12 -7.43
C ARG A 14 12.12 4.57 -7.33
N PRO A 15 13.09 3.86 -8.01
CA PRO A 15 13.32 2.41 -7.79
C PRO A 15 13.88 2.08 -6.37
N ARG A 16 12.98 1.64 -5.47
CA ARG A 16 13.32 1.30 -4.06
C ARG A 16 14.21 0.01 -3.93
N SER A 17 14.75 -0.23 -2.72
CA SER A 17 15.55 -1.45 -2.42
C SER A 17 14.72 -2.77 -2.52
N LEU A 18 15.20 -3.73 -3.35
CA LEU A 18 14.55 -5.06 -3.48
C LEU A 18 14.35 -5.91 -2.18
N GLU A 19 15.20 -5.73 -1.14
CA GLU A 19 14.88 -6.18 0.25
C GLU A 19 13.54 -5.63 0.87
N THR A 20 13.20 -4.34 0.68
CA THR A 20 11.87 -3.78 1.10
C THR A 20 10.64 -4.42 0.36
N VAL A 21 10.67 -4.54 -0.98
CA VAL A 21 9.65 -5.33 -1.75
C VAL A 21 9.62 -6.87 -1.38
N ARG A 22 10.77 -7.56 -1.22
CA ARG A 22 10.83 -8.91 -0.60
C ARG A 22 10.20 -9.04 0.84
N ARG A 23 10.46 -8.08 1.75
CA ARG A 23 9.73 -7.93 3.03
C ARG A 23 8.19 -7.67 2.89
N TRP A 24 7.72 -6.81 1.97
CA TRP A 24 6.27 -6.72 1.59
C TRP A 24 5.62 -8.03 1.03
N VAL A 25 6.33 -8.80 0.17
CA VAL A 25 5.91 -10.18 -0.27
C VAL A 25 5.88 -11.22 0.91
N ARG A 26 6.95 -11.32 1.73
CA ARG A 26 6.92 -12.09 3.02
C ARG A 26 5.81 -11.69 4.06
N GLU A 27 5.49 -10.39 4.21
CA GLU A 27 4.23 -9.94 4.89
C GLU A 27 2.85 -10.42 4.28
N SER A 28 2.82 -10.86 3.01
CA SER A 28 1.58 -11.25 2.27
C SER A 28 0.51 -10.13 2.09
N ARG A 29 0.95 -8.94 1.62
CA ARG A 29 0.03 -7.80 1.34
C ARG A 29 0.19 -7.20 -0.10
N ILE A 30 0.35 -8.00 -1.18
CA ILE A 30 0.34 -7.47 -2.59
C ILE A 30 -0.65 -8.35 -3.42
N PHE A 31 -1.66 -7.71 -4.06
CA PHE A 31 -2.75 -8.44 -4.77
C PHE A 31 -3.07 -7.83 -6.20
N PRO A 32 -3.37 -8.64 -7.27
CA PRO A 32 -3.35 -10.13 -7.25
C PRO A 32 -1.91 -10.77 -7.16
N PRO A 33 -1.72 -11.98 -6.53
CA PRO A 33 -0.36 -12.47 -6.14
C PRO A 33 0.60 -12.89 -7.32
N PRO A 34 1.95 -12.72 -7.22
CA PRO A 34 2.86 -12.93 -8.37
C PRO A 34 3.22 -14.41 -8.69
N VAL A 35 3.33 -14.73 -9.99
CA VAL A 35 3.61 -16.11 -10.47
C VAL A 35 5.15 -16.28 -10.67
N LYS A 36 5.81 -17.23 -9.98
CA LYS A 36 7.24 -17.55 -10.22
C LYS A 36 7.50 -18.18 -11.63
N ASP A 37 8.32 -17.49 -12.44
CA ASP A 37 8.69 -17.97 -13.81
C ASP A 37 9.94 -18.91 -13.88
N GLY A 38 10.92 -18.74 -12.99
CA GLY A 38 12.17 -19.53 -12.97
C GLY A 38 13.24 -18.86 -12.07
N ARG A 39 13.85 -17.78 -12.58
CA ARG A 39 14.66 -16.84 -11.74
C ARG A 39 13.82 -15.73 -11.02
N GLU A 40 13.00 -14.93 -11.74
CA GLU A 40 12.20 -13.84 -11.13
C GLU A 40 10.65 -14.10 -11.17
N TYR A 41 9.95 -13.28 -10.38
CA TYR A 41 8.47 -13.36 -10.22
C TYR A 41 7.75 -12.42 -11.24
N LEU A 42 6.75 -12.95 -11.93
CA LEU A 42 5.83 -12.16 -12.79
C LEU A 42 4.63 -11.64 -11.95
N PHE A 43 4.69 -10.36 -11.57
CA PHE A 43 3.55 -9.62 -10.96
C PHE A 43 2.46 -9.31 -12.05
N HIS A 44 1.25 -8.94 -11.64
CA HIS A 44 0.25 -8.37 -12.58
C HIS A 44 0.51 -6.85 -12.83
N GLU A 45 0.20 -6.34 -14.05
CA GLU A 45 0.26 -4.87 -14.33
C GLU A 45 -0.58 -3.94 -13.40
N SER A 46 -1.82 -4.35 -13.04
CA SER A 46 -2.56 -3.75 -11.89
C SER A 46 -2.40 -4.51 -10.51
N ALA A 47 -1.17 -4.92 -10.13
CA ALA A 47 -0.88 -5.37 -8.74
C ALA A 47 -0.52 -4.18 -7.80
N VAL A 48 -1.21 -4.08 -6.65
CA VAL A 48 -0.96 -3.01 -5.65
C VAL A 48 -0.89 -3.62 -4.20
N LYS A 49 -0.23 -2.89 -3.27
CA LYS A 49 -0.16 -3.30 -1.85
C LYS A 49 -1.48 -3.02 -1.05
N VAL A 50 -2.08 -4.06 -0.44
CA VAL A 50 -3.39 -3.95 0.27
C VAL A 50 -3.26 -3.21 1.64
N ASP A 51 -4.33 -2.50 2.06
CA ASP A 51 -4.31 -1.55 3.23
C ASP A 51 -3.66 -0.17 2.90
N LEU A 52 -2.46 -0.12 2.29
CA LEU A 52 -1.85 1.17 1.83
C LEU A 52 -2.10 1.42 0.31
N ASN A 53 -3.37 1.72 -0.07
CA ASN A 53 -3.78 1.87 -1.51
C ASN A 53 -4.98 2.86 -1.65
N ARG A 54 -4.85 3.88 -2.52
CA ARG A 54 -5.90 4.91 -2.72
C ARG A 54 -6.02 5.27 -4.25
N PRO A 55 -6.91 4.63 -5.09
CA PRO A 55 -7.00 4.94 -6.54
C PRO A 55 -7.88 6.19 -6.90
N VAL A 56 -8.48 6.23 -8.11
CA VAL A 56 -9.27 7.40 -8.62
C VAL A 56 -10.64 7.50 -7.87
N THR A 57 -10.82 8.57 -7.08
CA THR A 57 -12.08 8.80 -6.31
C THR A 57 -13.15 9.53 -7.19
N GLY A 58 -14.02 8.75 -7.85
CA GLY A 58 -15.08 9.29 -8.75
C GLY A 58 -16.45 8.62 -8.61
N SER A 59 -16.57 7.34 -8.98
CA SER A 59 -17.84 6.57 -8.92
C SER A 59 -18.25 6.18 -7.45
N LEU A 60 -19.19 6.92 -6.86
CA LEU A 60 -19.64 6.69 -5.47
C LEU A 60 -20.72 5.57 -5.36
N LEU A 61 -20.34 4.42 -4.76
CA LEU A 61 -21.21 3.22 -4.64
C LEU A 61 -20.62 2.21 -3.59
N LYS A 62 -21.50 1.60 -2.80
CA LYS A 62 -21.11 0.66 -1.69
C LYS A 62 -21.98 -0.64 -1.62
N ARG A 63 -22.23 -1.30 -2.78
CA ARG A 63 -23.30 -2.33 -2.94
C ARG A 63 -24.77 -1.80 -2.72
N ILE A 64 -25.75 -2.55 -3.26
CA ILE A 64 -27.21 -2.33 -2.98
C ILE A 64 -27.80 -3.49 -2.11
N ARG A 65 -28.96 -3.28 -1.46
CA ARG A 65 -29.63 -4.32 -0.63
C ARG A 65 -30.10 -5.59 -1.42
N ASN A 66 -29.68 -6.78 -0.95
CA ASN A 66 -30.07 -8.08 -1.58
C ASN A 66 -31.25 -8.77 -0.82
N GLY A 67 -31.05 -9.20 0.45
CA GLY A 67 -32.05 -9.99 1.21
C GLY A 67 -31.41 -11.00 2.19
N LYS A 68 -32.28 -11.67 2.97
CA LYS A 68 -31.85 -12.68 3.99
C LYS A 68 -32.98 -13.76 4.13
N LYS A 69 -32.59 -15.06 4.23
CA LYS A 69 -33.52 -16.23 4.20
C LYS A 69 -34.05 -16.59 2.78
N ALA A 70 -34.85 -15.71 2.13
CA ALA A 70 -35.55 -16.00 0.83
C ALA A 70 -36.69 -17.07 0.86
N LYS A 71 -36.39 -18.31 1.29
CA LYS A 71 -37.41 -19.37 1.51
C LYS A 71 -38.17 -19.17 2.86
N SER A 72 -39.46 -18.77 2.79
CA SER A 72 -40.32 -18.52 4.00
C SER A 72 -39.95 -17.27 4.86
N MET A 1 -0.61 -10.04 -19.34
CA MET A 1 0.74 -9.61 -19.81
C MET A 1 1.87 -9.75 -18.74
N TYR A 2 1.67 -9.25 -17.52
CA TYR A 2 2.64 -9.36 -16.39
C TYR A 2 3.87 -8.39 -16.49
N LEU A 3 4.51 -8.11 -15.34
CA LEU A 3 5.60 -7.12 -15.19
C LEU A 3 6.70 -7.67 -14.22
N THR A 4 7.99 -7.59 -14.62
CA THR A 4 9.15 -8.06 -13.79
C THR A 4 9.28 -7.34 -12.40
N LEU A 5 9.79 -8.04 -11.36
CA LEU A 5 9.88 -7.51 -9.96
C LEU A 5 10.58 -6.12 -9.79
N GLN A 6 11.80 -5.94 -10.32
CA GLN A 6 12.46 -4.60 -10.40
C GLN A 6 11.75 -3.53 -11.29
N GLU A 7 11.17 -3.91 -12.44
CA GLU A 7 10.28 -3.02 -13.24
C GLU A 7 8.96 -2.59 -12.50
N TRP A 8 8.25 -3.51 -11.81
CA TRP A 8 7.19 -3.15 -10.81
C TRP A 8 7.65 -2.18 -9.68
N ASN A 9 8.78 -2.46 -9.00
CA ASN A 9 9.42 -1.49 -8.05
C ASN A 9 9.69 -0.05 -8.63
N ALA A 10 10.24 0.06 -9.85
CA ALA A 10 10.30 1.35 -10.60
C ALA A 10 8.95 2.02 -11.01
N ARG A 11 7.91 1.24 -11.40
CA ARG A 11 6.53 1.75 -11.60
C ARG A 11 5.78 2.21 -10.29
N GLN A 12 6.05 1.64 -9.10
CA GLN A 12 5.53 2.18 -7.80
C GLN A 12 6.29 3.47 -7.34
N ARG A 13 6.08 4.60 -8.04
CA ARG A 13 6.83 5.88 -7.82
C ARG A 13 8.36 5.83 -8.16
N ARG A 14 9.18 5.18 -7.33
CA ARG A 14 10.65 5.02 -7.54
C ARG A 14 11.15 3.64 -6.96
N PRO A 15 12.23 2.99 -7.49
CA PRO A 15 12.75 1.73 -6.90
C PRO A 15 13.60 1.99 -5.61
N ARG A 16 13.13 1.52 -4.44
CA ARG A 16 13.86 1.73 -3.15
C ARG A 16 15.20 0.93 -3.06
N SER A 17 15.16 -0.39 -2.80
CA SER A 17 16.40 -1.24 -2.72
C SER A 17 16.18 -2.76 -3.05
N LEU A 18 15.11 -3.19 -3.77
CA LEU A 18 14.74 -4.64 -3.96
C LEU A 18 14.28 -5.40 -2.67
N GLU A 19 15.09 -5.35 -1.60
CA GLU A 19 14.71 -5.77 -0.22
C GLU A 19 13.38 -5.19 0.38
N THR A 20 13.00 -3.93 0.05
CA THR A 20 11.64 -3.38 0.33
C THR A 20 10.47 -4.22 -0.28
N VAL A 21 10.51 -4.50 -1.60
CA VAL A 21 9.54 -5.44 -2.27
C VAL A 21 9.60 -6.90 -1.70
N ARG A 22 10.81 -7.46 -1.47
CA ARG A 22 11.00 -8.72 -0.71
C ARG A 22 10.36 -8.76 0.73
N ARG A 23 10.50 -7.69 1.54
CA ARG A 23 9.73 -7.53 2.81
C ARG A 23 8.18 -7.38 2.64
N TRP A 24 7.68 -6.61 1.66
CA TRP A 24 6.23 -6.59 1.27
C TRP A 24 5.62 -7.97 0.83
N VAL A 25 6.36 -8.78 0.05
CA VAL A 25 6.01 -10.21 -0.23
C VAL A 25 6.07 -11.13 1.05
N ARG A 26 7.15 -11.10 1.83
CA ARG A 26 7.21 -11.74 3.19
C ARG A 26 6.09 -11.36 4.21
N GLU A 27 5.70 -10.07 4.31
CA GLU A 27 4.46 -9.65 5.02
C GLU A 27 3.08 -10.14 4.44
N SER A 28 3.04 -10.73 3.23
CA SER A 28 1.79 -11.15 2.51
C SER A 28 0.78 -10.01 2.18
N ARG A 29 1.28 -8.87 1.67
CA ARG A 29 0.43 -7.69 1.33
C ARG A 29 0.70 -7.18 -0.12
N ILE A 30 0.56 -8.05 -1.13
CA ILE A 30 0.75 -7.72 -2.58
C ILE A 30 -0.43 -8.42 -3.33
N PHE A 31 -1.29 -7.65 -4.02
CA PHE A 31 -2.47 -8.22 -4.74
C PHE A 31 -2.65 -7.64 -6.20
N PRO A 32 -2.94 -8.46 -7.27
CA PRO A 32 -2.94 -9.95 -7.22
C PRO A 32 -1.50 -10.60 -7.11
N PRO A 33 -1.33 -11.84 -6.57
CA PRO A 33 0.03 -12.41 -6.28
C PRO A 33 0.93 -12.71 -7.54
N PRO A 34 2.29 -12.55 -7.50
CA PRO A 34 3.15 -12.74 -8.69
C PRO A 34 3.32 -14.21 -9.18
N VAL A 35 3.41 -14.38 -10.51
CA VAL A 35 3.55 -15.71 -11.16
C VAL A 35 5.04 -16.17 -11.06
N LYS A 36 5.30 -17.19 -10.21
CA LYS A 36 6.66 -17.77 -10.03
C LYS A 36 7.02 -18.73 -11.21
N ASP A 37 7.94 -18.31 -12.08
CA ASP A 37 8.23 -19.04 -13.34
C ASP A 37 9.78 -19.11 -13.56
N GLY A 38 10.40 -20.28 -13.30
CA GLY A 38 11.89 -20.44 -13.39
C GLY A 38 12.76 -19.55 -12.46
N ARG A 39 12.40 -19.44 -11.17
CA ARG A 39 12.93 -18.39 -10.25
C ARG A 39 12.62 -16.88 -10.59
N GLU A 40 11.69 -16.56 -11.52
CA GLU A 40 11.29 -15.15 -11.84
C GLU A 40 9.83 -14.94 -11.36
N TYR A 41 9.65 -14.09 -10.32
CA TYR A 41 8.30 -13.65 -9.86
C TYR A 41 7.77 -12.50 -10.78
N LEU A 42 6.85 -12.85 -11.68
CA LEU A 42 6.23 -11.86 -12.62
C LEU A 42 4.93 -11.27 -12.00
N PHE A 43 5.00 -10.01 -11.55
CA PHE A 43 3.84 -9.28 -10.96
C PHE A 43 2.76 -8.97 -12.04
N HIS A 44 1.53 -8.59 -11.64
CA HIS A 44 0.55 -8.03 -12.62
C HIS A 44 0.87 -6.53 -12.96
N GLU A 45 0.57 -6.13 -14.22
CA GLU A 45 0.58 -4.70 -14.65
C GLU A 45 -0.19 -3.69 -13.74
N SER A 46 -1.40 -4.04 -13.25
CA SER A 46 -2.04 -3.33 -12.11
C SER A 46 -1.95 -4.13 -10.74
N ALA A 47 -0.75 -4.52 -10.29
CA ALA A 47 -0.54 -5.02 -8.90
C ALA A 47 -0.25 -3.87 -7.88
N VAL A 48 -0.89 -3.96 -6.71
CA VAL A 48 -0.79 -2.92 -5.64
C VAL A 48 -0.60 -3.60 -4.24
N LYS A 49 -0.19 -2.83 -3.21
CA LYS A 49 0.01 -3.35 -1.84
C LYS A 49 -1.34 -3.43 -1.05
N VAL A 50 -1.79 -4.65 -0.67
CA VAL A 50 -3.12 -4.84 -0.02
C VAL A 50 -3.05 -4.67 1.53
N ASP A 51 -3.63 -3.58 2.06
CA ASP A 51 -3.76 -3.34 3.53
C ASP A 51 -5.07 -3.97 4.14
N LEU A 52 -5.07 -4.19 5.47
CA LEU A 52 -6.20 -4.86 6.18
C LEU A 52 -7.54 -4.03 6.23
N ASN A 53 -8.69 -4.70 6.07
CA ASN A 53 -10.02 -4.04 6.05
C ASN A 53 -10.55 -3.65 7.46
N ARG A 54 -10.55 -2.34 7.78
CA ARG A 54 -10.99 -1.82 9.10
C ARG A 54 -11.88 -0.53 8.89
N PRO A 55 -13.24 -0.61 8.75
CA PRO A 55 -14.10 0.61 8.58
C PRO A 55 -14.34 1.41 9.89
N VAL A 56 -14.51 2.74 9.76
CA VAL A 56 -14.69 3.66 10.91
C VAL A 56 -16.16 3.69 11.43
N THR A 57 -16.38 3.42 12.73
CA THR A 57 -17.72 3.58 13.37
C THR A 57 -17.90 5.04 13.94
N GLY A 58 -18.19 5.98 13.03
CA GLY A 58 -18.31 7.42 13.38
C GLY A 58 -19.72 7.85 13.82
N SER A 59 -19.86 8.32 15.07
CA SER A 59 -21.17 8.76 15.63
C SER A 59 -21.64 10.14 15.06
N LEU A 60 -22.84 10.18 14.45
CA LEU A 60 -23.40 11.43 13.84
C LEU A 60 -23.94 12.42 14.92
N LEU A 61 -23.39 13.65 14.96
CA LEU A 61 -23.84 14.72 15.90
C LEU A 61 -25.19 15.37 15.42
N LYS A 62 -26.18 15.44 16.33
CA LYS A 62 -27.53 15.99 16.02
C LYS A 62 -27.85 17.25 16.89
N ARG A 63 -28.23 18.36 16.24
CA ARG A 63 -28.53 19.64 16.94
C ARG A 63 -29.96 19.70 17.57
N ILE A 64 -30.06 20.08 18.86
CA ILE A 64 -31.37 20.24 19.57
C ILE A 64 -31.67 21.76 19.84
N ARG A 65 -32.96 22.14 19.74
CA ARG A 65 -33.44 23.53 20.05
C ARG A 65 -34.67 23.49 21.00
N ASN A 66 -34.60 24.21 22.13
CA ASN A 66 -35.77 24.43 23.03
C ASN A 66 -36.58 25.71 22.65
N GLY A 67 -37.91 25.66 22.79
CA GLY A 67 -38.81 26.83 22.55
C GLY A 67 -39.51 27.33 23.83
N LYS A 68 -40.68 26.76 24.16
CA LYS A 68 -41.49 27.14 25.36
C LYS A 68 -42.01 28.62 25.35
N LYS A 69 -43.20 28.85 24.75
CA LYS A 69 -43.91 30.15 24.83
C LYS A 69 -44.71 30.29 26.17
N ALA A 70 -44.49 31.37 26.92
CA ALA A 70 -45.23 31.68 28.17
C ALA A 70 -45.79 33.14 28.14
N LYS A 71 -47.03 33.34 28.64
CA LYS A 71 -47.65 34.69 28.73
C LYS A 71 -46.89 35.74 29.62
N SER A 72 -46.49 35.36 30.85
CA SER A 72 -45.62 36.21 31.72
C SER A 72 -44.17 35.68 31.78
N MET A 1 -0.62 -8.13 -18.80
CA MET A 1 0.74 -8.20 -19.39
C MET A 1 1.75 -9.08 -18.59
N TYR A 2 1.90 -8.85 -17.27
CA TYR A 2 2.89 -9.54 -16.39
C TYR A 2 4.35 -9.02 -16.59
N LEU A 3 4.82 -8.10 -15.72
CA LEU A 3 6.22 -7.59 -15.75
C LEU A 3 7.12 -8.21 -14.63
N THR A 4 8.45 -8.16 -14.84
CA THR A 4 9.46 -8.68 -13.86
C THR A 4 9.48 -7.91 -12.49
N LEU A 5 9.91 -8.57 -11.39
CA LEU A 5 10.06 -7.94 -10.04
C LEU A 5 10.85 -6.59 -9.97
N GLN A 6 12.05 -6.53 -10.57
CA GLN A 6 12.80 -5.26 -10.81
C GLN A 6 12.04 -4.20 -11.69
N GLU A 7 11.42 -4.62 -12.82
CA GLU A 7 10.50 -3.74 -13.60
C GLU A 7 9.21 -3.24 -12.84
N TRP A 8 8.57 -4.06 -11.98
CA TRP A 8 7.55 -3.59 -11.00
C TRP A 8 8.07 -2.50 -10.01
N ASN A 9 9.21 -2.71 -9.33
CA ASN A 9 9.85 -1.68 -8.46
C ASN A 9 10.20 -0.32 -9.19
N ALA A 10 10.84 -0.37 -10.36
CA ALA A 10 10.95 0.80 -11.29
C ALA A 10 9.62 1.45 -11.80
N ARG A 11 8.59 0.64 -12.14
CA ARG A 11 7.23 1.14 -12.51
C ARG A 11 6.38 1.80 -11.36
N GLN A 12 6.59 1.45 -10.08
CA GLN A 12 6.01 2.24 -8.95
C GLN A 12 6.69 3.64 -8.81
N ARG A 13 5.90 4.72 -8.61
CA ARG A 13 6.40 6.13 -8.76
C ARG A 13 7.69 6.55 -7.97
N ARG A 14 7.84 6.14 -6.70
CA ARG A 14 9.16 6.18 -6.00
C ARG A 14 9.75 4.74 -5.90
N PRO A 15 10.84 4.35 -6.62
CA PRO A 15 11.46 3.00 -6.49
C PRO A 15 12.31 2.84 -5.18
N ARG A 16 12.14 1.70 -4.50
CA ARG A 16 12.78 1.43 -3.18
C ARG A 16 13.87 0.30 -3.25
N SER A 17 14.35 -0.17 -2.09
CA SER A 17 15.22 -1.38 -2.02
C SER A 17 14.45 -2.70 -2.38
N LEU A 18 15.10 -3.57 -3.18
CA LEU A 18 14.56 -4.92 -3.51
C LEU A 18 14.32 -5.88 -2.29
N GLU A 19 15.18 -5.84 -1.25
CA GLU A 19 14.89 -6.42 0.10
C GLU A 19 13.57 -5.95 0.80
N THR A 20 13.22 -4.65 0.74
CA THR A 20 11.88 -4.13 1.18
C THR A 20 10.67 -4.71 0.38
N VAL A 21 10.71 -4.71 -0.97
CA VAL A 21 9.73 -5.46 -1.83
C VAL A 21 9.66 -7.00 -1.52
N ARG A 22 10.80 -7.70 -1.38
CA ARG A 22 10.86 -9.11 -0.89
C ARG A 22 10.22 -9.36 0.52
N ARG A 23 10.45 -8.48 1.52
CA ARG A 23 9.69 -8.50 2.82
C ARG A 23 8.15 -8.20 2.69
N TRP A 24 7.71 -7.26 1.83
CA TRP A 24 6.28 -7.09 1.44
C TRP A 24 5.60 -8.34 0.77
N VAL A 25 6.31 -9.08 -0.10
CA VAL A 25 5.90 -10.45 -0.55
C VAL A 25 5.81 -11.49 0.63
N ARG A 26 6.83 -11.58 1.51
CA ARG A 26 6.75 -12.39 2.76
C ARG A 26 5.62 -12.04 3.78
N GLU A 27 5.25 -10.76 3.98
CA GLU A 27 3.96 -10.37 4.61
C GLU A 27 2.63 -10.67 3.81
N SER A 28 2.67 -10.97 2.50
CA SER A 28 1.50 -10.96 1.58
C SER A 28 0.75 -9.58 1.44
N ARG A 29 1.53 -8.50 1.23
CA ARG A 29 0.99 -7.11 1.02
C ARG A 29 0.64 -6.75 -0.45
N ILE A 30 1.45 -7.17 -1.45
CA ILE A 30 1.24 -6.78 -2.88
C ILE A 30 0.15 -7.69 -3.51
N PHE A 31 -1.04 -7.12 -3.76
CA PHE A 31 -2.27 -7.90 -4.11
C PHE A 31 -2.92 -7.42 -5.44
N PRO A 32 -3.34 -8.29 -6.42
CA PRO A 32 -3.24 -9.79 -6.33
C PRO A 32 -1.78 -10.39 -6.41
N PRO A 33 -1.47 -11.57 -5.80
CA PRO A 33 -0.07 -12.05 -5.65
C PRO A 33 0.67 -12.47 -6.98
N PRO A 34 2.02 -12.28 -7.14
CA PRO A 34 2.74 -12.58 -8.41
C PRO A 34 3.02 -14.09 -8.68
N VAL A 35 3.05 -14.48 -9.97
CA VAL A 35 3.28 -15.91 -10.37
C VAL A 35 4.80 -16.23 -10.51
N LYS A 36 5.28 -17.27 -9.80
CA LYS A 36 6.70 -17.70 -9.88
C LYS A 36 6.97 -18.64 -11.09
N ASP A 37 7.82 -18.19 -12.04
CA ASP A 37 8.22 -19.01 -13.21
C ASP A 37 9.47 -19.90 -12.89
N GLY A 38 10.69 -19.32 -12.87
CA GLY A 38 11.94 -20.05 -12.51
C GLY A 38 13.23 -19.21 -12.75
N ARG A 39 13.28 -18.01 -12.16
CA ARG A 39 14.19 -16.89 -12.57
C ARG A 39 13.74 -15.58 -11.84
N GLU A 40 12.48 -15.13 -12.09
CA GLU A 40 11.92 -13.87 -11.54
C GLU A 40 10.37 -14.00 -11.39
N TYR A 41 9.80 -13.37 -10.35
CA TYR A 41 8.33 -13.32 -10.14
C TYR A 41 7.60 -12.40 -11.17
N LEU A 42 6.51 -12.91 -11.76
CA LEU A 42 5.72 -12.18 -12.77
C LEU A 42 4.54 -11.41 -12.08
N PHE A 43 4.72 -10.10 -11.93
CA PHE A 43 3.72 -9.19 -11.31
C PHE A 43 2.75 -8.64 -12.39
N HIS A 44 1.43 -8.78 -12.22
CA HIS A 44 0.45 -8.14 -13.13
C HIS A 44 0.47 -6.58 -13.02
N GLU A 45 0.29 -5.86 -14.15
CA GLU A 45 0.18 -4.36 -14.17
C GLU A 45 -1.20 -3.87 -13.58
N SER A 46 -1.28 -3.92 -12.24
CA SER A 46 -2.53 -3.90 -11.42
C SER A 46 -2.20 -4.27 -9.92
N ALA A 47 -1.31 -5.27 -9.65
CA ALA A 47 -0.88 -5.65 -8.28
C ALA A 47 -0.19 -4.52 -7.47
N VAL A 48 -0.78 -4.16 -6.32
CA VAL A 48 -0.34 -2.99 -5.50
C VAL A 48 -0.26 -3.37 -3.99
N LYS A 49 0.68 -2.73 -3.26
CA LYS A 49 0.80 -2.89 -1.78
C LYS A 49 -0.43 -2.39 -0.98
N VAL A 50 -1.05 -3.28 -0.17
CA VAL A 50 -2.28 -2.92 0.62
C VAL A 50 -1.89 -2.05 1.86
N ASP A 51 -1.96 -0.72 1.67
CA ASP A 51 -1.53 0.29 2.65
C ASP A 51 -2.64 0.51 3.73
N LEU A 52 -2.47 -0.11 4.92
CA LEU A 52 -3.47 -0.08 6.02
C LEU A 52 -3.64 1.34 6.66
N ASN A 53 -4.54 2.14 6.07
CA ASN A 53 -4.87 3.50 6.53
C ASN A 53 -6.43 3.57 6.66
N ARG A 54 -6.95 3.84 7.87
CA ARG A 54 -8.41 4.07 8.06
C ARG A 54 -8.92 5.39 7.36
N PRO A 55 -10.18 5.50 6.84
CA PRO A 55 -10.70 6.77 6.24
C PRO A 55 -10.82 7.99 7.21
N VAL A 56 -11.39 7.82 8.42
CA VAL A 56 -11.40 8.87 9.50
C VAL A 56 -12.14 10.19 9.05
N THR A 57 -13.48 10.11 8.90
CA THR A 57 -14.26 11.18 8.21
C THR A 57 -14.67 12.30 9.22
N GLY A 58 -13.88 13.40 9.28
CA GLY A 58 -14.11 14.50 10.24
C GLY A 58 -15.24 15.50 9.88
N SER A 59 -16.49 15.09 10.08
CA SER A 59 -17.69 15.89 9.70
C SER A 59 -18.16 16.84 10.85
N LEU A 60 -17.56 18.03 10.96
CA LEU A 60 -17.90 19.02 12.03
C LEU A 60 -19.04 19.98 11.57
N LEU A 61 -20.25 19.84 12.17
CA LEU A 61 -21.41 20.71 11.87
C LEU A 61 -22.23 20.94 13.18
N LYS A 62 -22.25 22.18 13.68
CA LYS A 62 -23.04 22.57 14.90
C LYS A 62 -24.19 23.55 14.51
N ARG A 63 -25.45 23.18 14.84
CA ARG A 63 -26.64 24.05 14.60
C ARG A 63 -26.90 25.06 15.78
N ILE A 64 -27.37 26.27 15.45
CA ILE A 64 -27.83 27.27 16.46
C ILE A 64 -29.39 27.32 16.56
N ARG A 65 -29.91 27.63 17.77
CA ARG A 65 -31.37 27.78 18.01
C ARG A 65 -31.95 29.16 17.56
N ASN A 66 -33.13 29.15 16.91
CA ASN A 66 -33.83 30.39 16.44
C ASN A 66 -34.77 31.01 17.53
N GLY A 67 -34.61 32.32 17.80
CA GLY A 67 -35.46 33.06 18.79
C GLY A 67 -36.38 34.12 18.13
N LYS A 68 -37.70 33.98 18.32
CA LYS A 68 -38.71 34.91 17.71
C LYS A 68 -39.74 35.39 18.78
N LYS A 69 -39.97 36.72 18.88
CA LYS A 69 -40.93 37.32 19.85
C LYS A 69 -42.43 37.27 19.37
N ALA A 70 -43.34 37.10 20.34
CA ALA A 70 -44.80 37.16 20.12
C ALA A 70 -45.43 38.58 20.38
N LYS A 71 -46.70 38.78 19.94
CA LYS A 71 -47.46 40.03 20.21
C LYS A 71 -47.94 40.14 21.70
N SER A 72 -47.68 41.30 22.34
CA SER A 72 -48.14 41.59 23.72
C SER A 72 -48.84 42.97 23.79
N MET A 1 -0.48 -9.20 -18.46
CA MET A 1 0.78 -8.75 -19.09
C MET A 1 2.10 -9.21 -18.36
N TYR A 2 2.10 -9.35 -17.02
CA TYR A 2 3.19 -10.01 -16.24
C TYR A 2 4.55 -9.23 -16.23
N LEU A 3 4.68 -8.28 -15.30
CA LEU A 3 5.86 -7.39 -15.16
C LEU A 3 6.89 -7.95 -14.12
N THR A 4 8.19 -7.98 -14.48
CA THR A 4 9.30 -8.48 -13.61
C THR A 4 9.48 -7.67 -12.28
N LEU A 5 9.99 -8.30 -11.19
CA LEU A 5 10.16 -7.66 -9.84
C LEU A 5 10.93 -6.30 -9.80
N GLN A 6 12.11 -6.22 -10.41
CA GLN A 6 12.84 -4.93 -10.64
C GLN A 6 12.04 -3.84 -11.44
N GLU A 7 11.41 -4.25 -12.56
CA GLU A 7 10.46 -3.40 -13.32
C GLU A 7 9.18 -2.94 -12.52
N TRP A 8 8.53 -3.84 -11.75
CA TRP A 8 7.48 -3.47 -10.76
C TRP A 8 7.93 -2.44 -9.67
N ASN A 9 9.07 -2.66 -8.98
CA ASN A 9 9.71 -1.62 -8.11
C ASN A 9 9.94 -0.22 -8.78
N ALA A 10 10.49 -0.18 -10.02
CA ALA A 10 10.53 1.06 -10.84
C ALA A 10 9.17 1.72 -11.24
N ARG A 11 8.11 0.94 -11.50
CA ARG A 11 6.72 1.49 -11.67
C ARG A 11 5.96 1.89 -10.36
N GLN A 12 6.39 1.52 -9.13
CA GLN A 12 5.75 1.98 -7.86
C GLN A 12 6.26 3.36 -7.36
N ARG A 13 6.00 4.46 -8.11
CA ARG A 13 6.50 5.85 -7.80
C ARG A 13 8.06 6.06 -7.92
N ARG A 14 8.84 5.31 -7.14
CA ARG A 14 10.32 5.45 -7.04
C ARG A 14 10.98 4.09 -6.60
N PRO A 15 12.01 3.52 -7.31
CA PRO A 15 12.64 2.23 -6.94
C PRO A 15 13.61 2.33 -5.73
N ARG A 16 13.08 2.08 -4.53
CA ARG A 16 13.85 2.17 -3.25
C ARG A 16 14.79 0.95 -2.99
N SER A 17 14.26 -0.29 -2.95
CA SER A 17 15.09 -1.52 -2.85
C SER A 17 14.26 -2.78 -3.28
N LEU A 18 14.94 -3.71 -3.97
CA LEU A 18 14.40 -5.07 -4.23
C LEU A 18 14.19 -5.95 -2.93
N GLU A 19 15.05 -5.82 -1.90
CA GLU A 19 14.76 -6.31 -0.52
C GLU A 19 13.47 -5.72 0.15
N THR A 20 13.14 -4.43 -0.05
CA THR A 20 11.82 -3.83 0.35
C THR A 20 10.58 -4.53 -0.31
N VAL A 21 10.57 -4.74 -1.64
CA VAL A 21 9.58 -5.62 -2.33
C VAL A 21 9.56 -7.11 -1.83
N ARG A 22 10.72 -7.75 -1.62
CA ARG A 22 10.82 -9.10 -0.99
C ARG A 22 10.18 -9.23 0.45
N ARG A 23 10.43 -8.27 1.38
CA ARG A 23 9.65 -8.18 2.65
C ARG A 23 8.12 -7.89 2.52
N TRP A 24 7.67 -7.08 1.54
CA TRP A 24 6.23 -6.92 1.19
C TRP A 24 5.51 -8.22 0.67
N VAL A 25 6.19 -9.05 -0.15
CA VAL A 25 5.73 -10.44 -0.48
C VAL A 25 5.73 -11.39 0.78
N ARG A 26 6.83 -11.47 1.54
CA ARG A 26 6.88 -12.21 2.84
C ARG A 26 5.88 -11.79 3.97
N GLU A 27 5.54 -10.49 4.13
CA GLU A 27 4.35 -10.07 4.93
C GLU A 27 2.93 -10.26 4.26
N SER A 28 2.85 -10.75 3.00
CA SER A 28 1.57 -10.93 2.24
C SER A 28 0.67 -9.66 2.10
N ARG A 29 1.25 -8.55 1.60
CA ARG A 29 0.50 -7.28 1.38
C ARG A 29 0.72 -6.70 -0.07
N ILE A 30 0.54 -7.52 -1.12
CA ILE A 30 0.49 -7.07 -2.55
C ILE A 30 -0.64 -7.90 -3.24
N PHE A 31 -1.65 -7.23 -3.83
CA PHE A 31 -2.77 -7.92 -4.54
C PHE A 31 -2.98 -7.38 -6.01
N PRO A 32 -3.18 -8.23 -7.08
CA PRO A 32 -3.11 -9.72 -7.00
C PRO A 32 -1.68 -10.33 -6.80
N PRO A 33 -1.50 -11.57 -6.22
CA PRO A 33 -0.15 -12.11 -5.88
C PRO A 33 0.76 -12.51 -7.11
N PRO A 34 2.11 -12.35 -7.08
CA PRO A 34 2.98 -12.66 -8.25
C PRO A 34 3.24 -14.17 -8.55
N VAL A 35 3.37 -14.51 -9.85
CA VAL A 35 3.64 -15.91 -10.29
C VAL A 35 5.18 -16.11 -10.39
N LYS A 36 5.78 -16.93 -9.50
CA LYS A 36 7.22 -17.28 -9.57
C LYS A 36 7.52 -18.28 -10.72
N ASP A 37 8.22 -17.82 -11.77
CA ASP A 37 8.36 -18.57 -13.06
C ASP A 37 9.84 -18.49 -13.54
N GLY A 38 10.58 -19.62 -13.49
CA GLY A 38 12.04 -19.64 -13.87
C GLY A 38 13.02 -18.73 -13.07
N ARG A 39 12.85 -18.62 -11.75
CA ARG A 39 13.49 -17.55 -10.92
C ARG A 39 13.21 -16.05 -11.29
N GLU A 40 12.00 -15.75 -11.81
CA GLU A 40 11.47 -14.37 -11.96
C GLU A 40 10.03 -14.31 -11.37
N TYR A 41 9.79 -13.36 -10.45
CA TYR A 41 8.43 -13.08 -9.92
C TYR A 41 7.63 -12.19 -10.92
N LEU A 42 6.59 -12.77 -11.51
CA LEU A 42 5.72 -12.11 -12.52
C LEU A 42 4.55 -11.36 -11.81
N PHE A 43 4.72 -10.05 -11.59
CA PHE A 43 3.66 -9.18 -10.99
C PHE A 43 2.74 -8.68 -12.13
N HIS A 44 1.44 -9.04 -12.14
CA HIS A 44 0.49 -8.52 -13.16
C HIS A 44 0.41 -6.95 -13.16
N GLU A 45 0.38 -6.30 -14.34
CA GLU A 45 0.47 -4.81 -14.45
C GLU A 45 -0.85 -4.10 -13.99
N SER A 46 -0.92 -3.84 -12.67
CA SER A 46 -2.18 -3.67 -11.87
C SER A 46 -1.94 -4.02 -10.35
N ALA A 47 -1.06 -5.01 -10.01
CA ALA A 47 -0.69 -5.37 -8.61
C ALA A 47 -0.17 -4.19 -7.73
N VAL A 48 -0.81 -3.98 -6.58
CA VAL A 48 -0.54 -2.82 -5.68
C VAL A 48 -0.55 -3.27 -4.18
N LYS A 49 0.06 -2.44 -3.30
CA LYS A 49 0.30 -2.81 -1.88
C LYS A 49 -1.02 -2.81 -1.02
N VAL A 50 -1.58 -3.99 -0.74
CA VAL A 50 -2.90 -4.11 -0.04
C VAL A 50 -2.72 -4.03 1.51
N ASP A 51 -3.25 -2.97 2.13
CA ASP A 51 -3.27 -2.80 3.61
C ASP A 51 -4.61 -2.16 4.08
N LEU A 52 -4.88 -2.13 5.40
CA LEU A 52 -6.12 -1.51 5.95
C LEU A 52 -5.94 0.04 6.07
N ASN A 53 -6.16 0.74 4.95
CA ASN A 53 -5.89 2.19 4.82
C ASN A 53 -6.90 2.85 3.83
N ARG A 54 -7.67 3.84 4.27
CA ARG A 54 -8.47 4.70 3.34
C ARG A 54 -8.63 6.14 3.94
N PRO A 55 -7.70 7.13 3.74
CA PRO A 55 -7.90 8.51 4.26
C PRO A 55 -9.01 9.35 3.53
N VAL A 56 -8.90 9.54 2.21
CA VAL A 56 -9.98 10.16 1.37
C VAL A 56 -9.86 9.62 -0.10
N THR A 57 -11.01 9.39 -0.76
CA THR A 57 -11.05 9.03 -2.22
C THR A 57 -10.93 10.28 -3.15
N GLY A 58 -10.07 10.20 -4.18
CA GLY A 58 -9.86 11.31 -5.15
C GLY A 58 -10.63 11.16 -6.47
N SER A 59 -11.39 12.20 -6.86
CA SER A 59 -12.19 12.20 -8.13
C SER A 59 -12.12 13.58 -8.87
N LEU A 60 -12.33 13.55 -10.21
CA LEU A 60 -12.30 14.78 -11.07
C LEU A 60 -13.56 14.81 -11.99
N LEU A 61 -14.29 15.94 -12.00
CA LEU A 61 -15.46 16.16 -12.90
C LEU A 61 -15.27 17.47 -13.74
N LYS A 62 -15.52 17.38 -15.06
CA LYS A 62 -15.48 18.53 -16.00
C LYS A 62 -16.92 18.95 -16.43
N ARG A 63 -17.22 20.27 -16.50
CA ARG A 63 -18.54 20.77 -16.97
C ARG A 63 -18.37 21.88 -18.06
N ILE A 64 -18.94 21.65 -19.25
CA ILE A 64 -19.07 22.68 -20.33
C ILE A 64 -20.29 23.64 -20.08
N ARG A 65 -20.13 24.94 -20.42
CA ARG A 65 -21.20 25.97 -20.29
C ARG A 65 -21.46 26.68 -21.65
N ASN A 66 -22.70 26.65 -22.16
CA ASN A 66 -23.10 27.37 -23.40
C ASN A 66 -23.49 28.87 -23.15
N GLY A 67 -23.38 29.71 -24.20
CA GLY A 67 -23.72 31.16 -24.12
C GLY A 67 -24.18 31.75 -25.47
N LYS A 68 -25.09 32.74 -25.42
CA LYS A 68 -25.75 33.30 -26.65
C LYS A 68 -26.03 34.83 -26.50
N LYS A 69 -25.71 35.62 -27.53
CA LYS A 69 -25.99 37.09 -27.57
C LYS A 69 -27.50 37.47 -27.79
N ALA A 70 -27.92 38.62 -27.21
CA ALA A 70 -29.29 39.16 -27.39
C ALA A 70 -29.28 40.60 -28.01
N LYS A 71 -30.16 40.86 -28.99
CA LYS A 71 -30.39 42.25 -29.51
C LYS A 71 -31.54 42.97 -28.73
N SER A 72 -32.83 42.65 -29.01
CA SER A 72 -34.00 43.33 -28.39
C SER A 72 -35.22 42.37 -28.33
N MET A 1 1.05 -9.75 -21.07
CA MET A 1 0.92 -9.20 -19.70
C MET A 1 2.06 -9.65 -18.72
N TYR A 2 2.14 -8.97 -17.57
CA TYR A 2 3.07 -9.26 -16.44
C TYR A 2 4.48 -8.59 -16.65
N LEU A 3 4.91 -7.76 -15.69
CA LEU A 3 6.26 -7.13 -15.66
C LEU A 3 7.17 -7.71 -14.52
N THR A 4 8.50 -7.58 -14.65
CA THR A 4 9.49 -8.14 -13.68
C THR A 4 9.49 -7.40 -12.28
N LEU A 5 10.01 -8.03 -11.20
CA LEU A 5 10.13 -7.39 -9.84
C LEU A 5 10.79 -5.97 -9.79
N GLN A 6 11.96 -5.79 -10.44
CA GLN A 6 12.58 -4.45 -10.66
C GLN A 6 11.75 -3.45 -11.53
N GLU A 7 11.13 -3.91 -12.63
CA GLU A 7 10.10 -3.12 -13.38
C GLU A 7 8.82 -2.74 -12.56
N TRP A 8 8.24 -3.64 -11.74
CA TRP A 8 7.20 -3.28 -10.73
C TRP A 8 7.67 -2.22 -9.67
N ASN A 9 8.85 -2.39 -9.05
CA ASN A 9 9.44 -1.38 -8.13
C ASN A 9 9.68 0.03 -8.78
N ALA A 10 10.24 0.10 -10.02
CA ALA A 10 10.21 1.32 -10.85
C ALA A 10 8.81 1.88 -11.29
N ARG A 11 7.82 1.02 -11.60
CA ARG A 11 6.39 1.43 -11.80
C ARG A 11 5.72 2.16 -10.59
N GLN A 12 5.96 1.75 -9.33
CA GLN A 12 5.37 2.43 -8.13
C GLN A 12 6.10 3.78 -7.78
N ARG A 13 5.96 4.78 -8.66
CA ARG A 13 6.75 6.06 -8.63
C ARG A 13 8.29 5.95 -8.90
N ARG A 14 9.04 5.23 -8.04
CA ARG A 14 10.52 5.12 -8.13
C ARG A 14 11.04 3.85 -7.38
N PRO A 15 12.14 3.14 -7.77
CA PRO A 15 12.55 1.87 -7.11
C PRO A 15 13.15 2.06 -5.68
N ARG A 16 12.30 1.81 -4.66
CA ARG A 16 12.68 1.97 -3.22
C ARG A 16 13.76 0.95 -2.75
N SER A 17 13.43 -0.35 -2.62
CA SER A 17 14.44 -1.42 -2.41
C SER A 17 13.85 -2.81 -2.79
N LEU A 18 14.61 -3.60 -3.56
CA LEU A 18 14.19 -4.97 -4.00
C LEU A 18 14.01 -6.01 -2.82
N GLU A 19 14.89 -6.00 -1.80
CA GLU A 19 14.63 -6.66 -0.48
C GLU A 19 13.37 -6.19 0.31
N THR A 20 13.03 -4.88 0.31
CA THR A 20 11.73 -4.36 0.83
C THR A 20 10.47 -4.87 0.05
N VAL A 21 10.47 -4.86 -1.30
CA VAL A 21 9.46 -5.60 -2.14
C VAL A 21 9.33 -7.13 -1.78
N ARG A 22 10.44 -7.87 -1.68
CA ARG A 22 10.44 -9.28 -1.18
C ARG A 22 9.92 -9.47 0.29
N ARG A 23 10.28 -8.60 1.25
CA ARG A 23 9.62 -8.54 2.60
C ARG A 23 8.09 -8.19 2.60
N TRP A 24 7.63 -7.27 1.75
CA TRP A 24 6.18 -7.07 1.45
C TRP A 24 5.43 -8.31 0.85
N VAL A 25 6.05 -9.10 -0.04
CA VAL A 25 5.55 -10.45 -0.45
C VAL A 25 5.55 -11.49 0.73
N ARG A 26 6.64 -11.64 1.51
CA ARG A 26 6.62 -12.45 2.78
C ARG A 26 5.50 -12.09 3.82
N GLU A 27 5.28 -10.79 4.10
CA GLU A 27 4.15 -10.34 4.97
C GLU A 27 2.75 -10.20 4.25
N SER A 28 2.53 -10.86 3.08
CA SER A 28 1.25 -10.84 2.29
C SER A 28 0.61 -9.44 2.00
N ARG A 29 1.38 -8.53 1.40
CA ARG A 29 0.98 -7.10 1.24
C ARG A 29 0.66 -6.69 -0.23
N ILE A 30 1.51 -7.06 -1.22
CA ILE A 30 1.27 -6.75 -2.66
C ILE A 30 0.21 -7.74 -3.27
N PHE A 31 -0.93 -7.21 -3.72
CA PHE A 31 -2.06 -8.02 -4.26
C PHE A 31 -2.43 -7.61 -5.74
N PRO A 32 -2.66 -8.55 -6.72
CA PRO A 32 -2.46 -10.01 -6.54
C PRO A 32 -0.96 -10.47 -6.39
N PRO A 33 -0.61 -11.60 -5.71
CA PRO A 33 0.79 -12.04 -5.53
C PRO A 33 1.53 -12.42 -6.87
N PRO A 34 2.87 -12.22 -7.04
CA PRO A 34 3.56 -12.52 -8.32
C PRO A 34 3.63 -14.02 -8.71
N VAL A 35 3.53 -14.30 -10.01
CA VAL A 35 3.69 -15.68 -10.55
C VAL A 35 5.20 -16.08 -10.47
N LYS A 36 5.52 -17.07 -9.63
CA LYS A 36 6.92 -17.57 -9.49
C LYS A 36 7.31 -18.50 -10.69
N ASP A 37 7.76 -17.87 -11.78
CA ASP A 37 8.30 -18.56 -12.97
C ASP A 37 9.73 -19.14 -12.71
N GLY A 38 10.14 -20.14 -13.52
CA GLY A 38 11.44 -20.88 -13.41
C GLY A 38 12.61 -20.38 -12.52
N ARG A 39 13.13 -19.17 -12.81
CA ARG A 39 13.92 -18.41 -11.80
C ARG A 39 13.62 -16.86 -11.84
N GLU A 40 12.34 -16.43 -11.76
CA GLU A 40 11.95 -14.98 -11.75
C GLU A 40 10.48 -14.78 -11.26
N TYR A 41 10.23 -13.77 -10.41
CA TYR A 41 8.86 -13.36 -10.00
C TYR A 41 8.21 -12.39 -11.04
N LEU A 42 7.09 -12.82 -11.64
CA LEU A 42 6.33 -12.02 -12.64
C LEU A 42 5.12 -11.31 -11.95
N PHE A 43 5.25 -9.99 -11.73
CA PHE A 43 4.18 -9.15 -11.13
C PHE A 43 3.16 -8.66 -12.20
N HIS A 44 1.90 -8.45 -11.81
CA HIS A 44 0.87 -7.86 -12.73
C HIS A 44 0.96 -6.30 -12.79
N GLU A 45 0.62 -5.71 -13.96
CA GLU A 45 0.42 -4.23 -14.10
C GLU A 45 -0.63 -3.58 -13.13
N SER A 46 -1.75 -4.26 -12.80
CA SER A 46 -2.59 -3.88 -11.63
C SER A 46 -2.27 -4.68 -10.31
N ALA A 47 -0.99 -4.82 -9.94
CA ALA A 47 -0.56 -5.28 -8.58
C ALA A 47 -0.19 -4.07 -7.66
N VAL A 48 -0.83 -3.99 -6.49
CA VAL A 48 -0.70 -2.83 -5.55
C VAL A 48 -0.68 -3.32 -4.06
N LYS A 49 0.02 -2.59 -3.17
CA LYS A 49 0.11 -2.95 -1.73
C LYS A 49 -1.09 -2.46 -0.86
N VAL A 50 -1.86 -3.40 -0.28
CA VAL A 50 -3.04 -3.09 0.59
C VAL A 50 -2.66 -3.10 2.11
N ASP A 51 -1.84 -2.12 2.54
CA ASP A 51 -1.39 -1.98 3.96
C ASP A 51 -0.75 -0.57 4.20
N LEU A 52 -0.37 -0.27 5.47
CA LEU A 52 0.22 1.04 5.90
C LEU A 52 -0.77 2.26 5.84
N ASN A 53 -1.20 2.66 4.62
CA ASN A 53 -2.29 3.65 4.39
C ASN A 53 -1.89 5.11 4.78
N ARG A 54 -1.31 5.87 3.84
CA ARG A 54 -0.75 7.23 4.11
C ARG A 54 -1.81 8.37 3.91
N PRO A 55 -1.88 9.45 4.75
CA PRO A 55 -2.84 10.57 4.55
C PRO A 55 -2.50 11.53 3.37
N VAL A 56 -3.53 12.16 2.78
CA VAL A 56 -3.37 13.09 1.63
C VAL A 56 -4.42 14.25 1.71
N THR A 57 -4.01 15.49 1.38
CA THR A 57 -4.90 16.69 1.38
C THR A 57 -4.90 17.41 0.00
N GLY A 58 -6.08 17.86 -0.46
CA GLY A 58 -6.24 18.53 -1.79
C GLY A 58 -6.39 20.06 -1.72
N SER A 59 -5.34 20.79 -2.09
CA SER A 59 -5.32 22.28 -2.05
C SER A 59 -5.60 22.95 -3.44
N LEU A 60 -6.36 24.06 -3.44
CA LEU A 60 -6.64 24.87 -4.67
C LEU A 60 -6.51 26.40 -4.41
N LEU A 61 -6.07 27.17 -5.42
CA LEU A 61 -5.97 28.66 -5.33
C LEU A 61 -6.08 29.31 -6.75
N LYS A 62 -6.83 30.43 -6.88
CA LYS A 62 -6.94 31.18 -8.17
C LYS A 62 -7.04 32.71 -7.89
N ARG A 63 -6.24 33.54 -8.60
CA ARG A 63 -6.21 35.02 -8.40
C ARG A 63 -6.08 35.74 -9.78
N ILE A 64 -7.11 36.48 -10.22
CA ILE A 64 -7.08 37.29 -11.47
C ILE A 64 -6.49 38.74 -11.27
N ARG A 65 -5.96 39.33 -12.36
CA ARG A 65 -5.54 40.76 -12.40
C ARG A 65 -6.68 41.74 -12.81
N ASN A 66 -6.69 42.96 -12.24
CA ASN A 66 -7.68 44.03 -12.58
C ASN A 66 -6.96 45.30 -13.19
N GLY A 67 -7.38 45.74 -14.38
CA GLY A 67 -6.88 47.02 -14.98
C GLY A 67 -7.81 48.25 -14.78
N LYS A 68 -7.41 49.41 -15.32
CA LYS A 68 -8.15 50.70 -15.14
C LYS A 68 -7.91 51.66 -16.35
N LYS A 69 -8.98 52.30 -16.88
CA LYS A 69 -8.89 53.25 -18.03
C LYS A 69 -8.64 54.74 -17.59
N ALA A 70 -7.86 55.47 -18.41
CA ALA A 70 -7.69 56.94 -18.27
C ALA A 70 -8.61 57.77 -19.23
N LYS A 71 -8.87 59.05 -18.90
CA LYS A 71 -9.68 59.96 -19.78
C LYS A 71 -9.00 60.35 -21.14
N SER A 72 -7.76 60.86 -21.13
CA SER A 72 -7.00 61.13 -22.38
C SER A 72 -5.56 60.56 -22.25
N MET A 1 -0.72 -8.50 -19.03
CA MET A 1 0.28 -9.51 -19.49
C MET A 1 1.44 -9.90 -18.49
N TYR A 2 1.35 -9.52 -17.20
CA TYR A 2 2.40 -9.75 -16.15
C TYR A 2 3.57 -8.71 -16.20
N LEU A 3 4.23 -8.51 -15.04
CA LEU A 3 5.29 -7.48 -14.87
C LEU A 3 6.43 -8.00 -13.92
N THR A 4 7.70 -7.87 -14.35
CA THR A 4 8.90 -8.28 -13.56
C THR A 4 9.09 -7.49 -12.22
N LEU A 5 9.70 -8.11 -11.19
CA LEU A 5 9.92 -7.48 -9.84
C LEU A 5 10.67 -6.11 -9.82
N GLN A 6 11.81 -5.98 -10.54
CA GLN A 6 12.45 -4.66 -10.80
C GLN A 6 11.59 -3.61 -11.62
N GLU A 7 10.84 -4.03 -12.65
CA GLU A 7 9.85 -3.16 -13.34
C GLU A 7 8.63 -2.73 -12.44
N TRP A 8 8.04 -3.62 -11.63
CA TRP A 8 7.07 -3.24 -10.55
C TRP A 8 7.64 -2.22 -9.50
N ASN A 9 8.84 -2.48 -8.94
CA ASN A 9 9.61 -1.48 -8.13
C ASN A 9 9.90 -0.10 -8.83
N ALA A 10 10.27 -0.09 -10.13
CA ALA A 10 10.36 1.16 -10.94
C ALA A 10 9.03 1.94 -11.25
N ARG A 11 7.86 1.27 -11.37
CA ARG A 11 6.53 1.97 -11.37
C ARG A 11 6.16 2.72 -10.06
N GLN A 12 6.44 2.14 -8.88
CA GLN A 12 6.42 2.88 -7.58
C GLN A 12 7.34 4.16 -7.54
N ARG A 13 7.05 5.17 -6.69
CA ARG A 13 7.83 6.45 -6.68
C ARG A 13 9.34 6.26 -6.28
N ARG A 14 10.20 6.13 -7.32
CA ARG A 14 11.63 5.74 -7.18
C ARG A 14 11.87 4.26 -6.67
N PRO A 15 12.64 3.37 -7.37
CA PRO A 15 12.97 2.02 -6.85
C PRO A 15 14.05 2.06 -5.72
N ARG A 16 13.62 1.76 -4.48
CA ARG A 16 14.52 1.81 -3.29
C ARG A 16 15.43 0.56 -3.10
N SER A 17 14.86 -0.67 -3.09
CA SER A 17 15.65 -1.94 -3.11
C SER A 17 14.71 -3.15 -3.38
N LEU A 18 15.25 -4.16 -4.08
CA LEU A 18 14.56 -5.48 -4.27
C LEU A 18 14.25 -6.27 -2.94
N GLU A 19 15.15 -6.22 -1.93
CA GLU A 19 14.85 -6.65 -0.53
C GLU A 19 13.64 -5.97 0.18
N THR A 20 13.40 -4.65 0.03
CA THR A 20 12.15 -3.99 0.51
C THR A 20 10.83 -4.50 -0.17
N VAL A 21 10.79 -4.60 -1.52
CA VAL A 21 9.69 -5.28 -2.26
C VAL A 21 9.49 -6.80 -1.86
N ARG A 22 10.57 -7.61 -1.69
CA ARG A 22 10.46 -8.97 -1.09
C ARG A 22 9.95 -8.99 0.40
N ARG A 23 10.39 -8.08 1.29
CA ARG A 23 9.71 -7.83 2.60
C ARG A 23 8.17 -7.48 2.53
N TRP A 24 7.75 -6.64 1.58
CA TRP A 24 6.31 -6.42 1.25
C TRP A 24 5.51 -7.69 0.74
N VAL A 25 6.16 -8.59 -0.04
CA VAL A 25 5.65 -9.98 -0.30
C VAL A 25 5.57 -10.86 0.99
N ARG A 26 6.63 -10.91 1.85
CA ARG A 26 6.56 -11.55 3.20
C ARG A 26 5.43 -11.05 4.17
N GLU A 27 5.11 -9.74 4.18
CA GLU A 27 3.86 -9.22 4.80
C GLU A 27 2.48 -9.67 4.18
N SER A 28 2.44 -10.32 3.01
CA SER A 28 1.19 -10.77 2.32
C SER A 28 0.20 -9.62 1.92
N ARG A 29 0.71 -8.60 1.20
CA ARG A 29 -0.10 -7.41 0.80
C ARG A 29 -0.18 -7.13 -0.75
N ILE A 30 0.86 -7.38 -1.56
CA ILE A 30 0.83 -7.07 -3.03
C ILE A 30 -0.11 -8.08 -3.76
N PHE A 31 -1.27 -7.59 -4.22
CA PHE A 31 -2.41 -8.44 -4.65
C PHE A 31 -2.92 -8.02 -6.09
N PRO A 32 -3.14 -8.94 -7.08
CA PRO A 32 -2.91 -10.42 -6.94
C PRO A 32 -1.41 -10.87 -6.83
N PRO A 33 -1.07 -12.01 -6.14
CA PRO A 33 0.35 -12.36 -5.82
C PRO A 33 1.25 -12.79 -7.03
N PRO A 34 2.61 -12.64 -7.00
CA PRO A 34 3.47 -12.92 -8.17
C PRO A 34 3.69 -14.42 -8.54
N VAL A 35 3.69 -14.72 -9.85
CA VAL A 35 3.99 -16.07 -10.38
C VAL A 35 5.53 -16.24 -10.60
N LYS A 36 6.20 -17.11 -9.85
CA LYS A 36 7.67 -17.32 -9.98
C LYS A 36 7.99 -18.30 -11.14
N ASP A 37 8.42 -17.76 -12.29
CA ASP A 37 8.52 -18.55 -13.56
C ASP A 37 9.92 -19.22 -13.78
N GLY A 38 10.36 -20.08 -12.82
CA GLY A 38 11.72 -20.68 -12.81
C GLY A 38 12.99 -19.78 -12.97
N ARG A 39 12.89 -18.50 -12.56
CA ARG A 39 13.86 -17.42 -12.96
C ARG A 39 13.59 -16.16 -12.07
N GLU A 40 12.46 -15.46 -12.28
CA GLU A 40 12.08 -14.25 -11.49
C GLU A 40 10.55 -14.24 -11.15
N TYR A 41 10.19 -13.37 -10.20
CA TYR A 41 8.77 -13.16 -9.77
C TYR A 41 8.01 -12.24 -10.77
N LEU A 42 6.99 -12.78 -11.45
CA LEU A 42 6.10 -11.99 -12.35
C LEU A 42 4.84 -11.53 -11.55
N PHE A 43 4.83 -10.26 -11.12
CA PHE A 43 3.59 -9.59 -10.62
C PHE A 43 2.52 -9.41 -11.76
N HIS A 44 1.32 -8.95 -11.44
CA HIS A 44 0.38 -8.42 -12.46
C HIS A 44 0.64 -6.89 -12.72
N GLU A 45 0.44 -6.45 -13.98
CA GLU A 45 0.30 -5.00 -14.30
C GLU A 45 -0.82 -4.19 -13.55
N SER A 46 -1.94 -4.83 -13.15
CA SER A 46 -2.83 -4.33 -12.07
C SER A 46 -2.63 -5.05 -10.69
N ALA A 47 -1.38 -5.15 -10.18
CA ALA A 47 -1.09 -5.58 -8.77
C ALA A 47 -0.68 -4.38 -7.87
N VAL A 48 -1.34 -4.25 -6.71
CA VAL A 48 -1.05 -3.15 -5.73
C VAL A 48 -0.97 -3.72 -4.27
N LYS A 49 -0.26 -3.01 -3.38
CA LYS A 49 -0.34 -3.25 -1.91
C LYS A 49 -1.78 -3.00 -1.34
N VAL A 50 -2.51 -4.08 -1.00
CA VAL A 50 -3.95 -3.99 -0.62
C VAL A 50 -4.12 -3.25 0.76
N ASP A 51 -5.00 -2.22 0.80
CA ASP A 51 -5.11 -1.31 1.96
C ASP A 51 -5.64 -2.05 3.24
N LEU A 52 -4.85 -2.04 4.32
CA LEU A 52 -5.05 -2.94 5.51
C LEU A 52 -6.49 -2.92 6.14
N ASN A 53 -7.00 -1.74 6.53
CA ASN A 53 -8.45 -1.48 6.72
C ASN A 53 -8.63 0.05 6.93
N ARG A 54 -9.26 0.77 5.97
CA ARG A 54 -9.62 2.21 6.17
C ARG A 54 -11.07 2.50 5.66
N PRO A 55 -12.18 2.24 6.44
CA PRO A 55 -13.56 2.58 6.00
C PRO A 55 -13.90 4.11 6.04
N VAL A 56 -13.95 4.73 7.24
CA VAL A 56 -14.15 6.20 7.39
C VAL A 56 -13.50 6.66 8.74
N THR A 57 -12.58 7.64 8.68
CA THR A 57 -12.00 8.27 9.90
C THR A 57 -12.84 9.54 10.28
N GLY A 58 -13.89 9.35 11.11
CA GLY A 58 -14.82 10.46 11.47
C GLY A 58 -15.85 10.09 12.57
N SER A 59 -16.27 11.09 13.35
CA SER A 59 -17.16 10.90 14.53
C SER A 59 -18.35 11.91 14.56
N LEU A 60 -19.53 11.48 15.05
CA LEU A 60 -20.66 12.41 15.34
C LEU A 60 -20.41 13.29 16.61
N LEU A 61 -20.50 14.62 16.48
CA LEU A 61 -20.36 15.56 17.62
C LEU A 61 -21.34 16.76 17.45
N LYS A 62 -22.48 16.76 18.16
CA LYS A 62 -23.48 17.87 18.12
C LYS A 62 -23.22 18.95 19.23
N ARG A 63 -23.43 20.23 18.89
CA ARG A 63 -23.12 21.37 19.81
C ARG A 63 -24.39 21.80 20.61
N ILE A 64 -24.37 21.63 21.93
CA ILE A 64 -25.53 21.97 22.83
C ILE A 64 -25.84 23.52 22.89
N ARG A 65 -27.14 23.87 22.95
CA ARG A 65 -27.59 25.30 22.99
C ARG A 65 -28.44 25.60 24.26
N ASN A 66 -28.12 26.70 24.97
CA ASN A 66 -28.81 27.09 26.23
C ASN A 66 -28.91 28.65 26.35
N GLY A 67 -30.05 29.17 26.83
CA GLY A 67 -30.30 30.64 26.96
C GLY A 67 -31.03 31.01 28.27
N LYS A 68 -30.46 31.95 29.04
CA LYS A 68 -31.01 32.38 30.36
C LYS A 68 -32.03 33.55 30.22
N LYS A 69 -33.25 33.36 30.78
CA LYS A 69 -34.35 34.36 30.70
C LYS A 69 -34.18 35.63 31.61
N ALA A 70 -34.60 36.80 31.10
CA ALA A 70 -34.76 38.04 31.91
C ALA A 70 -36.23 38.30 32.36
N LYS A 71 -36.42 39.14 33.40
CA LYS A 71 -37.78 39.53 33.94
C LYS A 71 -38.45 38.43 34.82
N SER A 72 -39.02 38.81 35.98
CA SER A 72 -39.67 37.86 36.91
C SER A 72 -41.08 37.38 36.47
N MET A 1 0.38 -8.07 -20.54
CA MET A 1 -0.02 -8.97 -19.43
C MET A 1 0.88 -8.81 -18.17
N TYR A 2 2.16 -9.23 -18.23
CA TYR A 2 3.01 -9.42 -17.02
C TYR A 2 4.29 -8.53 -17.03
N LEU A 3 4.72 -8.12 -15.83
CA LEU A 3 5.87 -7.22 -15.60
C LEU A 3 6.86 -7.92 -14.58
N THR A 4 8.17 -7.90 -14.87
CA THR A 4 9.22 -8.42 -13.93
C THR A 4 9.21 -7.74 -12.52
N LEU A 5 9.55 -8.50 -11.44
CA LEU A 5 9.72 -7.94 -10.05
C LEU A 5 10.54 -6.62 -9.92
N GLN A 6 11.75 -6.59 -10.51
CA GLN A 6 12.59 -5.36 -10.62
C GLN A 6 11.97 -4.19 -11.46
N GLU A 7 11.31 -4.48 -12.59
CA GLU A 7 10.46 -3.48 -13.31
C GLU A 7 9.17 -3.01 -12.56
N TRP A 8 8.48 -3.88 -11.80
CA TRP A 8 7.42 -3.47 -10.82
C TRP A 8 7.97 -2.51 -9.70
N ASN A 9 9.06 -2.88 -9.00
CA ASN A 9 9.81 -1.95 -8.09
C ASN A 9 10.22 -0.57 -8.69
N ALA A 10 10.78 -0.52 -9.91
CA ALA A 10 10.97 0.74 -10.67
C ALA A 10 9.68 1.56 -11.08
N ARG A 11 8.58 0.88 -11.47
CA ARG A 11 7.25 1.54 -11.68
C ARG A 11 6.46 2.01 -10.42
N GLN A 12 6.68 1.47 -9.21
CA GLN A 12 6.12 2.06 -7.95
C GLN A 12 6.74 3.46 -7.56
N ARG A 13 6.25 4.09 -6.49
CA ARG A 13 6.54 5.52 -6.19
C ARG A 13 8.03 5.76 -5.73
N ARG A 14 8.87 6.23 -6.67
CA ARG A 14 10.36 6.02 -6.65
C ARG A 14 10.82 4.55 -6.93
N PRO A 15 12.01 4.28 -7.59
CA PRO A 15 12.65 2.94 -7.53
C PRO A 15 13.19 2.61 -6.10
N ARG A 16 12.36 1.90 -5.31
CA ARG A 16 12.71 1.49 -3.93
C ARG A 16 13.83 0.40 -3.87
N SER A 17 14.37 0.12 -2.67
CA SER A 17 15.34 -1.00 -2.48
C SER A 17 14.61 -2.38 -2.54
N LEU A 18 15.16 -3.34 -3.30
CA LEU A 18 14.56 -4.71 -3.46
C LEU A 18 14.29 -5.53 -2.16
N GLU A 19 15.09 -5.36 -1.09
CA GLU A 19 14.73 -5.77 0.30
C GLU A 19 13.39 -5.22 0.91
N THR A 20 12.94 -4.01 0.52
CA THR A 20 11.60 -3.46 0.90
C THR A 20 10.42 -4.17 0.18
N VAL A 21 10.46 -4.35 -1.17
CA VAL A 21 9.51 -5.22 -1.91
C VAL A 21 9.54 -6.73 -1.47
N ARG A 22 10.73 -7.33 -1.24
CA ARG A 22 10.85 -8.67 -0.60
C ARG A 22 10.27 -8.76 0.86
N ARG A 23 10.48 -7.75 1.75
CA ARG A 23 9.64 -7.59 2.98
C ARG A 23 8.10 -7.44 2.77
N TRP A 24 7.62 -6.64 1.79
CA TRP A 24 6.18 -6.65 1.37
C TRP A 24 5.62 -8.04 0.90
N VAL A 25 6.40 -8.86 0.17
CA VAL A 25 6.10 -10.30 -0.09
C VAL A 25 6.13 -11.18 1.21
N ARG A 26 7.20 -11.12 2.04
CA ARG A 26 7.24 -11.78 3.38
C ARG A 26 6.07 -11.46 4.37
N GLU A 27 5.66 -10.18 4.49
CA GLU A 27 4.45 -9.79 5.27
C GLU A 27 3.07 -9.88 4.48
N SER A 28 3.01 -10.45 3.26
CA SER A 28 1.79 -10.51 2.40
C SER A 28 1.03 -9.16 2.16
N ARG A 29 1.77 -8.12 1.73
CA ARG A 29 1.18 -6.78 1.41
C ARG A 29 1.14 -6.48 -0.13
N ILE A 30 0.85 -7.49 -0.98
CA ILE A 30 0.78 -7.34 -2.48
C ILE A 30 -0.51 -8.12 -2.93
N PHE A 31 -1.42 -7.48 -3.70
CA PHE A 31 -2.62 -8.18 -4.22
C PHE A 31 -3.07 -7.68 -5.65
N PRO A 32 -3.40 -8.55 -6.67
CA PRO A 32 -3.27 -10.03 -6.61
C PRO A 32 -1.79 -10.59 -6.62
N PRO A 33 -1.51 -11.85 -6.15
CA PRO A 33 -0.12 -12.36 -6.03
C PRO A 33 0.62 -12.70 -7.39
N PRO A 34 1.99 -12.58 -7.50
CA PRO A 34 2.71 -12.82 -8.78
C PRO A 34 2.93 -14.31 -9.20
N VAL A 35 3.07 -14.55 -10.50
CA VAL A 35 3.26 -15.92 -11.07
C VAL A 35 4.77 -16.30 -11.17
N LYS A 36 5.18 -17.43 -10.56
CA LYS A 36 6.59 -17.91 -10.60
C LYS A 36 6.91 -18.62 -11.97
N ASP A 37 7.75 -17.98 -12.80
CA ASP A 37 8.07 -18.50 -14.16
C ASP A 37 9.32 -19.45 -14.16
N GLY A 38 10.53 -18.91 -13.96
CA GLY A 38 11.76 -19.74 -13.84
C GLY A 38 12.84 -19.02 -13.01
N ARG A 39 12.70 -19.09 -11.67
CA ARG A 39 13.46 -18.21 -10.72
C ARG A 39 13.23 -16.65 -10.83
N GLU A 40 12.16 -16.19 -11.50
CA GLU A 40 11.73 -14.77 -11.57
C GLU A 40 10.17 -14.74 -11.41
N TYR A 41 9.69 -13.97 -10.42
CA TYR A 41 8.24 -13.73 -10.22
C TYR A 41 7.71 -12.64 -11.20
N LEU A 42 6.68 -13.00 -11.98
CA LEU A 42 5.99 -12.08 -12.92
C LEU A 42 4.78 -11.41 -12.19
N PHE A 43 4.93 -10.13 -11.87
CA PHE A 43 3.87 -9.28 -11.26
C PHE A 43 2.98 -8.72 -12.40
N HIS A 44 1.65 -8.90 -12.34
CA HIS A 44 0.72 -8.22 -13.29
C HIS A 44 0.73 -6.66 -13.07
N GLU A 45 0.57 -5.84 -14.12
CA GLU A 45 0.30 -4.37 -13.95
C GLU A 45 -0.96 -3.96 -13.08
N SER A 46 -1.96 -4.85 -12.92
CA SER A 46 -2.98 -4.74 -11.84
C SER A 46 -2.55 -5.18 -10.38
N ALA A 47 -1.35 -5.77 -10.14
CA ALA A 47 -0.87 -6.08 -8.77
C ALA A 47 -0.41 -4.80 -8.00
N VAL A 48 -1.06 -4.54 -6.86
CA VAL A 48 -0.88 -3.28 -6.08
C VAL A 48 -0.48 -3.60 -4.61
N LYS A 49 0.28 -2.70 -3.95
CA LYS A 49 0.67 -2.88 -2.53
C LYS A 49 -0.49 -2.58 -1.52
N VAL A 50 -1.06 -3.63 -0.91
CA VAL A 50 -2.27 -3.52 -0.04
C VAL A 50 -1.89 -3.21 1.44
N ASP A 51 -2.04 -1.93 1.82
CA ASP A 51 -1.72 -1.42 3.18
C ASP A 51 -3.01 -1.00 3.96
N LEU A 52 -3.15 -1.45 5.23
CA LEU A 52 -4.26 -0.99 6.11
C LEU A 52 -3.87 0.34 6.82
N ASN A 53 -4.72 1.37 6.73
CA ASN A 53 -4.49 2.67 7.44
C ASN A 53 -4.73 2.52 8.98
N ARG A 54 -3.69 2.85 9.76
CA ARG A 54 -3.73 2.78 11.25
C ARG A 54 -4.54 3.97 11.87
N PRO A 55 -5.66 3.81 12.63
CA PRO A 55 -6.37 4.97 13.25
C PRO A 55 -5.61 5.72 14.39
N VAL A 56 -5.07 5.00 15.40
CA VAL A 56 -4.19 5.57 16.47
C VAL A 56 -4.97 6.61 17.36
N THR A 57 -5.77 6.11 18.33
CA THR A 57 -6.66 6.97 19.16
C THR A 57 -5.90 7.76 20.28
N GLY A 58 -6.06 9.09 20.31
CA GLY A 58 -5.31 9.98 21.24
C GLY A 58 -6.19 11.03 21.93
N SER A 59 -6.65 10.73 23.16
CA SER A 59 -7.60 11.60 23.91
C SER A 59 -7.17 11.79 25.40
N LEU A 60 -6.77 13.01 25.80
CA LEU A 60 -6.43 13.34 27.21
C LEU A 60 -7.47 14.31 27.87
N LEU A 61 -7.74 14.12 29.18
CA LEU A 61 -8.64 15.02 29.96
C LEU A 61 -8.04 15.28 31.38
N LYS A 62 -7.91 16.56 31.79
CA LYS A 62 -7.41 16.93 33.15
C LYS A 62 -8.15 18.22 33.65
N ARG A 63 -8.92 18.12 34.76
CA ARG A 63 -9.81 19.22 35.21
C ARG A 63 -9.48 19.66 36.68
N ILE A 64 -8.94 20.88 36.84
CA ILE A 64 -8.59 21.47 38.17
C ILE A 64 -9.76 22.36 38.75
N ARG A 65 -9.83 22.44 40.09
CA ARG A 65 -10.84 23.25 40.83
C ARG A 65 -10.17 24.01 42.03
N ASN A 66 -10.59 25.26 42.28
CA ASN A 66 -10.06 26.11 43.38
C ASN A 66 -11.19 26.55 44.38
N GLY A 67 -10.89 26.53 45.69
CA GLY A 67 -11.87 26.90 46.76
C GLY A 67 -11.25 27.83 47.83
N LYS A 68 -11.91 28.96 48.13
CA LYS A 68 -11.40 29.98 49.10
C LYS A 68 -12.53 30.48 50.05
N LYS A 69 -12.17 30.78 51.31
CA LYS A 69 -13.13 31.25 52.35
C LYS A 69 -12.61 32.53 53.09
N ALA A 70 -13.55 33.29 53.70
CA ALA A 70 -13.22 34.46 54.57
C ALA A 70 -14.25 34.64 55.73
N LYS A 71 -13.87 35.36 56.79
CA LYS A 71 -14.81 35.74 57.89
C LYS A 71 -15.76 36.92 57.47
N SER A 72 -17.00 36.93 58.00
CA SER A 72 -18.01 37.98 57.66
C SER A 72 -17.66 39.41 58.15
N MET A 1 1.09 -9.37 -20.71
CA MET A 1 0.67 -9.49 -19.29
C MET A 1 1.86 -9.91 -18.36
N TYR A 2 1.80 -9.43 -17.11
CA TYR A 2 2.74 -9.84 -16.01
C TYR A 2 4.17 -9.20 -16.16
N LEU A 3 4.40 -8.02 -15.58
CA LEU A 3 5.73 -7.33 -15.64
C LEU A 3 6.75 -7.84 -14.57
N THR A 4 8.02 -7.95 -14.95
CA THR A 4 9.12 -8.48 -14.09
C THR A 4 9.33 -7.70 -12.75
N LEU A 5 9.86 -8.35 -11.70
CA LEU A 5 10.20 -7.72 -10.37
C LEU A 5 10.93 -6.34 -10.39
N GLN A 6 11.99 -6.22 -11.20
CA GLN A 6 12.66 -4.91 -11.49
C GLN A 6 11.81 -3.89 -12.33
N GLU A 7 11.05 -4.32 -13.35
CA GLU A 7 10.00 -3.47 -14.00
C GLU A 7 8.83 -3.00 -13.07
N TRP A 8 8.30 -3.85 -12.16
CA TRP A 8 7.36 -3.42 -11.09
C TRP A 8 7.95 -2.32 -10.13
N ASN A 9 9.16 -2.53 -9.55
CA ASN A 9 9.86 -1.48 -8.75
C ASN A 9 10.16 -0.14 -9.52
N ALA A 10 10.66 -0.18 -10.78
CA ALA A 10 10.69 1.00 -11.67
C ALA A 10 9.31 1.65 -12.08
N ARG A 11 8.22 0.87 -12.22
CA ARG A 11 6.83 1.41 -12.32
C ARG A 11 6.28 2.18 -11.06
N GLN A 12 6.62 1.77 -9.83
CA GLN A 12 6.25 2.53 -8.59
C GLN A 12 6.94 3.93 -8.54
N ARG A 13 6.15 4.99 -8.28
CA ARG A 13 6.63 6.42 -8.34
C ARG A 13 7.96 6.79 -7.59
N ARG A 14 8.21 6.23 -6.40
CA ARG A 14 9.56 6.21 -5.79
C ARG A 14 10.07 4.74 -5.75
N PRO A 15 11.13 4.29 -6.50
CA PRO A 15 11.64 2.90 -6.44
C PRO A 15 12.40 2.58 -5.10
N ARG A 16 12.03 1.45 -4.47
CA ARG A 16 12.61 1.03 -3.17
C ARG A 16 13.68 -0.11 -3.35
N SER A 17 14.27 -0.56 -2.23
CA SER A 17 15.15 -1.76 -2.21
C SER A 17 14.37 -3.08 -2.52
N LEU A 18 14.91 -3.92 -3.43
CA LEU A 18 14.27 -5.22 -3.81
C LEU A 18 14.05 -6.25 -2.64
N GLU A 19 14.93 -6.28 -1.63
CA GLU A 19 14.67 -6.98 -0.32
C GLU A 19 13.43 -6.46 0.51
N THR A 20 13.15 -5.14 0.54
CA THR A 20 11.87 -4.57 1.07
C THR A 20 10.60 -5.01 0.26
N VAL A 21 10.63 -4.93 -1.09
CA VAL A 21 9.61 -5.57 -1.98
C VAL A 21 9.42 -7.11 -1.73
N ARG A 22 10.51 -7.90 -1.61
CA ARG A 22 10.44 -9.33 -1.20
C ARG A 22 9.90 -9.60 0.25
N ARG A 23 10.22 -8.77 1.27
CA ARG A 23 9.48 -8.74 2.57
C ARG A 23 7.95 -8.44 2.45
N TRP A 24 7.55 -7.40 1.68
CA TRP A 24 6.12 -7.15 1.31
C TRP A 24 5.38 -8.34 0.61
N VAL A 25 6.03 -9.12 -0.27
CA VAL A 25 5.52 -10.43 -0.77
C VAL A 25 5.46 -11.54 0.34
N ARG A 26 6.53 -11.77 1.15
CA ARG A 26 6.47 -12.66 2.35
C ARG A 26 5.27 -12.39 3.35
N GLU A 27 5.03 -11.13 3.76
CA GLU A 27 3.83 -10.77 4.59
C GLU A 27 2.46 -10.62 3.84
N SER A 28 2.37 -10.93 2.52
CA SER A 28 1.14 -10.76 1.68
C SER A 28 0.54 -9.31 1.60
N ARG A 29 1.40 -8.30 1.32
CA ARG A 29 0.97 -6.91 1.04
C ARG A 29 0.67 -6.61 -0.46
N ILE A 30 1.57 -6.99 -1.40
CA ILE A 30 1.40 -6.68 -2.85
C ILE A 30 0.36 -7.66 -3.49
N PHE A 31 -0.84 -7.13 -3.82
CA PHE A 31 -2.00 -7.96 -4.23
C PHE A 31 -2.56 -7.51 -5.64
N PRO A 32 -2.88 -8.40 -6.63
CA PRO A 32 -2.73 -9.88 -6.52
C PRO A 32 -1.25 -10.42 -6.49
N PRO A 33 -0.93 -11.59 -5.87
CA PRO A 33 0.47 -12.02 -5.65
C PRO A 33 1.27 -12.40 -6.95
N PRO A 34 2.60 -12.13 -7.08
CA PRO A 34 3.34 -12.39 -8.33
C PRO A 34 3.57 -13.89 -8.69
N VAL A 35 3.56 -14.18 -10.00
CA VAL A 35 3.72 -15.56 -10.54
C VAL A 35 5.24 -15.93 -10.56
N LYS A 36 5.65 -16.89 -9.71
CA LYS A 36 7.03 -17.44 -9.74
C LYS A 36 7.20 -18.43 -10.95
N ASP A 37 7.92 -18.00 -12.00
CA ASP A 37 8.25 -18.89 -13.16
C ASP A 37 9.39 -19.92 -12.83
N GLY A 38 10.57 -19.40 -12.44
CA GLY A 38 11.72 -20.20 -11.96
C GLY A 38 13.08 -19.44 -11.89
N ARG A 39 13.06 -18.13 -11.64
CA ARG A 39 14.26 -17.25 -11.58
C ARG A 39 13.84 -15.84 -11.02
N GLU A 40 12.92 -15.10 -11.69
CA GLU A 40 12.31 -13.85 -11.13
C GLU A 40 10.75 -14.03 -10.97
N TYR A 41 10.20 -13.27 -10.01
CA TYR A 41 8.73 -13.13 -9.81
C TYR A 41 8.06 -12.20 -10.87
N LEU A 42 6.97 -12.66 -11.49
CA LEU A 42 6.23 -11.91 -12.54
C LEU A 42 4.96 -11.25 -11.93
N PHE A 43 5.04 -9.94 -11.65
CA PHE A 43 3.95 -9.16 -10.99
C PHE A 43 2.83 -8.79 -12.00
N HIS A 44 1.55 -8.83 -11.60
CA HIS A 44 0.46 -8.33 -12.49
C HIS A 44 0.48 -6.78 -12.71
N GLU A 45 -0.01 -6.30 -13.86
CA GLU A 45 -0.14 -4.83 -14.15
C GLU A 45 -1.02 -4.00 -13.12
N SER A 46 -2.07 -4.59 -12.54
CA SER A 46 -2.76 -4.03 -11.34
C SER A 46 -2.30 -4.63 -9.95
N ALA A 47 -1.02 -5.01 -9.75
CA ALA A 47 -0.48 -5.44 -8.43
C ALA A 47 -0.02 -4.23 -7.56
N VAL A 48 -0.59 -4.07 -6.36
CA VAL A 48 -0.35 -2.87 -5.49
C VAL A 48 -0.24 -3.27 -3.99
N LYS A 49 0.64 -2.60 -3.21
CA LYS A 49 0.77 -2.84 -1.74
C LYS A 49 -0.42 -2.28 -0.91
N VAL A 50 -1.09 -3.13 -0.11
CA VAL A 50 -2.34 -2.75 0.62
C VAL A 50 -2.01 -1.84 1.86
N ASP A 51 -2.29 -0.54 1.74
CA ASP A 51 -1.93 0.46 2.80
C ASP A 51 -3.14 0.81 3.72
N LEU A 52 -3.57 -0.17 4.54
CA LEU A 52 -4.74 -0.05 5.48
C LEU A 52 -6.13 0.09 4.76
N ASN A 53 -7.20 -0.43 5.40
CA ASN A 53 -8.58 -0.36 4.84
C ASN A 53 -9.46 0.61 5.68
N ARG A 54 -9.43 1.91 5.33
CA ARG A 54 -10.24 2.96 6.02
C ARG A 54 -11.63 3.23 5.30
N PRO A 55 -12.79 3.39 6.00
CA PRO A 55 -14.08 3.76 5.33
C PRO A 55 -14.21 5.27 4.92
N VAL A 56 -15.12 5.55 3.98
CA VAL A 56 -15.34 6.93 3.45
C VAL A 56 -16.37 7.75 4.31
N THR A 57 -15.94 8.89 4.86
CA THR A 57 -16.77 9.76 5.75
C THR A 57 -17.37 10.98 4.96
N GLY A 58 -18.69 11.19 5.03
CA GLY A 58 -19.35 12.40 4.47
C GLY A 58 -20.26 13.18 5.46
N SER A 59 -20.95 14.21 4.94
CA SER A 59 -21.91 15.04 5.74
C SER A 59 -22.83 15.86 4.79
N LEU A 60 -24.15 15.92 5.12
CA LEU A 60 -25.16 16.71 4.36
C LEU A 60 -25.85 17.79 5.25
N LEU A 61 -26.24 18.92 4.64
CA LEU A 61 -27.06 19.98 5.31
C LEU A 61 -28.31 20.35 4.47
N LYS A 62 -29.46 20.61 5.14
CA LYS A 62 -30.71 21.06 4.47
C LYS A 62 -31.29 22.32 5.17
N ARG A 63 -31.73 23.33 4.40
CA ARG A 63 -32.28 24.60 4.96
C ARG A 63 -33.57 25.07 4.22
N ILE A 64 -34.63 25.35 4.98
CA ILE A 64 -35.97 25.75 4.43
C ILE A 64 -36.10 27.30 4.60
N ARG A 65 -36.24 28.06 3.49
CA ARG A 65 -36.50 29.52 3.53
C ARG A 65 -38.00 29.88 3.26
N ASN A 66 -38.60 30.76 4.08
CA ASN A 66 -39.98 31.27 3.89
C ASN A 66 -40.09 32.52 2.96
N GLY A 67 -41.21 32.65 2.24
CA GLY A 67 -41.59 33.93 1.57
C GLY A 67 -42.66 34.77 2.31
N LYS A 68 -43.03 35.92 1.72
CA LYS A 68 -44.08 36.81 2.29
C LYS A 68 -44.75 37.65 1.15
N LYS A 69 -46.10 37.63 1.08
CA LYS A 69 -46.88 38.40 0.07
C LYS A 69 -47.45 39.76 0.60
N ALA A 70 -47.64 40.74 -0.30
CA ALA A 70 -48.28 42.05 0.04
C ALA A 70 -49.03 42.68 -1.17
N LYS A 71 -50.12 43.43 -0.91
CA LYS A 71 -50.87 44.20 -1.94
C LYS A 71 -51.27 45.64 -1.45
N SER A 72 -51.69 46.51 -2.39
CA SER A 72 -52.19 47.88 -2.06
C SER A 72 -53.57 47.88 -1.35
N MET A 1 -1.14 -9.49 -19.00
CA MET A 1 -0.13 -8.43 -19.21
C MET A 1 0.82 -8.34 -17.97
N TYR A 2 1.93 -9.12 -18.00
CA TYR A 2 2.79 -9.32 -16.80
C TYR A 2 4.21 -8.73 -17.00
N LEU A 3 4.65 -7.86 -16.08
CA LEU A 3 6.03 -7.32 -16.03
C LEU A 3 6.91 -8.01 -14.93
N THR A 4 8.24 -7.87 -15.04
CA THR A 4 9.21 -8.47 -14.07
C THR A 4 9.20 -7.76 -12.66
N LEU A 5 9.63 -8.45 -11.59
CA LEU A 5 9.80 -7.85 -10.21
C LEU A 5 10.59 -6.49 -10.15
N GLN A 6 11.79 -6.44 -10.77
CA GLN A 6 12.53 -5.15 -11.00
C GLN A 6 11.79 -4.06 -11.86
N GLU A 7 11.10 -4.44 -12.95
CA GLU A 7 10.19 -3.51 -13.69
C GLU A 7 8.96 -2.99 -12.85
N TRP A 8 8.28 -3.87 -12.09
CA TRP A 8 7.28 -3.47 -11.05
C TRP A 8 7.85 -2.45 -10.00
N ASN A 9 8.94 -2.79 -9.29
CA ASN A 9 9.63 -1.85 -8.37
C ASN A 9 10.07 -0.48 -8.98
N ALA A 10 10.64 -0.46 -10.21
CA ALA A 10 10.82 0.79 -10.99
C ALA A 10 9.55 1.67 -11.25
N ARG A 11 8.41 1.08 -11.64
CA ARG A 11 7.12 1.83 -11.81
C ARG A 11 6.13 1.92 -10.58
N GLN A 12 6.54 1.57 -9.35
CA GLN A 12 5.75 1.87 -8.11
C GLN A 12 6.21 3.22 -7.45
N ARG A 13 5.84 4.36 -8.07
CA ARG A 13 6.26 5.73 -7.63
C ARG A 13 7.79 6.05 -7.80
N ARG A 14 8.68 5.31 -7.12
CA ARG A 14 10.16 5.46 -7.22
C ARG A 14 10.89 4.06 -7.17
N PRO A 15 12.09 3.85 -7.79
CA PRO A 15 12.86 2.57 -7.66
C PRO A 15 13.48 2.34 -6.25
N ARG A 16 12.70 1.76 -5.34
CA ARG A 16 13.14 1.48 -3.94
C ARG A 16 13.99 0.18 -3.79
N SER A 17 14.50 -0.09 -2.57
CA SER A 17 15.36 -1.27 -2.30
C SER A 17 14.58 -2.63 -2.29
N LEU A 18 15.06 -3.61 -3.07
CA LEU A 18 14.43 -4.96 -3.20
C LEU A 18 14.16 -5.76 -1.88
N GLU A 19 15.03 -5.65 -0.86
CA GLU A 19 14.72 -6.11 0.54
C GLU A 19 13.43 -5.53 1.23
N THR A 20 13.07 -4.26 0.98
CA THR A 20 11.75 -3.68 1.38
C THR A 20 10.52 -4.34 0.68
N VAL A 21 10.54 -4.46 -0.67
CA VAL A 21 9.55 -5.30 -1.44
C VAL A 21 9.49 -6.80 -0.97
N ARG A 22 10.63 -7.48 -0.77
CA ARG A 22 10.69 -8.83 -0.15
C ARG A 22 10.06 -8.94 1.30
N ARG A 23 10.32 -7.98 2.21
CA ARG A 23 9.51 -7.82 3.47
C ARG A 23 7.98 -7.56 3.27
N TRP A 24 7.55 -6.72 2.31
CA TRP A 24 6.11 -6.58 1.92
C TRP A 24 5.44 -7.90 1.37
N VAL A 25 6.16 -8.72 0.58
CA VAL A 25 5.75 -10.13 0.26
C VAL A 25 5.71 -11.06 1.53
N ARG A 26 6.77 -11.09 2.36
CA ARG A 26 6.77 -11.85 3.66
C ARG A 26 5.64 -11.48 4.69
N GLU A 27 5.28 -10.19 4.87
CA GLU A 27 4.07 -9.80 5.66
C GLU A 27 2.73 -9.69 4.82
N SER A 28 2.57 -10.52 3.77
CA SER A 28 1.35 -10.60 2.90
C SER A 28 0.64 -9.27 2.46
N ARG A 29 1.41 -8.32 1.91
CA ARG A 29 0.86 -7.03 1.40
C ARG A 29 0.69 -6.96 -0.15
N ILE A 30 1.57 -7.55 -0.97
CA ILE A 30 1.46 -7.50 -2.45
C ILE A 30 0.22 -8.33 -2.96
N PHE A 31 -0.73 -7.66 -3.65
CA PHE A 31 -1.98 -8.32 -4.12
C PHE A 31 -2.47 -7.77 -5.52
N PRO A 32 -2.89 -8.61 -6.52
CA PRO A 32 -2.82 -10.11 -6.47
C PRO A 32 -1.37 -10.71 -6.55
N PRO A 33 -1.08 -11.94 -6.02
CA PRO A 33 0.31 -12.47 -5.95
C PRO A 33 0.97 -12.81 -7.34
N PRO A 34 2.30 -12.58 -7.56
CA PRO A 34 2.93 -12.80 -8.90
C PRO A 34 3.13 -14.28 -9.34
N VAL A 35 3.18 -14.49 -10.66
CA VAL A 35 3.32 -15.85 -11.28
C VAL A 35 4.83 -16.26 -11.26
N LYS A 36 5.19 -17.33 -10.55
CA LYS A 36 6.58 -17.85 -10.48
C LYS A 36 7.02 -18.55 -11.80
N ASP A 37 7.94 -17.91 -12.55
CA ASP A 37 8.35 -18.35 -13.91
C ASP A 37 9.90 -18.48 -13.96
N GLY A 38 10.43 -19.71 -13.97
CA GLY A 38 11.89 -19.96 -14.07
C GLY A 38 12.70 -19.61 -12.80
N ARG A 39 13.52 -18.56 -12.87
CA ARG A 39 14.07 -17.89 -11.64
C ARG A 39 13.66 -16.38 -11.56
N GLU A 40 12.35 -16.07 -11.71
CA GLU A 40 11.80 -14.69 -11.62
C GLU A 40 10.26 -14.70 -11.37
N TYR A 41 9.78 -13.72 -10.58
CA TYR A 41 8.33 -13.50 -10.35
C TYR A 41 7.74 -12.52 -11.41
N LEU A 42 6.69 -12.96 -12.13
CA LEU A 42 5.94 -12.13 -13.09
C LEU A 42 4.73 -11.44 -12.38
N PHE A 43 4.87 -10.13 -12.12
CA PHE A 43 3.81 -9.29 -11.51
C PHE A 43 2.82 -8.78 -12.61
N HIS A 44 1.54 -8.56 -12.26
CA HIS A 44 0.56 -7.94 -13.20
C HIS A 44 0.66 -6.36 -13.21
N GLU A 45 0.29 -5.71 -14.33
CA GLU A 45 0.12 -4.23 -14.37
C GLU A 45 -0.84 -3.59 -13.30
N SER A 46 -1.95 -4.26 -12.95
CA SER A 46 -2.77 -3.89 -11.74
C SER A 46 -2.40 -4.70 -10.43
N ALA A 47 -1.09 -4.93 -10.14
CA ALA A 47 -0.62 -5.43 -8.83
C ALA A 47 -0.14 -4.25 -7.92
N VAL A 48 -0.66 -4.17 -6.69
CA VAL A 48 -0.33 -3.09 -5.70
C VAL A 48 -0.21 -3.68 -4.26
N LYS A 49 0.36 -2.91 -3.32
CA LYS A 49 0.42 -3.29 -1.88
C LYS A 49 -0.84 -2.82 -1.08
N VAL A 50 -1.55 -3.76 -0.40
CA VAL A 50 -2.68 -3.42 0.52
C VAL A 50 -2.18 -2.73 1.83
N ASP A 51 -2.78 -1.59 2.20
CA ASP A 51 -2.30 -0.77 3.36
C ASP A 51 -2.80 -1.31 4.74
N LEU A 52 -2.10 -2.33 5.28
CA LEU A 52 -2.41 -2.93 6.60
C LEU A 52 -1.72 -2.16 7.78
N ASN A 53 -2.23 -0.95 8.08
CA ASN A 53 -1.82 -0.15 9.28
C ASN A 53 -2.90 0.95 9.52
N ARG A 54 -3.58 0.91 10.68
CA ARG A 54 -4.63 1.91 11.08
C ARG A 54 -5.81 2.09 10.04
N PRO A 55 -6.77 1.14 9.83
CA PRO A 55 -7.78 1.25 8.73
C PRO A 55 -8.88 2.36 8.88
N VAL A 56 -9.40 2.59 10.11
CA VAL A 56 -10.38 3.68 10.41
C VAL A 56 -11.74 3.46 9.65
N THR A 57 -12.55 2.49 10.12
CA THR A 57 -13.82 2.12 9.43
C THR A 57 -14.97 3.09 9.85
N GLY A 58 -15.14 4.19 9.09
CA GLY A 58 -16.20 5.20 9.37
C GLY A 58 -17.66 4.75 9.10
N SER A 59 -18.61 5.61 9.48
CA SER A 59 -20.07 5.29 9.38
C SER A 59 -20.93 6.59 9.38
N LEU A 60 -21.89 6.67 8.44
CA LEU A 60 -22.80 7.85 8.30
C LEU A 60 -24.21 7.50 8.88
N LEU A 61 -24.65 8.21 9.93
CA LEU A 61 -25.97 7.99 10.58
C LEU A 61 -26.64 9.36 10.94
N LYS A 62 -27.94 9.53 10.64
CA LYS A 62 -28.69 10.78 10.92
C LYS A 62 -29.54 10.68 12.23
N ARG A 63 -29.49 11.71 13.10
CA ARG A 63 -30.19 11.71 14.42
C ARG A 63 -31.72 12.02 14.31
N ILE A 64 -32.53 10.96 14.15
CA ILE A 64 -34.02 11.08 14.06
C ILE A 64 -34.70 11.18 15.47
N ARG A 65 -35.80 11.94 15.56
CA ARG A 65 -36.60 12.09 16.81
C ARG A 65 -38.10 12.39 16.49
N ASN A 66 -39.02 11.82 17.30
CA ASN A 66 -40.47 12.20 17.26
C ASN A 66 -40.89 12.86 18.62
N GLY A 67 -41.58 14.01 18.56
CA GLY A 67 -42.17 14.65 19.77
C GLY A 67 -43.59 14.18 20.09
N LYS A 68 -44.60 14.81 19.47
CA LYS A 68 -46.03 14.39 19.53
C LYS A 68 -46.72 14.68 20.92
N LYS A 69 -47.77 15.52 20.93
CA LYS A 69 -48.41 16.02 22.18
C LYS A 69 -49.56 15.09 22.69
N ALA A 70 -49.52 14.73 23.99
CA ALA A 70 -50.59 13.94 24.64
C ALA A 70 -51.68 14.82 25.37
N LYS A 71 -51.32 15.52 26.47
CA LYS A 71 -52.26 16.37 27.27
C LYS A 71 -53.31 15.54 28.11
N SER A 72 -53.59 15.97 29.36
CA SER A 72 -54.51 15.28 30.31
C SER A 72 -53.98 13.89 30.76
N MET A 1 -0.97 -7.30 -19.07
CA MET A 1 0.22 -8.20 -19.15
C MET A 1 0.98 -8.31 -17.78
N TYR A 2 1.89 -9.30 -17.70
CA TYR A 2 2.78 -9.52 -16.54
C TYR A 2 4.20 -8.92 -16.77
N LEU A 3 4.68 -8.08 -15.83
CA LEU A 3 6.06 -7.51 -15.83
C LEU A 3 7.00 -8.16 -14.75
N THR A 4 8.31 -7.86 -14.82
CA THR A 4 9.34 -8.38 -13.84
C THR A 4 9.29 -7.66 -12.45
N LEU A 5 9.78 -8.31 -11.37
CA LEU A 5 9.91 -7.70 -10.01
C LEU A 5 10.67 -6.34 -9.93
N GLN A 6 11.88 -6.25 -10.51
CA GLN A 6 12.59 -4.95 -10.72
C GLN A 6 11.81 -3.87 -11.55
N GLU A 7 11.18 -4.27 -12.68
CA GLU A 7 10.24 -3.40 -13.46
C GLU A 7 8.95 -2.94 -12.69
N TRP A 8 8.35 -3.80 -11.83
CA TRP A 8 7.32 -3.40 -10.83
C TRP A 8 7.82 -2.34 -9.79
N ASN A 9 8.97 -2.54 -9.12
CA ASN A 9 9.61 -1.48 -8.26
C ASN A 9 9.95 -0.15 -9.01
N ALA A 10 10.55 -0.18 -10.22
CA ALA A 10 10.60 1.00 -11.13
C ALA A 10 9.23 1.64 -11.59
N ARG A 11 8.12 0.87 -11.65
CA ARG A 11 6.73 1.42 -11.69
C ARG A 11 6.23 2.21 -10.43
N GLN A 12 6.74 1.98 -9.21
CA GLN A 12 6.55 2.93 -8.06
C GLN A 12 7.23 4.32 -8.32
N ARG A 13 6.56 5.41 -7.91
CA ARG A 13 7.03 6.82 -8.18
C ARG A 13 8.51 7.17 -7.81
N ARG A 14 9.04 6.65 -6.69
CA ARG A 14 10.51 6.49 -6.49
C ARG A 14 10.81 5.04 -5.96
N PRO A 15 11.67 4.18 -6.60
CA PRO A 15 12.12 2.90 -5.98
C PRO A 15 13.12 3.06 -4.79
N ARG A 16 13.41 1.94 -4.11
CA ARG A 16 14.25 1.93 -2.88
C ARG A 16 15.22 0.70 -2.83
N SER A 17 14.70 -0.53 -2.69
CA SER A 17 15.52 -1.78 -2.72
C SER A 17 14.66 -2.99 -3.14
N LEU A 18 15.26 -3.92 -3.91
CA LEU A 18 14.68 -5.27 -4.14
C LEU A 18 14.46 -6.15 -2.85
N GLU A 19 15.34 -6.08 -1.83
CA GLU A 19 15.06 -6.67 -0.48
C GLU A 19 13.84 -6.08 0.30
N THR A 20 13.57 -4.76 0.22
CA THR A 20 12.29 -4.14 0.71
C THR A 20 11.01 -4.71 0.01
N VAL A 21 10.98 -4.79 -1.34
CA VAL A 21 9.93 -5.56 -2.10
C VAL A 21 9.84 -7.08 -1.71
N ARG A 22 10.98 -7.80 -1.56
CA ARG A 22 11.01 -9.19 -0.99
C ARG A 22 10.42 -9.35 0.46
N ARG A 23 10.68 -8.40 1.39
CA ARG A 23 9.89 -8.26 2.65
C ARG A 23 8.36 -7.98 2.45
N TRP A 24 7.94 -7.06 1.57
CA TRP A 24 6.51 -6.86 1.19
C TRP A 24 5.77 -8.12 0.61
N VAL A 25 6.45 -8.95 -0.21
CA VAL A 25 5.98 -10.32 -0.58
C VAL A 25 5.85 -11.28 0.66
N ARG A 26 6.90 -11.42 1.49
CA ARG A 26 6.83 -12.15 2.79
C ARG A 26 5.77 -11.68 3.85
N GLU A 27 5.44 -10.38 3.94
CA GLU A 27 4.23 -9.89 4.67
C GLU A 27 2.83 -10.19 4.03
N SER A 28 2.73 -10.66 2.77
CA SER A 28 1.44 -10.91 2.04
C SER A 28 0.49 -9.66 1.87
N ARG A 29 1.06 -8.52 1.47
CA ARG A 29 0.29 -7.26 1.22
C ARG A 29 0.15 -6.87 -0.29
N ILE A 30 1.05 -7.29 -1.21
CA ILE A 30 0.90 -7.07 -2.67
C ILE A 30 -0.15 -8.09 -3.24
N PHE A 31 -1.27 -7.59 -3.77
CA PHE A 31 -2.40 -8.46 -4.23
C PHE A 31 -3.02 -7.95 -5.59
N PRO A 32 -3.40 -8.80 -6.59
CA PRO A 32 -3.22 -10.29 -6.55
C PRO A 32 -1.73 -10.79 -6.62
N PRO A 33 -1.35 -11.97 -6.03
CA PRO A 33 0.07 -12.34 -5.85
C PRO A 33 0.85 -12.70 -7.17
N PRO A 34 2.17 -12.39 -7.33
CA PRO A 34 2.90 -12.65 -8.60
C PRO A 34 3.19 -14.15 -8.90
N VAL A 35 3.18 -14.51 -10.20
CA VAL A 35 3.39 -15.91 -10.66
C VAL A 35 4.92 -16.22 -10.64
N LYS A 36 5.36 -17.10 -9.72
CA LYS A 36 6.77 -17.57 -9.65
C LYS A 36 7.06 -18.63 -10.77
N ASP A 37 7.73 -18.19 -11.84
CA ASP A 37 8.09 -19.08 -12.99
C ASP A 37 9.39 -19.94 -12.77
N GLY A 38 10.47 -19.31 -12.26
CA GLY A 38 11.73 -20.04 -11.91
C GLY A 38 12.65 -19.18 -11.03
N ARG A 39 13.28 -18.16 -11.61
CA ARG A 39 13.99 -17.08 -10.83
C ARG A 39 13.58 -15.61 -11.18
N GLU A 40 12.42 -15.37 -11.82
CA GLU A 40 11.78 -14.03 -11.91
C GLU A 40 10.27 -14.19 -11.52
N TYR A 41 9.84 -13.40 -10.53
CA TYR A 41 8.39 -13.27 -10.20
C TYR A 41 7.64 -12.40 -11.26
N LEU A 42 6.56 -12.94 -11.81
CA LEU A 42 5.75 -12.28 -12.86
C LEU A 42 4.58 -11.50 -12.20
N PHE A 43 4.72 -10.17 -12.10
CA PHE A 43 3.71 -9.27 -11.47
C PHE A 43 2.71 -8.75 -12.53
N HIS A 44 1.40 -8.82 -12.28
CA HIS A 44 0.39 -8.22 -13.20
C HIS A 44 0.42 -6.64 -13.19
N GLU A 45 0.25 -5.99 -14.35
CA GLU A 45 -0.03 -4.51 -14.43
C GLU A 45 -1.42 -4.10 -13.82
N SER A 46 -1.50 -4.19 -12.49
CA SER A 46 -2.75 -4.18 -11.65
C SER A 46 -2.43 -4.55 -10.15
N ALA A 47 -1.50 -5.50 -9.87
CA ALA A 47 -1.08 -5.89 -8.49
C ALA A 47 -0.48 -4.75 -7.63
N VAL A 48 -1.13 -4.43 -6.49
CA VAL A 48 -0.80 -3.24 -5.65
C VAL A 48 -0.75 -3.61 -4.13
N LYS A 49 -0.13 -2.73 -3.31
CA LYS A 49 -0.02 -2.94 -1.83
C LYS A 49 -1.38 -2.66 -1.10
N VAL A 50 -2.23 -3.68 -0.97
CA VAL A 50 -3.54 -3.60 -0.25
C VAL A 50 -3.37 -4.20 1.17
N ASP A 51 -3.43 -3.33 2.19
CA ASP A 51 -3.31 -3.74 3.62
C ASP A 51 -4.67 -3.54 4.39
N LEU A 52 -4.90 -4.36 5.43
CA LEU A 52 -6.02 -4.14 6.38
C LEU A 52 -5.73 -2.95 7.35
N ASN A 53 -6.67 -1.99 7.48
CA ASN A 53 -6.56 -0.90 8.48
C ASN A 53 -6.81 -1.45 9.92
N ARG A 54 -5.76 -1.42 10.77
CA ARG A 54 -5.79 -2.06 12.12
C ARG A 54 -6.72 -1.30 13.13
N PRO A 55 -7.90 -1.83 13.60
CA PRO A 55 -8.89 -1.01 14.36
C PRO A 55 -8.56 -0.85 15.88
N VAL A 56 -7.51 -0.06 16.16
CA VAL A 56 -6.96 0.10 17.54
C VAL A 56 -6.89 1.62 17.90
N THR A 57 -8.04 2.20 18.28
CA THR A 57 -8.15 3.65 18.64
C THR A 57 -9.15 3.86 19.82
N GLY A 58 -8.81 4.75 20.74
CA GLY A 58 -9.72 5.19 21.82
C GLY A 58 -9.52 6.66 22.23
N SER A 59 -9.90 7.00 23.48
CA SER A 59 -9.75 8.37 24.04
C SER A 59 -9.48 8.28 25.56
N LEU A 60 -8.27 8.63 26.01
CA LEU A 60 -7.90 8.59 27.46
C LEU A 60 -8.48 9.82 28.23
N LEU A 61 -9.54 9.59 29.03
CA LEU A 61 -10.25 10.66 29.78
C LEU A 61 -9.69 10.82 31.24
N LYS A 62 -9.26 12.04 31.61
CA LYS A 62 -8.89 12.37 33.01
C LYS A 62 -10.12 12.99 33.80
N ARG A 63 -10.28 12.58 35.07
CA ARG A 63 -11.33 13.14 35.97
C ARG A 63 -10.72 13.48 37.37
N ILE A 64 -10.83 14.76 37.79
CA ILE A 64 -10.39 15.23 39.14
C ILE A 64 -11.61 15.44 40.10
N ARG A 65 -11.39 15.31 41.42
CA ARG A 65 -12.46 15.52 42.45
C ARG A 65 -11.84 16.12 43.75
N ASN A 66 -12.15 17.37 44.08
CA ASN A 66 -11.63 18.05 45.32
C ASN A 66 -12.81 18.78 46.05
N GLY A 67 -13.09 18.39 47.30
CA GLY A 67 -14.12 19.06 48.14
C GLY A 67 -13.62 19.49 49.56
N LYS A 68 -14.43 20.33 50.22
CA LYS A 68 -14.09 20.87 51.57
C LYS A 68 -15.36 20.98 52.49
N LYS A 69 -15.15 21.00 53.83
CA LYS A 69 -16.23 21.23 54.83
C LYS A 69 -15.94 22.46 55.75
N ALA A 70 -17.02 23.17 56.15
CA ALA A 70 -16.94 24.33 57.09
C ALA A 70 -17.84 24.12 58.36
N LYS A 71 -17.43 24.71 59.50
CA LYS A 71 -18.20 24.67 60.76
C LYS A 71 -18.91 26.02 61.06
N SER A 72 -20.19 25.98 61.50
CA SER A 72 -20.93 27.18 61.95
C SER A 72 -22.06 26.79 62.94
N MET A 1 0.85 -6.93 -20.11
CA MET A 1 0.16 -7.60 -18.97
C MET A 1 1.10 -7.79 -17.74
N TYR A 2 2.18 -8.58 -17.88
CA TYR A 2 3.06 -8.99 -16.75
C TYR A 2 4.51 -8.43 -16.94
N LEU A 3 5.04 -7.76 -15.91
CA LEU A 3 6.43 -7.24 -15.89
C LEU A 3 7.31 -7.89 -14.77
N THR A 4 8.63 -7.92 -14.99
CA THR A 4 9.62 -8.56 -14.05
C THR A 4 9.69 -7.87 -12.63
N LEU A 5 10.13 -8.59 -11.58
CA LEU A 5 10.23 -8.05 -10.18
C LEU A 5 11.02 -6.69 -10.03
N GLN A 6 12.27 -6.62 -10.55
CA GLN A 6 13.01 -5.33 -10.68
C GLN A 6 12.34 -4.21 -11.55
N GLU A 7 11.72 -4.56 -12.69
CA GLU A 7 10.83 -3.62 -13.45
C GLU A 7 9.54 -3.17 -12.69
N TRP A 8 8.83 -4.04 -11.92
CA TRP A 8 7.77 -3.61 -10.98
C TRP A 8 8.26 -2.61 -9.87
N ASN A 9 9.41 -2.85 -9.20
CA ASN A 9 10.05 -1.85 -8.31
C ASN A 9 10.32 -0.45 -8.98
N ALA A 10 11.01 -0.39 -10.14
CA ALA A 10 11.09 0.83 -10.97
C ALA A 10 9.75 1.46 -11.50
N ARG A 11 8.75 0.65 -11.87
CA ARG A 11 7.36 1.11 -12.19
C ARG A 11 6.52 1.70 -11.01
N GLN A 12 6.78 1.35 -9.74
CA GLN A 12 6.23 2.08 -8.57
C GLN A 12 6.73 3.57 -8.51
N ARG A 13 5.81 4.51 -8.24
CA ARG A 13 6.06 5.98 -8.46
C ARG A 13 7.32 6.64 -7.80
N ARG A 14 7.78 6.14 -6.64
CA ARG A 14 9.22 6.23 -6.22
C ARG A 14 9.69 4.81 -5.72
N PRO A 15 10.77 4.16 -6.27
CA PRO A 15 11.27 2.85 -5.74
C PRO A 15 11.97 2.93 -4.34
N ARG A 16 12.11 1.77 -3.68
CA ARG A 16 12.92 1.66 -2.44
C ARG A 16 14.12 0.67 -2.65
N SER A 17 13.89 -0.65 -2.62
CA SER A 17 14.98 -1.67 -2.70
C SER A 17 14.40 -3.07 -3.07
N LEU A 18 15.23 -3.91 -3.72
CA LEU A 18 14.96 -5.37 -3.87
C LEU A 18 14.76 -6.17 -2.54
N GLU A 19 15.56 -5.90 -1.49
CA GLU A 19 15.27 -6.34 -0.09
C GLU A 19 13.94 -5.79 0.53
N THR A 20 13.58 -4.50 0.31
CA THR A 20 12.25 -3.93 0.72
C THR A 20 11.02 -4.56 -0.02
N VAL A 21 11.07 -4.75 -1.35
CA VAL A 21 10.04 -5.56 -2.10
C VAL A 21 9.96 -7.07 -1.63
N ARG A 22 11.09 -7.77 -1.39
CA ARG A 22 11.10 -9.07 -0.67
C ARG A 22 10.47 -9.06 0.77
N ARG A 23 10.76 -8.05 1.60
CA ARG A 23 9.98 -7.75 2.85
C ARG A 23 8.45 -7.47 2.67
N TRP A 24 8.01 -6.70 1.66
CA TRP A 24 6.56 -6.59 1.29
C TRP A 24 5.86 -7.93 0.88
N VAL A 25 6.53 -8.81 0.11
CA VAL A 25 6.07 -10.21 -0.17
C VAL A 25 6.08 -11.12 1.12
N ARG A 26 7.17 -11.14 1.92
CA ARG A 26 7.18 -11.81 3.26
C ARG A 26 6.17 -11.28 4.35
N GLU A 27 5.86 -9.98 4.40
CA GLU A 27 4.62 -9.46 5.06
C GLU A 27 3.24 -9.86 4.42
N SER A 28 3.19 -10.35 3.16
CA SER A 28 1.94 -10.61 2.39
C SER A 28 0.99 -9.39 2.20
N ARG A 29 1.54 -8.24 1.77
CA ARG A 29 0.71 -7.06 1.37
C ARG A 29 0.92 -6.65 -0.13
N ILE A 30 0.85 -7.60 -1.07
CA ILE A 30 0.87 -7.33 -2.54
C ILE A 30 -0.34 -8.15 -3.11
N PHE A 31 -1.39 -7.48 -3.63
CA PHE A 31 -2.63 -8.15 -4.08
C PHE A 31 -3.20 -7.57 -5.43
N PRO A 32 -3.67 -8.37 -6.43
CA PRO A 32 -3.61 -9.86 -6.45
C PRO A 32 -2.17 -10.47 -6.65
N PRO A 33 -1.85 -11.71 -6.19
CA PRO A 33 -0.45 -12.20 -6.11
C PRO A 33 0.31 -12.42 -7.48
N PRO A 34 1.66 -12.24 -7.59
CA PRO A 34 2.40 -12.44 -8.86
C PRO A 34 2.61 -13.94 -9.28
N VAL A 35 2.75 -14.18 -10.60
CA VAL A 35 2.90 -15.55 -11.16
C VAL A 35 4.40 -15.99 -11.09
N LYS A 36 4.72 -17.04 -10.32
CA LYS A 36 6.11 -17.56 -10.22
C LYS A 36 6.54 -18.31 -11.53
N ASP A 37 7.42 -17.70 -12.34
CA ASP A 37 7.93 -18.31 -13.60
C ASP A 37 9.06 -19.37 -13.39
N GLY A 38 10.10 -19.04 -12.61
CA GLY A 38 11.22 -19.98 -12.32
C GLY A 38 12.34 -19.27 -11.53
N ARG A 39 13.19 -18.53 -12.25
CA ARG A 39 14.21 -17.63 -11.64
C ARG A 39 13.66 -16.24 -11.14
N GLU A 40 12.58 -15.69 -11.73
CA GLU A 40 11.91 -14.45 -11.24
C GLU A 40 10.35 -14.57 -11.23
N TYR A 41 9.71 -13.65 -10.48
CA TYR A 41 8.23 -13.55 -10.39
C TYR A 41 7.69 -12.54 -11.46
N LEU A 42 6.64 -12.97 -12.18
CA LEU A 42 5.91 -12.10 -13.16
C LEU A 42 4.78 -11.31 -12.42
N PHE A 43 5.04 -10.02 -12.16
CA PHE A 43 4.08 -9.11 -11.49
C PHE A 43 3.09 -8.51 -12.52
N HIS A 44 1.78 -8.64 -12.26
CA HIS A 44 0.74 -8.05 -13.15
C HIS A 44 0.58 -6.50 -12.96
N GLU A 45 0.11 -5.79 -14.01
CA GLU A 45 -0.36 -4.37 -13.90
C GLU A 45 -1.35 -4.03 -12.73
N SER A 46 -2.33 -4.91 -12.45
CA SER A 46 -3.18 -4.83 -11.22
C SER A 46 -2.51 -5.20 -9.85
N ALA A 47 -1.39 -5.95 -9.79
CA ALA A 47 -0.75 -6.36 -8.50
C ALA A 47 -0.13 -5.15 -7.74
N VAL A 48 -0.81 -4.70 -6.69
CA VAL A 48 -0.50 -3.42 -5.98
C VAL A 48 -0.46 -3.65 -4.43
N LYS A 49 0.13 -2.70 -3.69
CA LYS A 49 0.31 -2.82 -2.23
C LYS A 49 -1.03 -2.64 -1.45
N VAL A 50 -1.47 -3.69 -0.72
CA VAL A 50 -2.85 -3.71 -0.10
C VAL A 50 -2.91 -2.88 1.24
N ASP A 51 -3.94 -2.06 1.42
CA ASP A 51 -4.10 -1.20 2.62
C ASP A 51 -4.65 -2.01 3.84
N LEU A 52 -3.76 -2.31 4.80
CA LEU A 52 -4.11 -3.11 6.02
C LEU A 52 -3.92 -2.28 7.33
N ASN A 53 -2.70 -1.80 7.65
CA ASN A 53 -2.45 -0.90 8.81
C ASN A 53 -2.51 0.60 8.35
N ARG A 54 -3.42 1.39 8.94
CA ARG A 54 -3.53 2.85 8.66
C ARG A 54 -2.63 3.75 9.61
N PRO A 55 -2.16 4.97 9.23
CA PRO A 55 -1.36 5.84 10.12
C PRO A 55 -2.14 6.50 11.31
N VAL A 56 -1.42 6.83 12.39
CA VAL A 56 -2.04 7.37 13.65
C VAL A 56 -2.38 8.89 13.55
N THR A 57 -3.65 9.24 13.86
CA THR A 57 -4.17 10.64 13.76
C THR A 57 -4.22 11.32 15.17
N GLY A 58 -3.64 12.52 15.32
CA GLY A 58 -3.75 13.30 16.59
C GLY A 58 -5.09 14.04 16.80
N SER A 59 -5.06 15.23 17.43
CA SER A 59 -6.28 16.05 17.73
C SER A 59 -5.92 17.53 18.05
N LEU A 60 -6.69 18.48 17.50
CA LEU A 60 -6.53 19.94 17.78
C LEU A 60 -7.51 20.47 18.88
N LEU A 61 -7.09 21.55 19.56
CA LEU A 61 -7.85 22.17 20.69
C LEU A 61 -7.83 23.73 20.59
N LYS A 62 -8.99 24.38 20.84
CA LYS A 62 -9.08 25.87 20.80
C LYS A 62 -8.77 26.49 22.21
N ARG A 63 -7.79 27.41 22.27
CA ARG A 63 -7.55 28.24 23.49
C ARG A 63 -8.47 29.51 23.60
N ILE A 64 -8.61 30.07 24.82
CA ILE A 64 -9.31 31.37 25.05
C ILE A 64 -8.42 32.35 25.91
N ARG A 65 -8.62 33.67 25.74
CA ARG A 65 -7.81 34.72 26.43
C ARG A 65 -8.74 35.69 27.23
N ASN A 66 -8.71 35.62 28.57
CA ASN A 66 -9.50 36.54 29.44
C ASN A 66 -8.71 37.86 29.78
N GLY A 67 -9.42 39.00 29.77
CA GLY A 67 -8.87 40.30 30.26
C GLY A 67 -9.34 40.70 31.69
N LYS A 68 -8.57 41.58 32.33
CA LYS A 68 -8.82 42.01 33.74
C LYS A 68 -8.56 43.55 33.87
N LYS A 69 -9.59 44.29 34.31
CA LYS A 69 -9.51 45.77 34.50
C LYS A 69 -9.35 46.19 36.00
N ALA A 70 -8.55 47.24 36.25
CA ALA A 70 -8.35 47.81 37.61
C ALA A 70 -8.50 49.37 37.61
N LYS A 71 -8.98 49.95 38.73
CA LYS A 71 -9.14 51.43 38.86
C LYS A 71 -7.80 52.13 39.23
N SER A 72 -7.43 53.19 38.49
CA SER A 72 -6.17 53.95 38.72
C SER A 72 -6.20 54.88 39.95
N MET A 1 2.08 -11.55 -21.12
CA MET A 1 1.46 -10.98 -19.89
C MET A 1 2.44 -10.88 -18.69
N TYR A 2 2.08 -10.02 -17.71
CA TYR A 2 2.82 -9.83 -16.42
C TYR A 2 4.09 -8.93 -16.57
N LEU A 3 4.21 -7.95 -15.66
CA LEU A 3 5.36 -7.03 -15.53
C LEU A 3 6.51 -7.63 -14.63
N THR A 4 7.77 -7.43 -15.01
CA THR A 4 8.96 -7.89 -14.22
C THR A 4 9.12 -7.17 -12.83
N LEU A 5 9.71 -7.83 -11.80
CA LEU A 5 9.95 -7.21 -10.45
C LEU A 5 10.71 -5.84 -10.46
N GLN A 6 11.85 -5.75 -11.16
CA GLN A 6 12.54 -4.45 -11.45
C GLN A 6 11.69 -3.37 -12.21
N GLU A 7 10.95 -3.75 -13.26
CA GLU A 7 9.95 -2.84 -13.91
C GLU A 7 8.72 -2.45 -13.02
N TRP A 8 8.15 -3.35 -12.20
CA TRP A 8 7.17 -2.99 -11.13
C TRP A 8 7.71 -1.90 -10.13
N ASN A 9 8.89 -2.11 -9.53
CA ASN A 9 9.53 -1.11 -8.62
C ASN A 9 9.94 0.26 -9.29
N ALA A 10 10.50 0.25 -10.53
CA ALA A 10 10.61 1.48 -11.36
C ALA A 10 9.28 2.17 -11.83
N ARG A 11 8.18 1.44 -12.06
CA ARG A 11 6.81 2.01 -12.23
C ARG A 11 6.14 2.61 -10.94
N GLN A 12 6.43 2.11 -9.72
CA GLN A 12 5.99 2.76 -8.45
C GLN A 12 6.64 4.18 -8.24
N ARG A 13 5.85 5.15 -7.72
CA ARG A 13 6.32 6.57 -7.56
C ARG A 13 7.68 6.79 -6.82
N ARG A 14 7.93 6.10 -5.69
CA ARG A 14 9.27 6.05 -5.07
C ARG A 14 9.95 4.67 -5.43
N PRO A 15 11.05 4.57 -6.22
CA PRO A 15 11.74 3.27 -6.47
C PRO A 15 12.55 2.80 -5.22
N ARG A 16 11.95 1.86 -4.47
CA ARG A 16 12.49 1.36 -3.17
C ARG A 16 13.57 0.24 -3.36
N SER A 17 14.07 -0.33 -2.24
CA SER A 17 15.00 -1.49 -2.30
C SER A 17 14.28 -2.82 -2.70
N LEU A 18 14.87 -3.56 -3.66
CA LEU A 18 14.34 -4.88 -4.14
C LEU A 18 14.15 -5.98 -3.02
N GLU A 19 15.12 -6.09 -2.08
CA GLU A 19 14.95 -6.81 -0.78
C GLU A 19 13.72 -6.41 0.12
N THR A 20 13.38 -5.11 0.25
CA THR A 20 12.12 -4.64 0.92
C THR A 20 10.82 -5.04 0.16
N VAL A 21 10.76 -4.85 -1.17
CA VAL A 21 9.69 -5.44 -2.05
C VAL A 21 9.53 -6.99 -1.94
N ARG A 22 10.63 -7.78 -1.93
CA ARG A 22 10.61 -9.23 -1.59
C ARG A 22 10.12 -9.57 -0.13
N ARG A 23 10.52 -8.82 0.91
CA ARG A 23 9.87 -8.90 2.26
C ARG A 23 8.34 -8.55 2.30
N TRP A 24 7.87 -7.51 1.58
CA TRP A 24 6.42 -7.31 1.29
C TRP A 24 5.67 -8.50 0.60
N VAL A 25 6.29 -9.19 -0.38
CA VAL A 25 5.77 -10.50 -0.91
C VAL A 25 5.75 -11.65 0.17
N ARG A 26 6.82 -11.86 0.96
CA ARG A 26 6.79 -12.79 2.14
C ARG A 26 5.68 -12.52 3.22
N GLU A 27 5.40 -11.25 3.59
CA GLU A 27 4.18 -10.90 4.38
C GLU A 27 2.84 -10.68 3.57
N SER A 28 2.72 -11.19 2.33
CA SER A 28 1.50 -11.09 1.46
C SER A 28 0.85 -9.67 1.28
N ARG A 29 1.68 -8.65 1.04
CA ARG A 29 1.24 -7.23 1.01
C ARG A 29 1.00 -6.66 -0.43
N ILE A 30 1.84 -6.98 -1.43
CA ILE A 30 1.59 -6.64 -2.87
C ILE A 30 0.56 -7.64 -3.46
N PHE A 31 -0.63 -7.14 -3.87
CA PHE A 31 -1.78 -7.97 -4.28
C PHE A 31 -2.32 -7.56 -5.70
N PRO A 32 -2.65 -8.49 -6.66
CA PRO A 32 -2.50 -9.97 -6.50
C PRO A 32 -1.03 -10.51 -6.46
N PRO A 33 -0.70 -11.66 -5.80
CA PRO A 33 0.71 -12.10 -5.62
C PRO A 33 1.44 -12.53 -6.94
N PRO A 34 2.76 -12.26 -7.14
CA PRO A 34 3.46 -12.57 -8.42
C PRO A 34 3.63 -14.07 -8.79
N VAL A 35 3.58 -14.37 -10.10
CA VAL A 35 3.70 -15.76 -10.63
C VAL A 35 5.21 -16.18 -10.63
N LYS A 36 5.57 -17.14 -9.77
CA LYS A 36 6.97 -17.61 -9.61
C LYS A 36 7.34 -18.65 -10.72
N ASP A 37 8.06 -18.19 -11.75
CA ASP A 37 8.48 -19.07 -12.89
C ASP A 37 9.87 -19.72 -12.59
N GLY A 38 9.86 -20.84 -11.85
CA GLY A 38 11.12 -21.50 -11.39
C GLY A 38 11.86 -20.80 -10.22
N ARG A 39 12.35 -19.58 -10.49
CA ARG A 39 12.96 -18.69 -9.47
C ARG A 39 12.53 -17.19 -9.57
N GLU A 40 12.37 -16.61 -10.79
CA GLU A 40 11.94 -15.20 -10.98
C GLU A 40 10.41 -14.97 -10.78
N TYR A 41 10.06 -13.81 -10.18
CA TYR A 41 8.67 -13.45 -9.82
C TYR A 41 8.07 -12.42 -10.84
N LEU A 42 6.99 -12.82 -11.54
CA LEU A 42 6.30 -11.97 -12.54
C LEU A 42 5.01 -11.31 -11.92
N PHE A 43 5.03 -9.99 -11.71
CA PHE A 43 3.87 -9.23 -11.12
C PHE A 43 2.79 -8.93 -12.19
N HIS A 44 1.51 -8.72 -11.81
CA HIS A 44 0.54 -8.11 -12.74
C HIS A 44 0.80 -6.57 -12.90
N GLU A 45 0.68 -6.01 -14.11
CA GLU A 45 0.58 -4.53 -14.31
C GLU A 45 -0.44 -3.73 -13.41
N SER A 46 -1.59 -4.34 -13.02
CA SER A 46 -2.47 -3.80 -11.95
C SER A 46 -2.20 -4.31 -10.47
N ALA A 47 -0.96 -4.67 -10.09
CA ALA A 47 -0.62 -5.09 -8.70
C ALA A 47 -0.17 -3.91 -7.79
N VAL A 48 -0.74 -3.82 -6.59
CA VAL A 48 -0.48 -2.69 -5.63
C VAL A 48 -0.32 -3.21 -4.16
N LYS A 49 0.44 -2.49 -3.31
CA LYS A 49 0.55 -2.84 -1.87
C LYS A 49 -0.69 -2.41 -1.02
N VAL A 50 -1.43 -3.40 -0.48
CA VAL A 50 -2.55 -3.15 0.48
C VAL A 50 -2.00 -2.88 1.92
N ASP A 51 -2.43 -1.79 2.56
CA ASP A 51 -1.86 -1.35 3.87
C ASP A 51 -2.35 -2.25 5.06
N LEU A 52 -1.66 -3.39 5.28
CA LEU A 52 -2.00 -4.35 6.36
C LEU A 52 -1.54 -3.81 7.75
N ASN A 53 -2.45 -3.15 8.49
CA ASN A 53 -2.15 -2.52 9.81
C ASN A 53 -3.44 -2.58 10.71
N ARG A 54 -3.30 -3.07 11.95
CA ARG A 54 -4.45 -3.21 12.89
C ARG A 54 -4.55 -1.97 13.86
N PRO A 55 -5.59 -1.09 13.82
CA PRO A 55 -5.70 0.06 14.77
C PRO A 55 -6.17 -0.36 16.21
N VAL A 56 -5.52 0.21 17.24
CA VAL A 56 -5.83 -0.11 18.67
C VAL A 56 -5.51 1.12 19.59
N THR A 57 -6.47 1.53 20.44
CA THR A 57 -6.28 2.64 21.42
C THR A 57 -7.14 2.40 22.71
N GLY A 58 -6.60 2.73 23.90
CA GLY A 58 -7.30 2.51 25.19
C GLY A 58 -6.74 3.34 26.36
N SER A 59 -7.63 3.96 27.15
CA SER A 59 -7.25 4.76 28.35
C SER A 59 -8.31 4.60 29.48
N LEU A 60 -7.86 4.51 30.75
CA LEU A 60 -8.76 4.31 31.93
C LEU A 60 -8.30 5.21 33.12
N LEU A 61 -9.20 6.09 33.60
CA LEU A 61 -8.86 7.17 34.59
C LEU A 61 -9.79 7.06 35.83
N LYS A 62 -9.26 6.60 36.99
CA LYS A 62 -10.06 6.36 38.23
C LYS A 62 -9.98 7.55 39.22
N ARG A 63 -11.15 8.08 39.66
CA ARG A 63 -11.20 9.27 40.56
C ARG A 63 -10.94 8.97 42.06
N ILE A 64 -10.15 9.84 42.72
CA ILE A 64 -9.90 9.78 44.20
C ILE A 64 -10.38 11.13 44.84
N ARG A 65 -11.69 11.26 45.14
CA ARG A 65 -12.28 12.52 45.69
C ARG A 65 -12.68 12.36 47.19
N ASN A 66 -12.22 13.28 48.05
CA ASN A 66 -12.49 13.25 49.52
C ASN A 66 -13.44 14.42 49.97
N GLY A 67 -13.97 14.31 51.21
CA GLY A 67 -14.78 15.41 51.83
C GLY A 67 -14.01 16.28 52.85
N LYS A 68 -14.77 17.06 53.64
CA LYS A 68 -14.22 17.91 54.72
C LYS A 68 -15.18 17.91 55.96
N LYS A 69 -14.63 17.62 57.15
CA LYS A 69 -15.40 17.58 58.43
C LYS A 69 -14.82 18.62 59.44
N ALA A 70 -15.54 19.75 59.61
CA ALA A 70 -15.10 20.86 60.52
C ALA A 70 -16.31 21.55 61.22
N LYS A 71 -16.14 21.92 62.50
CA LYS A 71 -17.15 22.70 63.27
C LYS A 71 -17.11 24.23 62.93
N SER A 72 -18.30 24.82 62.67
CA SER A 72 -18.43 26.25 62.28
C SER A 72 -18.30 27.25 63.46
N MET A 1 -1.14 -10.26 -19.66
CA MET A 1 0.34 -10.09 -19.67
C MET A 1 0.87 -9.52 -18.31
N TYR A 2 2.09 -9.93 -17.93
CA TYR A 2 2.69 -9.61 -16.60
C TYR A 2 4.01 -8.78 -16.73
N LEU A 3 4.33 -8.03 -15.67
CA LEU A 3 5.53 -7.17 -15.55
C LEU A 3 6.57 -7.77 -14.53
N THR A 4 7.87 -7.72 -14.80
CA THR A 4 8.93 -8.29 -13.90
C THR A 4 9.02 -7.60 -12.48
N LEU A 5 9.46 -8.30 -11.42
CA LEU A 5 9.65 -7.73 -10.04
C LEU A 5 10.45 -6.38 -9.98
N GLN A 6 11.65 -6.33 -10.60
CA GLN A 6 12.39 -5.06 -10.83
C GLN A 6 11.66 -3.94 -11.63
N GLU A 7 10.92 -4.29 -12.71
CA GLU A 7 10.02 -3.33 -13.42
C GLU A 7 8.76 -2.85 -12.60
N TRP A 8 8.09 -3.72 -11.81
CA TRP A 8 7.10 -3.29 -10.78
C TRP A 8 7.68 -2.31 -9.69
N ASN A 9 8.88 -2.59 -9.15
CA ASN A 9 9.66 -1.61 -8.33
C ASN A 9 10.03 -0.26 -9.06
N ALA A 10 10.52 -0.30 -10.32
CA ALA A 10 10.67 0.91 -11.18
C ALA A 10 9.38 1.73 -11.52
N ARG A 11 8.19 1.12 -11.58
CA ARG A 11 6.87 1.84 -11.56
C ARG A 11 6.58 2.73 -10.32
N GLN A 12 6.97 2.29 -9.11
CA GLN A 12 6.86 3.10 -7.87
C GLN A 12 7.76 4.38 -7.92
N ARG A 13 7.18 5.55 -7.58
CA ARG A 13 7.88 6.88 -7.74
C ARG A 13 9.31 7.03 -7.09
N ARG A 14 9.53 6.40 -5.92
CA ARG A 14 10.88 6.07 -5.42
C ARG A 14 11.23 4.56 -5.72
N PRO A 15 12.22 4.20 -6.60
CA PRO A 15 12.61 2.79 -6.82
C PRO A 15 13.58 2.26 -5.72
N ARG A 16 13.00 1.71 -4.64
CA ARG A 16 13.77 1.18 -3.48
C ARG A 16 14.61 -0.11 -3.80
N SER A 17 15.45 -0.58 -2.86
CA SER A 17 16.13 -1.89 -2.98
C SER A 17 15.13 -3.09 -3.06
N LEU A 18 15.40 -4.06 -3.97
CA LEU A 18 14.52 -5.26 -4.15
C LEU A 18 14.25 -6.17 -2.89
N GLU A 19 15.18 -6.19 -1.91
CA GLU A 19 14.89 -6.58 -0.50
C GLU A 19 13.62 -5.97 0.19
N THR A 20 13.36 -4.66 0.00
CA THR A 20 12.10 -4.00 0.46
C THR A 20 10.78 -4.58 -0.16
N VAL A 21 10.71 -4.71 -1.50
CA VAL A 21 9.61 -5.45 -2.21
C VAL A 21 9.52 -6.96 -1.81
N ARG A 22 10.65 -7.70 -1.70
CA ARG A 22 10.68 -9.05 -1.07
C ARG A 22 10.11 -9.14 0.41
N ARG A 23 10.44 -8.18 1.28
CA ARG A 23 9.77 -8.00 2.61
C ARG A 23 8.23 -7.67 2.56
N TRP A 24 7.77 -6.85 1.60
CA TRP A 24 6.32 -6.69 1.27
C TRP A 24 5.60 -7.97 0.71
N VAL A 25 6.28 -8.78 -0.15
CA VAL A 25 5.84 -10.18 -0.52
C VAL A 25 5.77 -11.16 0.71
N ARG A 26 6.82 -11.24 1.54
CA ARG A 26 6.77 -11.93 2.87
C ARG A 26 5.72 -11.44 3.92
N GLU A 27 5.31 -10.16 3.91
CA GLU A 27 4.04 -9.71 4.55
C GLU A 27 2.69 -10.08 3.82
N SER A 28 2.72 -10.62 2.57
CA SER A 28 1.52 -10.93 1.74
C SER A 28 0.54 -9.75 1.40
N ARG A 29 1.06 -8.53 1.16
CA ARG A 29 0.22 -7.34 0.85
C ARG A 29 0.06 -6.97 -0.66
N ILE A 30 0.93 -7.42 -1.59
CA ILE A 30 0.80 -7.09 -3.05
C ILE A 30 -0.20 -8.10 -3.70
N PHE A 31 -1.45 -7.63 -3.96
CA PHE A 31 -2.59 -8.53 -4.31
C PHE A 31 -3.27 -8.12 -5.66
N PRO A 32 -3.57 -9.03 -6.65
CA PRO A 32 -3.34 -10.50 -6.56
C PRO A 32 -1.84 -10.96 -6.57
N PRO A 33 -1.45 -12.12 -5.96
CA PRO A 33 -0.02 -12.50 -5.78
C PRO A 33 0.75 -12.87 -7.11
N PRO A 34 2.09 -12.64 -7.24
CA PRO A 34 2.81 -12.86 -8.52
C PRO A 34 3.12 -14.35 -8.89
N VAL A 35 3.28 -14.61 -10.20
CA VAL A 35 3.56 -15.97 -10.75
C VAL A 35 5.11 -16.21 -10.76
N LYS A 36 5.60 -17.30 -10.14
CA LYS A 36 7.06 -17.60 -10.10
C LYS A 36 7.58 -18.24 -11.42
N ASP A 37 8.52 -17.57 -12.10
CA ASP A 37 9.08 -18.04 -13.39
C ASP A 37 10.58 -18.41 -13.21
N GLY A 38 10.85 -19.65 -12.77
CA GLY A 38 12.24 -20.13 -12.51
C GLY A 38 12.93 -19.59 -11.24
N ARG A 39 13.32 -18.31 -11.31
CA ARG A 39 13.82 -17.53 -10.14
C ARG A 39 13.07 -16.16 -9.98
N GLU A 40 12.91 -15.35 -11.05
CA GLU A 40 12.15 -14.08 -11.00
C GLU A 40 10.60 -14.26 -10.95
N TYR A 41 9.93 -13.40 -10.17
CA TYR A 41 8.45 -13.35 -10.11
C TYR A 41 7.85 -12.35 -11.14
N LEU A 42 6.78 -12.78 -11.82
CA LEU A 42 5.97 -11.93 -12.73
C LEU A 42 4.76 -11.30 -11.96
N PHE A 43 4.75 -9.96 -11.85
CA PHE A 43 3.71 -9.16 -11.17
C PHE A 43 2.77 -8.53 -12.23
N HIS A 44 1.46 -8.72 -12.15
CA HIS A 44 0.51 -8.05 -13.09
C HIS A 44 0.39 -6.50 -12.79
N GLU A 45 0.08 -5.68 -13.82
CA GLU A 45 -0.31 -4.25 -13.61
C GLU A 45 -1.54 -4.01 -12.63
N SER A 46 -2.50 -4.95 -12.54
CA SER A 46 -3.49 -4.98 -11.42
C SER A 46 -2.98 -5.42 -9.99
N ALA A 47 -1.78 -6.03 -9.84
CA ALA A 47 -1.22 -6.41 -8.51
C ALA A 47 -0.71 -5.18 -7.69
N VAL A 48 -1.47 -4.80 -6.66
CA VAL A 48 -1.24 -3.52 -5.91
C VAL A 48 -1.01 -3.79 -4.39
N LYS A 49 -0.16 -2.95 -3.76
CA LYS A 49 0.18 -3.06 -2.31
C LYS A 49 -0.98 -2.57 -1.38
N VAL A 50 -1.69 -3.52 -0.73
CA VAL A 50 -2.96 -3.24 -0.01
C VAL A 50 -2.75 -2.39 1.30
N ASP A 51 -3.48 -1.27 1.43
CA ASP A 51 -3.20 -0.27 2.50
C ASP A 51 -3.98 -0.58 3.83
N LEU A 52 -3.67 -1.72 4.47
CA LEU A 52 -4.39 -2.22 5.67
C LEU A 52 -3.45 -2.20 6.91
N ASN A 53 -3.21 -0.99 7.43
CA ASN A 53 -2.28 -0.73 8.57
C ASN A 53 -2.52 0.72 9.13
N ARG A 54 -2.33 0.93 10.44
CA ARG A 54 -2.51 2.29 11.06
C ARG A 54 -1.43 3.34 10.61
N PRO A 55 -1.77 4.61 10.19
CA PRO A 55 -0.75 5.59 9.74
C PRO A 55 0.18 6.16 10.86
N VAL A 56 1.22 6.92 10.48
CA VAL A 56 2.17 7.56 11.44
C VAL A 56 1.48 8.60 12.39
N THR A 57 1.86 8.60 13.68
CA THR A 57 1.23 9.47 14.71
C THR A 57 1.73 10.94 14.58
N GLY A 58 0.94 11.78 13.89
CA GLY A 58 1.32 13.20 13.60
C GLY A 58 1.37 14.16 14.81
N SER A 59 2.13 15.25 14.65
CA SER A 59 2.41 16.21 15.75
C SER A 59 1.19 17.11 16.10
N LEU A 60 0.61 16.92 17.30
CA LEU A 60 -0.56 17.71 17.78
C LEU A 60 -0.16 19.16 18.22
N LEU A 61 -0.75 20.18 17.57
CA LEU A 61 -0.49 21.61 17.90
C LEU A 61 -1.38 22.11 19.09
N LYS A 62 -0.75 22.81 20.05
CA LYS A 62 -1.47 23.45 21.18
C LYS A 62 -2.34 24.70 20.78
N ARG A 63 -3.48 24.91 21.48
CA ARG A 63 -4.34 26.10 21.28
C ARG A 63 -4.37 27.05 22.53
N ILE A 64 -4.70 28.34 22.26
CA ILE A 64 -4.84 29.39 23.31
C ILE A 64 -6.21 29.19 24.06
N ARG A 65 -6.15 29.04 25.40
CA ARG A 65 -7.38 28.93 26.25
C ARG A 65 -7.74 30.31 26.89
N ASN A 66 -8.88 30.89 26.47
CA ASN A 66 -9.43 32.15 27.08
C ASN A 66 -10.21 31.87 28.41
N GLY A 67 -10.09 32.79 29.39
CA GLY A 67 -10.92 32.77 30.62
C GLY A 67 -12.18 33.66 30.60
N LYS A 68 -12.98 33.57 31.67
CA LYS A 68 -14.23 34.37 31.85
C LYS A 68 -14.48 34.80 33.32
N LYS A 69 -15.35 35.80 33.52
CA LYS A 69 -15.72 36.33 34.86
C LYS A 69 -17.15 36.96 34.79
N ALA A 70 -18.09 36.40 35.55
CA ALA A 70 -19.46 37.00 35.72
C ALA A 70 -19.53 38.10 36.82
N LYS A 71 -20.55 38.97 36.75
CA LYS A 71 -20.73 40.10 37.73
C LYS A 71 -21.30 39.61 39.09
N SER A 72 -20.66 40.03 40.20
CA SER A 72 -21.07 39.63 41.58
C SER A 72 -22.26 40.46 42.13
N MET A 1 0.17 -6.82 -19.35
CA MET A 1 0.14 -8.24 -18.90
C MET A 1 0.99 -8.41 -17.61
N TYR A 2 2.29 -8.73 -17.73
CA TYR A 2 3.17 -9.12 -16.58
C TYR A 2 4.58 -8.46 -16.73
N LEU A 3 5.14 -8.01 -15.60
CA LEU A 3 6.54 -7.51 -15.53
C LEU A 3 7.33 -8.09 -14.30
N THR A 4 8.68 -8.01 -14.34
CA THR A 4 9.56 -8.52 -13.23
C THR A 4 9.41 -7.69 -11.90
N LEU A 5 9.70 -8.30 -10.74
CA LEU A 5 9.79 -7.59 -9.41
C LEU A 5 10.62 -6.25 -9.39
N GLN A 6 11.84 -6.26 -9.98
CA GLN A 6 12.62 -5.03 -10.27
C GLN A 6 11.89 -3.94 -11.12
N GLU A 7 11.31 -4.34 -12.27
CA GLU A 7 10.48 -3.42 -13.10
C GLU A 7 9.13 -2.97 -12.45
N TRP A 8 8.46 -3.77 -11.59
CA TRP A 8 7.36 -3.30 -10.70
C TRP A 8 7.79 -2.19 -9.67
N ASN A 9 8.94 -2.33 -8.97
CA ASN A 9 9.54 -1.22 -8.19
C ASN A 9 9.95 0.04 -9.03
N ALA A 10 10.68 -0.11 -10.16
CA ALA A 10 10.96 1.00 -11.11
C ALA A 10 9.75 1.66 -11.86
N ARG A 11 8.60 0.98 -12.03
CA ARG A 11 7.32 1.61 -12.47
C ARG A 11 6.59 2.53 -11.43
N GLN A 12 6.89 2.43 -10.13
CA GLN A 12 6.44 3.41 -9.11
C GLN A 12 7.17 4.79 -9.26
N ARG A 13 6.45 5.90 -9.03
CA ARG A 13 7.03 7.29 -8.96
C ARG A 13 8.43 7.51 -8.29
N ARG A 14 8.69 6.82 -7.18
CA ARG A 14 10.00 6.85 -6.47
C ARG A 14 10.38 5.39 -6.06
N PRO A 15 11.36 4.67 -6.68
CA PRO A 15 11.68 3.26 -6.32
C PRO A 15 12.44 3.15 -4.96
N ARG A 16 11.81 2.52 -3.95
CA ARG A 16 12.42 2.38 -2.59
C ARG A 16 13.60 1.35 -2.59
N SER A 17 13.32 0.03 -2.59
CA SER A 17 14.36 -1.02 -2.74
C SER A 17 13.71 -2.40 -3.05
N LEU A 18 14.45 -3.27 -3.76
CA LEU A 18 14.13 -4.72 -3.84
C LEU A 18 14.11 -5.49 -2.47
N GLU A 19 14.93 -5.10 -1.48
CA GLU A 19 14.78 -5.53 -0.05
C GLU A 19 13.41 -5.14 0.63
N THR A 20 12.92 -3.89 0.45
CA THR A 20 11.54 -3.46 0.84
C THR A 20 10.39 -4.27 0.14
N VAL A 21 10.45 -4.43 -1.19
CA VAL A 21 9.51 -5.33 -1.96
C VAL A 21 9.62 -6.85 -1.55
N ARG A 22 10.83 -7.40 -1.34
CA ARG A 22 11.03 -8.73 -0.68
C ARG A 22 10.39 -8.87 0.76
N ARG A 23 10.53 -7.87 1.66
CA ARG A 23 9.71 -7.78 2.90
C ARG A 23 8.16 -7.68 2.70
N TRP A 24 7.65 -6.92 1.71
CA TRP A 24 6.23 -6.97 1.28
C TRP A 24 5.74 -8.37 0.78
N VAL A 25 6.52 -9.09 -0.05
CA VAL A 25 6.24 -10.52 -0.41
C VAL A 25 6.32 -11.49 0.83
N ARG A 26 7.40 -11.45 1.63
CA ARG A 26 7.52 -12.19 2.93
C ARG A 26 6.40 -11.99 3.99
N GLU A 27 5.85 -10.77 4.18
CA GLU A 27 4.60 -10.57 4.98
C GLU A 27 3.24 -10.75 4.20
N SER A 28 3.22 -11.28 2.95
CA SER A 28 2.00 -11.33 2.08
C SER A 28 1.21 -9.99 1.88
N ARG A 29 1.93 -8.89 1.63
CA ARG A 29 1.35 -7.54 1.38
C ARG A 29 1.45 -7.08 -0.11
N ILE A 30 1.16 -7.98 -1.07
CA ILE A 30 1.07 -7.68 -2.54
C ILE A 30 -0.22 -8.41 -3.04
N PHE A 31 -1.18 -7.70 -3.67
CA PHE A 31 -2.40 -8.36 -4.23
C PHE A 31 -2.83 -7.80 -5.65
N PRO A 32 -3.21 -8.63 -6.68
CA PRO A 32 -3.13 -10.13 -6.64
C PRO A 32 -1.68 -10.73 -6.66
N PRO A 33 -1.41 -11.96 -6.13
CA PRO A 33 -0.02 -12.48 -6.00
C PRO A 33 0.74 -12.78 -7.35
N PRO A 34 2.08 -12.59 -7.46
CA PRO A 34 2.82 -12.80 -8.74
C PRO A 34 2.96 -14.27 -9.22
N VAL A 35 2.97 -14.47 -10.54
CA VAL A 35 3.07 -15.83 -11.16
C VAL A 35 4.56 -16.29 -11.14
N LYS A 36 4.88 -17.31 -10.34
CA LYS A 36 6.25 -17.90 -10.27
C LYS A 36 6.54 -18.78 -11.52
N ASP A 37 7.48 -18.34 -12.38
CA ASP A 37 7.74 -19.00 -13.69
C ASP A 37 9.24 -19.45 -13.76
N GLY A 38 9.50 -20.73 -13.41
CA GLY A 38 10.89 -21.27 -13.32
C GLY A 38 11.67 -20.79 -12.07
N ARG A 39 12.37 -19.66 -12.20
CA ARG A 39 12.92 -18.90 -11.04
C ARG A 39 12.75 -17.35 -11.17
N GLU A 40 11.57 -16.86 -11.59
CA GLU A 40 11.28 -15.40 -11.71
C GLU A 40 9.79 -15.14 -11.34
N TYR A 41 9.54 -14.18 -10.44
CA TYR A 41 8.17 -13.72 -10.13
C TYR A 41 7.65 -12.70 -11.19
N LEU A 42 6.59 -13.09 -11.91
CA LEU A 42 5.88 -12.22 -12.87
C LEU A 42 4.74 -11.45 -12.13
N PHE A 43 5.00 -10.19 -11.77
CA PHE A 43 3.99 -9.27 -11.19
C PHE A 43 3.02 -8.79 -12.30
N HIS A 44 1.70 -8.90 -12.09
CA HIS A 44 0.71 -8.33 -13.03
C HIS A 44 0.79 -6.76 -13.05
N GLU A 45 0.77 -6.16 -14.25
CA GLU A 45 0.98 -4.68 -14.42
C GLU A 45 -0.29 -3.84 -14.03
N SER A 46 -0.50 -3.79 -12.70
CA SER A 46 -1.79 -3.47 -12.01
C SER A 46 -1.79 -3.90 -10.49
N ALA A 47 -0.95 -4.88 -10.03
CA ALA A 47 -0.87 -5.30 -8.61
C ALA A 47 -0.43 -4.19 -7.59
N VAL A 48 -1.09 -4.15 -6.43
CA VAL A 48 -0.90 -3.07 -5.42
C VAL A 48 -0.48 -3.67 -4.03
N LYS A 49 0.23 -2.86 -3.21
CA LYS A 49 0.71 -3.31 -1.87
C LYS A 49 -0.40 -3.25 -0.75
N VAL A 50 -0.97 -4.42 -0.40
CA VAL A 50 -2.12 -4.51 0.54
C VAL A 50 -1.64 -4.48 2.03
N ASP A 51 -2.04 -3.44 2.80
CA ASP A 51 -1.50 -3.20 4.16
C ASP A 51 -2.60 -2.80 5.18
N LEU A 52 -2.57 -3.36 6.41
CA LEU A 52 -3.51 -2.98 7.50
C LEU A 52 -3.00 -1.70 8.25
N ASN A 53 -3.53 -0.53 7.86
CA ASN A 53 -3.20 0.77 8.49
C ASN A 53 -4.42 1.73 8.33
N ARG A 54 -5.01 2.20 9.44
CA ARG A 54 -6.18 3.13 9.40
C ARG A 54 -5.87 4.46 10.18
N PRO A 55 -5.91 5.69 9.58
CA PRO A 55 -5.58 6.94 10.32
C PRO A 55 -6.69 7.40 11.32
N VAL A 56 -6.35 7.43 12.63
CA VAL A 56 -7.30 7.86 13.70
C VAL A 56 -6.51 8.49 14.89
N THR A 57 -6.94 9.68 15.37
CA THR A 57 -6.32 10.38 16.54
C THR A 57 -7.21 10.31 17.83
N GLY A 58 -6.59 10.52 19.00
CA GLY A 58 -7.31 10.63 20.29
C GLY A 58 -7.95 12.02 20.58
N SER A 59 -9.07 12.00 21.32
CA SER A 59 -9.81 13.25 21.69
C SER A 59 -9.76 13.51 23.23
N LEU A 60 -9.28 14.71 23.64
CA LEU A 60 -9.13 15.08 25.07
C LEU A 60 -10.14 16.21 25.47
N LEU A 61 -10.88 16.02 26.58
CA LEU A 61 -11.87 17.01 27.09
C LEU A 61 -11.43 17.59 28.47
N LYS A 62 -11.27 18.92 28.57
CA LYS A 62 -10.96 19.61 29.86
C LYS A 62 -11.87 20.87 30.04
N ARG A 63 -12.56 20.96 31.20
CA ARG A 63 -13.36 22.17 31.59
C ARG A 63 -13.07 22.51 33.09
N ILE A 64 -12.74 23.78 33.37
CA ILE A 64 -12.64 24.32 34.77
C ILE A 64 -13.72 25.44 35.01
N ARG A 65 -14.44 25.37 36.14
CA ARG A 65 -15.44 26.40 36.53
C ARG A 65 -15.49 26.59 38.09
N ASN A 66 -15.58 27.85 38.54
CA ASN A 66 -15.72 28.21 39.98
C ASN A 66 -17.02 29.02 40.29
N GLY A 67 -17.36 29.14 41.58
CA GLY A 67 -18.45 30.04 42.07
C GLY A 67 -18.14 30.72 43.43
N LYS A 68 -19.05 31.59 43.87
CA LYS A 68 -18.88 32.37 45.14
C LYS A 68 -20.21 32.41 45.96
N LYS A 69 -20.13 32.08 47.27
CA LYS A 69 -21.31 32.05 48.17
C LYS A 69 -21.67 33.46 48.76
N ALA A 70 -22.92 33.91 48.54
CA ALA A 70 -23.43 35.17 49.12
C ALA A 70 -24.52 34.88 50.20
N LYS A 71 -24.22 35.14 51.48
CA LYS A 71 -25.18 34.98 52.61
C LYS A 71 -26.35 36.03 52.58
N SER A 72 -26.06 37.35 52.68
CA SER A 72 -27.07 38.44 52.51
C SER A 72 -26.34 39.77 52.28
N MET A 1 -0.50 -7.47 -17.86
CA MET A 1 0.41 -8.09 -18.87
C MET A 1 1.54 -9.03 -18.33
N TYR A 2 1.80 -9.07 -17.01
CA TYR A 2 2.88 -9.87 -16.36
C TYR A 2 4.30 -9.26 -16.58
N LEU A 3 4.64 -8.20 -15.80
CA LEU A 3 6.00 -7.59 -15.84
C LEU A 3 6.95 -8.16 -14.73
N THR A 4 8.26 -8.10 -15.01
CA THR A 4 9.33 -8.56 -14.06
C THR A 4 9.37 -7.76 -12.70
N LEU A 5 9.84 -8.37 -11.60
CA LEU A 5 9.97 -7.69 -10.26
C LEU A 5 10.74 -6.32 -10.27
N GLN A 6 11.93 -6.27 -10.90
CA GLN A 6 12.65 -4.99 -11.15
C GLN A 6 11.91 -3.96 -12.08
N GLU A 7 11.21 -4.40 -13.14
CA GLU A 7 10.25 -3.52 -13.89
C GLU A 7 8.98 -3.08 -13.08
N TRP A 8 8.39 -3.94 -12.22
CA TRP A 8 7.40 -3.54 -11.18
C TRP A 8 7.95 -2.44 -10.21
N ASN A 9 9.10 -2.66 -9.55
CA ASN A 9 9.80 -1.62 -8.73
C ASN A 9 10.18 -0.30 -9.49
N ALA A 10 10.71 -0.37 -10.73
CA ALA A 10 10.86 0.81 -11.63
C ALA A 10 9.57 1.64 -11.96
N ARG A 11 8.41 1.00 -12.23
CA ARG A 11 7.10 1.72 -12.27
C ARG A 11 6.50 2.23 -10.92
N GLN A 12 6.94 1.74 -9.73
CA GLN A 12 6.43 2.22 -8.41
C GLN A 12 6.82 3.70 -8.10
N ARG A 13 5.98 4.36 -7.26
CA ARG A 13 6.13 5.80 -6.88
C ARG A 13 7.52 6.27 -6.32
N ARG A 14 8.23 5.41 -5.56
CA ARG A 14 9.67 5.61 -5.27
C ARG A 14 10.42 4.25 -5.47
N PRO A 15 11.31 4.02 -6.49
CA PRO A 15 12.03 2.72 -6.66
C PRO A 15 13.13 2.49 -5.57
N ARG A 16 12.85 1.59 -4.62
CA ARG A 16 13.75 1.33 -3.45
C ARG A 16 14.49 -0.06 -3.54
N SER A 17 15.13 -0.51 -2.43
CA SER A 17 15.85 -1.80 -2.40
C SER A 17 14.91 -3.05 -2.55
N LEU A 18 15.26 -3.96 -3.47
CA LEU A 18 14.43 -5.17 -3.82
C LEU A 18 14.07 -6.14 -2.63
N GLU A 19 14.96 -6.28 -1.63
CA GLU A 19 14.63 -6.78 -0.26
C GLU A 19 13.33 -6.22 0.46
N THR A 20 13.04 -4.90 0.36
CA THR A 20 11.78 -4.27 0.88
C THR A 20 10.49 -4.76 0.13
N VAL A 21 10.52 -4.84 -1.21
CA VAL A 21 9.49 -5.56 -2.03
C VAL A 21 9.32 -7.07 -1.63
N ARG A 22 10.40 -7.85 -1.45
CA ARG A 22 10.35 -9.20 -0.81
C ARG A 22 9.70 -9.26 0.63
N ARG A 23 10.05 -8.35 1.56
CA ARG A 23 9.32 -8.23 2.88
C ARG A 23 7.81 -7.83 2.76
N TRP A 24 7.43 -6.91 1.84
CA TRP A 24 6.00 -6.71 1.43
C TRP A 24 5.26 -7.98 0.88
N VAL A 25 5.91 -8.82 0.03
CA VAL A 25 5.38 -10.18 -0.34
C VAL A 25 5.29 -11.17 0.88
N ARG A 26 6.34 -11.32 1.72
CA ARG A 26 6.24 -12.05 3.03
C ARG A 26 5.11 -11.59 4.00
N GLU A 27 4.89 -10.28 4.19
CA GLU A 27 3.72 -9.73 4.95
C GLU A 27 2.33 -9.73 4.21
N SER A 28 2.17 -10.42 3.05
CA SER A 28 0.92 -10.40 2.22
C SER A 28 0.35 -8.99 1.82
N ARG A 29 1.23 -8.06 1.43
CA ARG A 29 0.84 -6.69 1.01
C ARG A 29 0.54 -6.55 -0.50
N ILE A 30 1.40 -7.05 -1.42
CA ILE A 30 1.23 -6.82 -2.88
C ILE A 30 0.16 -7.81 -3.46
N PHE A 31 -1.07 -7.29 -3.67
CA PHE A 31 -2.24 -8.10 -4.03
C PHE A 31 -2.79 -7.71 -5.46
N PRO A 32 -3.11 -8.65 -6.41
CA PRO A 32 -2.94 -10.12 -6.23
C PRO A 32 -1.45 -10.64 -6.23
N PRO A 33 -1.09 -11.78 -5.58
CA PRO A 33 0.33 -12.22 -5.45
C PRO A 33 1.04 -12.64 -6.79
N PRO A 34 2.36 -12.42 -7.00
CA PRO A 34 3.02 -12.68 -8.30
C PRO A 34 3.33 -14.18 -8.62
N VAL A 35 3.38 -14.51 -9.92
CA VAL A 35 3.62 -15.91 -10.40
C VAL A 35 5.16 -16.16 -10.51
N LYS A 36 5.70 -17.10 -9.69
CA LYS A 36 7.12 -17.54 -9.83
C LYS A 36 7.30 -18.49 -11.06
N ASP A 37 7.99 -18.03 -12.12
CA ASP A 37 8.30 -18.87 -13.31
C ASP A 37 9.57 -19.76 -13.07
N GLY A 38 10.75 -19.14 -12.92
CA GLY A 38 12.01 -19.83 -12.51
C GLY A 38 13.29 -18.97 -12.67
N ARG A 39 13.24 -17.70 -12.24
CA ARG A 39 14.32 -16.69 -12.47
C ARG A 39 13.91 -15.34 -11.80
N GLU A 40 12.82 -14.70 -12.28
CA GLU A 40 12.24 -13.48 -11.65
C GLU A 40 10.68 -13.62 -11.62
N TYR A 41 10.05 -13.04 -10.59
CA TYR A 41 8.58 -13.13 -10.38
C TYR A 41 7.76 -12.29 -11.42
N LEU A 42 6.70 -12.90 -11.96
CA LEU A 42 5.78 -12.26 -12.93
C LEU A 42 4.63 -11.54 -12.15
N PHE A 43 4.77 -10.22 -11.99
CA PHE A 43 3.74 -9.35 -11.35
C PHE A 43 2.74 -8.88 -12.43
N HIS A 44 1.43 -9.12 -12.25
CA HIS A 44 0.40 -8.58 -13.19
C HIS A 44 0.32 -7.01 -13.13
N GLU A 45 0.03 -6.33 -14.27
CA GLU A 45 -0.12 -4.84 -14.30
C GLU A 45 -1.47 -4.36 -13.67
N SER A 46 -1.49 -4.44 -12.33
CA SER A 46 -2.69 -4.41 -11.45
C SER A 46 -2.32 -4.75 -9.97
N ALA A 47 -1.32 -5.62 -9.69
CA ALA A 47 -0.84 -5.94 -8.33
C ALA A 47 -0.22 -4.72 -7.58
N VAL A 48 -0.80 -4.36 -6.43
CA VAL A 48 -0.43 -3.13 -5.67
C VAL A 48 -0.26 -3.47 -4.15
N LYS A 49 0.70 -2.80 -3.48
CA LYS A 49 0.87 -2.93 -2.00
C LYS A 49 -0.34 -2.35 -1.19
N VAL A 50 -0.99 -3.17 -0.35
CA VAL A 50 -2.14 -2.71 0.50
C VAL A 50 -1.63 -1.87 1.72
N ASP A 51 -1.26 -0.62 1.45
CA ASP A 51 -0.66 0.30 2.44
C ASP A 51 -1.77 0.88 3.37
N LEU A 52 -1.80 0.42 4.63
CA LEU A 52 -2.88 0.78 5.60
C LEU A 52 -2.81 2.29 6.01
N ASN A 53 -3.72 3.08 5.40
CA ASN A 53 -3.70 4.56 5.49
C ASN A 53 -5.18 5.07 5.41
N ARG A 54 -5.58 5.94 6.35
CA ARG A 54 -6.93 6.56 6.37
C ARG A 54 -6.79 8.11 6.64
N PRO A 55 -7.30 9.07 5.81
CA PRO A 55 -7.26 10.51 6.14
C PRO A 55 -8.22 10.92 7.32
N VAL A 56 -7.91 12.07 7.97
CA VAL A 56 -8.64 12.52 9.19
C VAL A 56 -10.12 12.96 8.91
N THR A 57 -11.07 12.41 9.68
CA THR A 57 -12.53 12.61 9.44
C THR A 57 -13.29 12.91 10.78
N GLY A 58 -14.19 13.91 10.78
CA GLY A 58 -14.91 14.33 12.01
C GLY A 58 -15.74 15.63 11.82
N SER A 59 -17.07 15.55 12.01
CA SER A 59 -17.98 16.71 11.85
C SER A 59 -18.26 17.43 13.21
N LEU A 60 -17.85 18.70 13.35
CA LEU A 60 -18.11 19.52 14.57
C LEU A 60 -19.31 20.50 14.35
N LEU A 61 -20.30 20.43 15.23
CA LEU A 61 -21.42 21.42 15.30
C LEU A 61 -21.14 22.57 16.31
N LYS A 62 -21.26 23.84 15.86
CA LYS A 62 -21.09 25.03 16.74
C LYS A 62 -22.48 25.71 17.07
N ARG A 63 -22.68 26.10 18.35
CA ARG A 63 -23.87 26.87 18.78
C ARG A 63 -23.46 27.97 19.80
N ILE A 64 -23.79 29.25 19.52
CA ILE A 64 -23.56 30.39 20.45
C ILE A 64 -24.86 31.27 20.54
N ARG A 65 -25.38 31.53 21.76
CA ARG A 65 -26.65 32.29 21.94
C ARG A 65 -26.63 33.03 23.32
N ASN A 66 -26.33 34.34 23.32
CA ASN A 66 -26.39 35.19 24.54
C ASN A 66 -27.72 36.01 24.62
N GLY A 67 -28.18 36.29 25.86
CA GLY A 67 -29.40 37.10 26.11
C GLY A 67 -29.22 38.11 27.27
N LYS A 68 -29.65 39.37 27.06
CA LYS A 68 -29.49 40.46 28.07
C LYS A 68 -30.81 41.26 28.28
N LYS A 69 -31.04 41.70 29.54
CA LYS A 69 -32.26 42.46 29.93
C LYS A 69 -31.90 43.39 31.13
N ALA A 70 -32.25 44.69 31.03
CA ALA A 70 -32.14 45.66 32.15
C ALA A 70 -33.49 46.42 32.37
N LYS A 71 -33.69 47.00 33.57
CA LYS A 71 -34.90 47.83 33.87
C LYS A 71 -34.81 49.26 33.21
N SER A 72 -35.92 49.72 32.61
CA SER A 72 -36.01 51.07 31.99
C SER A 72 -36.01 52.24 33.02
#